data_5K07
# 
_entry.id   5K07 
# 
_audit_conform.dict_name       mmcif_pdbx.dic 
_audit_conform.dict_version    5.380 
_audit_conform.dict_location   http://mmcif.pdb.org/dictionaries/ascii/mmcif_pdbx.dic 
# 
loop_
_database_2.database_id 
_database_2.database_code 
_database_2.pdbx_database_accession 
_database_2.pdbx_DOI 
PDB   5K07         pdb_00005k07 10.2210/pdb5k07/pdb 
WWPDB D_1000221520 ?            ?                   
# 
_pdbx_database_related.content_type   unspecified 
_pdbx_database_related.db_id          5K17 
_pdbx_database_related.db_name        PDB 
_pdbx_database_related.details        . 
# 
_pdbx_database_status.status_code                     REL 
_pdbx_database_status.status_code_sf                  REL 
_pdbx_database_status.status_code_mr                  ? 
_pdbx_database_status.entry_id                        5K07 
_pdbx_database_status.recvd_initial_deposition_date   2016-05-17 
_pdbx_database_status.SG_entry                        N 
_pdbx_database_status.deposit_site                    RCSB 
_pdbx_database_status.process_site                    PDBJ 
_pdbx_database_status.status_code_cs                  ? 
_pdbx_database_status.methods_development_category    ? 
_pdbx_database_status.pdb_format_compatible           Y 
_pdbx_database_status.status_code_nmr_data            ? 
# 
loop_
_audit_author.name 
_audit_author.pdbx_ordinal 
'Zhang, Z.F.' 1 
'Gong, Y.'    2 
# 
_citation.abstract                  ? 
_citation.abstract_id_CAS           ? 
_citation.book_id_ISBN              ? 
_citation.book_publisher            ? 
_citation.book_publisher_city       ? 
_citation.book_title                ? 
_citation.coordinate_linkage        ? 
_citation.country                   US 
_citation.database_id_Medline       ? 
_citation.details                   ? 
_citation.id                        primary 
_citation.journal_abbrev            'PLoS ONE' 
_citation.journal_id_ASTM           ? 
_citation.journal_id_CSD            ? 
_citation.journal_id_ISSN           1932-6203 
_citation.journal_full              ? 
_citation.journal_issue             ? 
_citation.journal_volume            11 
_citation.language                  ? 
_citation.page_first                e0163361 
_citation.page_last                 e0163361 
_citation.title                     
'Sequence-Dependent T:G Base Pair Opening in DNA Double Helix Bound by Cren7, a Chromatin Protein Conserved among Crenarchaea' 
_citation.year                      2016 
_citation.database_id_CSD           ? 
_citation.pdbx_database_id_DOI      10.1371/journal.pone.0163361 
_citation.pdbx_database_id_PubMed   27685992 
_citation.unpublished_flag          ? 
# 
loop_
_citation_author.citation_id 
_citation_author.name 
_citation_author.ordinal 
_citation_author.identifier_ORCID 
primary 'Tian, L.'    1 ? 
primary 'Zhang, Z.F.' 2 ? 
primary 'Wang, H.'    3 ? 
primary 'Zhao, M.'    4 ? 
primary 'Dong, Y.'    5 ? 
primary 'Gong, Y.'    6 ? 
# 
_cell.angle_alpha                  90.00 
_cell.angle_alpha_esd              ? 
_cell.angle_beta                   90.00 
_cell.angle_beta_esd               ? 
_cell.angle_gamma                  90.00 
_cell.angle_gamma_esd              ? 
_cell.entry_id                     5K07 
_cell.details                      ? 
_cell.formula_units_Z              ? 
_cell.length_a                     51.795 
_cell.length_a_esd                 ? 
_cell.length_b                     52.867 
_cell.length_b_esd                 ? 
_cell.length_c                     90.689 
_cell.length_c_esd                 ? 
_cell.volume                       ? 
_cell.volume_esd                   ? 
_cell.Z_PDB                        16 
_cell.reciprocal_angle_alpha       ? 
_cell.reciprocal_angle_beta        ? 
_cell.reciprocal_angle_gamma       ? 
_cell.reciprocal_angle_alpha_esd   ? 
_cell.reciprocal_angle_beta_esd    ? 
_cell.reciprocal_angle_gamma_esd   ? 
_cell.reciprocal_length_a          ? 
_cell.reciprocal_length_b          ? 
_cell.reciprocal_length_c          ? 
_cell.reciprocal_length_a_esd      ? 
_cell.reciprocal_length_b_esd      ? 
_cell.reciprocal_length_c_esd      ? 
_cell.pdbx_unique_axis             ? 
# 
_symmetry.entry_id                         5K07 
_symmetry.cell_setting                     ? 
_symmetry.Int_Tables_number                20 
_symmetry.space_group_name_Hall            ? 
_symmetry.space_group_name_H-M             'C 2 2 21' 
_symmetry.pdbx_full_space_group_name_H-M   ? 
# 
loop_
_entity.id 
_entity.type 
_entity.src_method 
_entity.pdbx_description 
_entity.formula_weight 
_entity.pdbx_number_of_molecules 
_entity.pdbx_ec 
_entity.pdbx_mutation 
_entity.pdbx_fragment 
_entity.details 
1 polymer man 'Chromatin protein Cren7'                6677.914 1  ? ? ? ? 
2 polymer syn 
;DNA (5'-D(*GP*TP*AP*AP*TP*TP*GP*C)-3')
;
2441.628 2  ? ? ? ? 
3 water   nat water                                    18.015   97 ? ? ? ? 
# 
loop_
_entity_poly.entity_id 
_entity_poly.type 
_entity_poly.nstd_linkage 
_entity_poly.nstd_monomer 
_entity_poly.pdbx_seq_one_letter_code 
_entity_poly.pdbx_seq_one_letter_code_can 
_entity_poly.pdbx_strand_id 
_entity_poly.pdbx_target_identifier 
1 'polypeptide(L)'        no no MSSGKKPVKVKTPAGKEAELVPEKVWALAPKGRKGVKIGLFKDPETGKYFRHKLPDDYPI 
MSSGKKPVKVKTPAGKEAELVPEKVWALAPKGRKGVKIGLFKDPETGKYFRHKLPDDYPI A   ? 
2 polydeoxyribonucleotide no no '(DG)(DT)(DA)(DA)(DT)(DT)(DG)(DC)'                           GTAATTGC B,C ? 
# 
loop_
_entity_poly_seq.entity_id 
_entity_poly_seq.num 
_entity_poly_seq.mon_id 
_entity_poly_seq.hetero 
1 1  MET n 
1 2  SER n 
1 3  SER n 
1 4  GLY n 
1 5  LYS n 
1 6  LYS n 
1 7  PRO n 
1 8  VAL n 
1 9  LYS n 
1 10 VAL n 
1 11 LYS n 
1 12 THR n 
1 13 PRO n 
1 14 ALA n 
1 15 GLY n 
1 16 LYS n 
1 17 GLU n 
1 18 ALA n 
1 19 GLU n 
1 20 LEU n 
1 21 VAL n 
1 22 PRO n 
1 23 GLU n 
1 24 LYS n 
1 25 VAL n 
1 26 TRP n 
1 27 ALA n 
1 28 LEU n 
1 29 ALA n 
1 30 PRO n 
1 31 LYS n 
1 32 GLY n 
1 33 ARG n 
1 34 LYS n 
1 35 GLY n 
1 36 VAL n 
1 37 LYS n 
1 38 ILE n 
1 39 GLY n 
1 40 LEU n 
1 41 PHE n 
1 42 LYS n 
1 43 ASP n 
1 44 PRO n 
1 45 GLU n 
1 46 THR n 
1 47 GLY n 
1 48 LYS n 
1 49 TYR n 
1 50 PHE n 
1 51 ARG n 
1 52 HIS n 
1 53 LYS n 
1 54 LEU n 
1 55 PRO n 
1 56 ASP n 
1 57 ASP n 
1 58 TYR n 
1 59 PRO n 
1 60 ILE n 
2 1  DG  n 
2 2  DT  n 
2 3  DA  n 
2 4  DA  n 
2 5  DT  n 
2 6  DT  n 
2 7  DG  n 
2 8  DC  n 
# 
_entity_src_gen.entity_id                          1 
_entity_src_gen.pdbx_src_id                        1 
_entity_src_gen.pdbx_alt_source_flag               sample 
_entity_src_gen.pdbx_seq_type                      'Biological sequence' 
_entity_src_gen.pdbx_beg_seq_num                   1 
_entity_src_gen.pdbx_end_seq_num                   60 
_entity_src_gen.gene_src_common_name               ? 
_entity_src_gen.gene_src_genus                     ? 
_entity_src_gen.pdbx_gene_src_gene                 creN7 
_entity_src_gen.gene_src_species                   ? 
_entity_src_gen.gene_src_strain                    P2 
_entity_src_gen.gene_src_tissue                    ? 
_entity_src_gen.gene_src_tissue_fraction           ? 
_entity_src_gen.gene_src_details                   ? 
_entity_src_gen.pdbx_gene_src_fragment             ? 
_entity_src_gen.pdbx_gene_src_scientific_name      'Sulfolobus solfataricus P2' 
_entity_src_gen.pdbx_gene_src_ncbi_taxonomy_id     273057 
_entity_src_gen.pdbx_gene_src_variant              ? 
_entity_src_gen.pdbx_gene_src_cell_line            ? 
_entity_src_gen.pdbx_gene_src_atcc                 ? 
_entity_src_gen.pdbx_gene_src_organ                ? 
_entity_src_gen.pdbx_gene_src_organelle            ? 
_entity_src_gen.pdbx_gene_src_cell                 ? 
_entity_src_gen.pdbx_gene_src_cellular_location    ? 
_entity_src_gen.host_org_common_name               ? 
_entity_src_gen.pdbx_host_org_scientific_name      'Escherichia coli' 
_entity_src_gen.pdbx_host_org_ncbi_taxonomy_id     562 
_entity_src_gen.host_org_genus                     ? 
_entity_src_gen.pdbx_host_org_gene                 ? 
_entity_src_gen.pdbx_host_org_organ                ? 
_entity_src_gen.host_org_species                   ? 
_entity_src_gen.pdbx_host_org_tissue               ? 
_entity_src_gen.pdbx_host_org_tissue_fraction      ? 
_entity_src_gen.pdbx_host_org_strain               ? 
_entity_src_gen.pdbx_host_org_variant              ? 
_entity_src_gen.pdbx_host_org_cell_line            ? 
_entity_src_gen.pdbx_host_org_atcc                 ? 
_entity_src_gen.pdbx_host_org_culture_collection   ? 
_entity_src_gen.pdbx_host_org_cell                 ? 
_entity_src_gen.pdbx_host_org_organelle            ? 
_entity_src_gen.pdbx_host_org_cellular_location    ? 
_entity_src_gen.pdbx_host_org_vector_type          ? 
_entity_src_gen.pdbx_host_org_vector               ? 
_entity_src_gen.host_org_details                   ? 
_entity_src_gen.expression_system_id               ? 
_entity_src_gen.plasmid_name                       ? 
_entity_src_gen.plasmid_details                    ? 
_entity_src_gen.pdbx_description                   ? 
# 
_pdbx_entity_src_syn.entity_id              2 
_pdbx_entity_src_syn.pdbx_src_id            1 
_pdbx_entity_src_syn.pdbx_alt_source_flag   sample 
_pdbx_entity_src_syn.pdbx_beg_seq_num       1 
_pdbx_entity_src_syn.pdbx_end_seq_num       8 
_pdbx_entity_src_syn.organism_scientific    'synthetic construct' 
_pdbx_entity_src_syn.organism_common_name   ? 
_pdbx_entity_src_syn.ncbi_taxonomy_id       32630 
_pdbx_entity_src_syn.details                ? 
# 
loop_
_struct_ref.id 
_struct_ref.db_name 
_struct_ref.db_code 
_struct_ref.pdbx_db_accession 
_struct_ref.pdbx_db_isoform 
_struct_ref.entity_id 
_struct_ref.pdbx_seq_one_letter_code 
_struct_ref.pdbx_align_begin 
1 UNP CREN7_SULSO Q97ZE3 ? 1 MSSGKKPVKVKTPAGKEAELVPEKVWALAPKGRKGVKIGLFKDPETGKYFRHKLPDDYPI 1 
2 PDB 5K07        5K07   ? 2 ?                                                            1 
# 
loop_
_struct_ref_seq.align_id 
_struct_ref_seq.ref_id 
_struct_ref_seq.pdbx_PDB_id_code 
_struct_ref_seq.pdbx_strand_id 
_struct_ref_seq.seq_align_beg 
_struct_ref_seq.pdbx_seq_align_beg_ins_code 
_struct_ref_seq.seq_align_end 
_struct_ref_seq.pdbx_seq_align_end_ins_code 
_struct_ref_seq.pdbx_db_accession 
_struct_ref_seq.db_align_beg 
_struct_ref_seq.pdbx_db_align_beg_ins_code 
_struct_ref_seq.db_align_end 
_struct_ref_seq.pdbx_db_align_end_ins_code 
_struct_ref_seq.pdbx_auth_seq_align_beg 
_struct_ref_seq.pdbx_auth_seq_align_end 
1 1 5K07 A 1 ? 60 ? Q97ZE3 1   ? 60  ? 1   60  
2 2 5K07 B 1 ? 8  ? 5K07   101 ? 108 ? 101 108 
3 2 5K07 C 1 ? 8  ? 5K07   109 ? 116 ? 109 116 
# 
loop_
_chem_comp.id 
_chem_comp.type 
_chem_comp.mon_nstd_flag 
_chem_comp.name 
_chem_comp.pdbx_synonyms 
_chem_comp.formula 
_chem_comp.formula_weight 
ALA 'L-peptide linking' y ALANINE                              ? 'C3 H7 N O2'      89.093  
ARG 'L-peptide linking' y ARGININE                             ? 'C6 H15 N4 O2 1'  175.209 
ASP 'L-peptide linking' y 'ASPARTIC ACID'                      ? 'C4 H7 N O4'      133.103 
DA  'DNA linking'       y "2'-DEOXYADENOSINE-5'-MONOPHOSPHATE" ? 'C10 H14 N5 O6 P' 331.222 
DC  'DNA linking'       y "2'-DEOXYCYTIDINE-5'-MONOPHOSPHATE"  ? 'C9 H14 N3 O7 P'  307.197 
DG  'DNA linking'       y "2'-DEOXYGUANOSINE-5'-MONOPHOSPHATE" ? 'C10 H14 N5 O7 P' 347.221 
DT  'DNA linking'       y "THYMIDINE-5'-MONOPHOSPHATE"         ? 'C10 H15 N2 O8 P' 322.208 
GLU 'L-peptide linking' y 'GLUTAMIC ACID'                      ? 'C5 H9 N O4'      147.129 
GLY 'peptide linking'   y GLYCINE                              ? 'C2 H5 N O2'      75.067  
HIS 'L-peptide linking' y HISTIDINE                            ? 'C6 H10 N3 O2 1'  156.162 
HOH non-polymer         . WATER                                ? 'H2 O'            18.015  
ILE 'L-peptide linking' y ISOLEUCINE                           ? 'C6 H13 N O2'     131.173 
LEU 'L-peptide linking' y LEUCINE                              ? 'C6 H13 N O2'     131.173 
LYS 'L-peptide linking' y LYSINE                               ? 'C6 H15 N2 O2 1'  147.195 
MET 'L-peptide linking' y METHIONINE                           ? 'C5 H11 N O2 S'   149.211 
PHE 'L-peptide linking' y PHENYLALANINE                        ? 'C9 H11 N O2'     165.189 
PRO 'L-peptide linking' y PROLINE                              ? 'C5 H9 N O2'      115.130 
SER 'L-peptide linking' y SERINE                               ? 'C3 H7 N O3'      105.093 
THR 'L-peptide linking' y THREONINE                            ? 'C4 H9 N O3'      119.119 
TRP 'L-peptide linking' y TRYPTOPHAN                           ? 'C11 H12 N2 O2'   204.225 
TYR 'L-peptide linking' y TYROSINE                             ? 'C9 H11 N O3'     181.189 
VAL 'L-peptide linking' y VALINE                               ? 'C5 H11 N O2'     117.146 
# 
_exptl.absorpt_coefficient_mu     ? 
_exptl.absorpt_correction_T_max   ? 
_exptl.absorpt_correction_T_min   ? 
_exptl.absorpt_correction_type    ? 
_exptl.absorpt_process_details    ? 
_exptl.entry_id                   5K07 
_exptl.crystals_number            1 
_exptl.details                    ? 
_exptl.method                     'X-RAY DIFFRACTION' 
_exptl.method_details             ? 
# 
_exptl_crystal.colour                      ? 
_exptl_crystal.density_diffrn              ? 
_exptl_crystal.density_Matthews            2.68 
_exptl_crystal.density_method              ? 
_exptl_crystal.density_percent_sol         54.19 
_exptl_crystal.description                 ? 
_exptl_crystal.F_000                       ? 
_exptl_crystal.id                          1 
_exptl_crystal.preparation                 ? 
_exptl_crystal.size_max                    ? 
_exptl_crystal.size_mid                    ? 
_exptl_crystal.size_min                    ? 
_exptl_crystal.size_rad                    ? 
_exptl_crystal.colour_lustre               ? 
_exptl_crystal.colour_modifier             ? 
_exptl_crystal.colour_primary              ? 
_exptl_crystal.density_meas                ? 
_exptl_crystal.density_meas_esd            ? 
_exptl_crystal.density_meas_gt             ? 
_exptl_crystal.density_meas_lt             ? 
_exptl_crystal.density_meas_temp           ? 
_exptl_crystal.density_meas_temp_esd       ? 
_exptl_crystal.density_meas_temp_gt        ? 
_exptl_crystal.density_meas_temp_lt        ? 
_exptl_crystal.pdbx_crystal_image_url      ? 
_exptl_crystal.pdbx_crystal_image_format   ? 
_exptl_crystal.pdbx_mosaicity              ? 
_exptl_crystal.pdbx_mosaicity_esd          ? 
# 
_exptl_crystal_grow.apparatus       ? 
_exptl_crystal_grow.atmosphere      ? 
_exptl_crystal_grow.crystal_id      1 
_exptl_crystal_grow.details         ? 
_exptl_crystal_grow.method          'VAPOR DIFFUSION' 
_exptl_crystal_grow.method_ref      ? 
_exptl_crystal_grow.pH              ? 
_exptl_crystal_grow.pressure        ? 
_exptl_crystal_grow.pressure_esd    ? 
_exptl_crystal_grow.seeding         ? 
_exptl_crystal_grow.seeding_ref     ? 
_exptl_crystal_grow.temp            293 
_exptl_crystal_grow.temp_details    ? 
_exptl_crystal_grow.temp_esd        ? 
_exptl_crystal_grow.time            ? 
_exptl_crystal_grow.pdbx_details    '30% PEG1500' 
_exptl_crystal_grow.pdbx_pH_range   ? 
# 
_diffrn.ambient_environment    ? 
_diffrn.ambient_temp           100 
_diffrn.ambient_temp_details   ? 
_diffrn.ambient_temp_esd       ? 
_diffrn.crystal_id             1 
_diffrn.crystal_support        ? 
_diffrn.crystal_treatment      ? 
_diffrn.details                ? 
_diffrn.id                     1 
_diffrn.ambient_pressure       ? 
_diffrn.ambient_pressure_esd   ? 
_diffrn.ambient_pressure_gt    ? 
_diffrn.ambient_pressure_lt    ? 
_diffrn.ambient_temp_gt        ? 
_diffrn.ambient_temp_lt        ? 
# 
_diffrn_detector.details                      ? 
_diffrn_detector.detector                     'IMAGE PLATE' 
_diffrn_detector.diffrn_id                    1 
_diffrn_detector.type                         'RIGAKU RAXIS IV++' 
_diffrn_detector.area_resol_mean              ? 
_diffrn_detector.dtime                        ? 
_diffrn_detector.pdbx_frames_total            ? 
_diffrn_detector.pdbx_collection_time_total   ? 
_diffrn_detector.pdbx_collection_date         2011-01-07 
# 
_diffrn_radiation.collimation                      ? 
_diffrn_radiation.diffrn_id                        1 
_diffrn_radiation.filter_edge                      ? 
_diffrn_radiation.inhomogeneity                    ? 
_diffrn_radiation.monochromator                    GRAPHITE 
_diffrn_radiation.polarisn_norm                    ? 
_diffrn_radiation.polarisn_ratio                   ? 
_diffrn_radiation.probe                            ? 
_diffrn_radiation.type                             ? 
_diffrn_radiation.xray_symbol                      ? 
_diffrn_radiation.wavelength_id                    1 
_diffrn_radiation.pdbx_monochromatic_or_laue_m_l   M 
_diffrn_radiation.pdbx_wavelength_list             ? 
_diffrn_radiation.pdbx_wavelength                  ? 
_diffrn_radiation.pdbx_diffrn_protocol             'SINGLE WAVELENGTH' 
_diffrn_radiation.pdbx_analyzer                    ? 
_diffrn_radiation.pdbx_scattering_type             x-ray 
# 
_diffrn_radiation_wavelength.id           1 
_diffrn_radiation_wavelength.wavelength   1.5418 
_diffrn_radiation_wavelength.wt           1.0 
# 
_diffrn_source.current                     ? 
_diffrn_source.details                     ? 
_diffrn_source.diffrn_id                   1 
_diffrn_source.power                       ? 
_diffrn_source.size                        ? 
_diffrn_source.source                      'ROTATING ANODE' 
_diffrn_source.target                      ? 
_diffrn_source.type                        RIGAKU 
_diffrn_source.voltage                     ? 
_diffrn_source.take-off_angle              ? 
_diffrn_source.pdbx_wavelength_list        1.5418 
_diffrn_source.pdbx_wavelength             ? 
_diffrn_source.pdbx_synchrotron_beamline   ? 
_diffrn_source.pdbx_synchrotron_site       ? 
# 
_reflns.B_iso_Wilson_estimate            ? 
_reflns.entry_id                         5K07 
_reflns.data_reduction_details           ? 
_reflns.data_reduction_method            ? 
_reflns.d_resolution_high                2.0 
_reflns.d_resolution_low                 50 
_reflns.details                          ? 
_reflns.limit_h_max                      ? 
_reflns.limit_h_min                      ? 
_reflns.limit_k_max                      ? 
_reflns.limit_k_min                      ? 
_reflns.limit_l_max                      ? 
_reflns.limit_l_min                      ? 
_reflns.number_all                       ? 
_reflns.number_obs                       8403 
_reflns.observed_criterion               ? 
_reflns.observed_criterion_F_max         ? 
_reflns.observed_criterion_F_min         ? 
_reflns.observed_criterion_I_max         ? 
_reflns.observed_criterion_I_min         ? 
_reflns.observed_criterion_sigma_F       ? 
_reflns.observed_criterion_sigma_I       ? 
_reflns.percent_possible_obs             96.0 
_reflns.R_free_details                   ? 
_reflns.Rmerge_F_all                     ? 
_reflns.Rmerge_F_obs                     ? 
_reflns.Friedel_coverage                 ? 
_reflns.number_gt                        ? 
_reflns.threshold_expression             ? 
_reflns.pdbx_redundancy                  6.5 
_reflns.pdbx_Rmerge_I_obs                ? 
_reflns.pdbx_Rmerge_I_all                ? 
_reflns.pdbx_Rsym_value                  ? 
_reflns.pdbx_netI_over_av_sigmaI         ? 
_reflns.pdbx_netI_over_sigmaI            16.4 
_reflns.pdbx_res_netI_over_av_sigmaI_2   ? 
_reflns.pdbx_res_netI_over_sigmaI_2      ? 
_reflns.pdbx_chi_squared                 ? 
_reflns.pdbx_scaling_rejects             ? 
_reflns.pdbx_d_res_high_opt              ? 
_reflns.pdbx_d_res_low_opt               ? 
_reflns.pdbx_d_res_opt_method            ? 
_reflns.phase_calculation_details        ? 
_reflns.pdbx_Rrim_I_all                  ? 
_reflns.pdbx_Rpim_I_all                  ? 
_reflns.pdbx_d_opt                       ? 
_reflns.pdbx_number_measured_all         ? 
_reflns.pdbx_diffrn_id                   1 
_reflns.pdbx_ordinal                     1 
_reflns.pdbx_CC_half                     ? 
_reflns.pdbx_R_split                     ? 
# 
_reflns_shell.d_res_high                  2.00 
_reflns_shell.d_res_low                   2.07 
_reflns_shell.meanI_over_sigI_all         ? 
_reflns_shell.meanI_over_sigI_obs         ? 
_reflns_shell.number_measured_all         ? 
_reflns_shell.number_measured_obs         ? 
_reflns_shell.number_possible             ? 
_reflns_shell.number_unique_all           ? 
_reflns_shell.number_unique_obs           ? 
_reflns_shell.percent_possible_all        ? 
_reflns_shell.percent_possible_obs        ? 
_reflns_shell.Rmerge_F_all                ? 
_reflns_shell.Rmerge_F_obs                ? 
_reflns_shell.Rmerge_I_all                ? 
_reflns_shell.Rmerge_I_obs                ? 
_reflns_shell.meanI_over_sigI_gt          ? 
_reflns_shell.meanI_over_uI_all           ? 
_reflns_shell.meanI_over_uI_gt            ? 
_reflns_shell.number_measured_gt          ? 
_reflns_shell.number_unique_gt            ? 
_reflns_shell.percent_possible_gt         ? 
_reflns_shell.Rmerge_F_gt                 ? 
_reflns_shell.Rmerge_I_gt                 ? 
_reflns_shell.pdbx_redundancy             ? 
_reflns_shell.pdbx_Rsym_value             ? 
_reflns_shell.pdbx_chi_squared            ? 
_reflns_shell.pdbx_netI_over_sigmaI_all   ? 
_reflns_shell.pdbx_netI_over_sigmaI_obs   ? 
_reflns_shell.pdbx_Rrim_I_all             ? 
_reflns_shell.pdbx_Rpim_I_all             ? 
_reflns_shell.pdbx_rejects                ? 
_reflns_shell.pdbx_ordinal                1 
_reflns_shell.pdbx_diffrn_id              1 
_reflns_shell.pdbx_CC_half                ? 
_reflns_shell.pdbx_R_split                ? 
# 
_refine.aniso_B[1][1]                            ? 
_refine.aniso_B[1][2]                            ? 
_refine.aniso_B[1][3]                            ? 
_refine.aniso_B[2][2]                            ? 
_refine.aniso_B[2][3]                            ? 
_refine.aniso_B[3][3]                            ? 
_refine.B_iso_max                                ? 
_refine.B_iso_mean                               ? 
_refine.B_iso_min                                ? 
_refine.correlation_coeff_Fo_to_Fc               ? 
_refine.correlation_coeff_Fo_to_Fc_free          ? 
_refine.details                                  ? 
_refine.diff_density_max                         ? 
_refine.diff_density_max_esd                     ? 
_refine.diff_density_min                         ? 
_refine.diff_density_min_esd                     ? 
_refine.diff_density_rms                         ? 
_refine.diff_density_rms_esd                     ? 
_refine.entry_id                                 5K07 
_refine.pdbx_refine_id                           'X-RAY DIFFRACTION' 
_refine.ls_abs_structure_details                 ? 
_refine.ls_abs_structure_Flack                   ? 
_refine.ls_abs_structure_Flack_esd               ? 
_refine.ls_abs_structure_Rogers                  ? 
_refine.ls_abs_structure_Rogers_esd              ? 
_refine.ls_d_res_high                            2.0 
_refine.ls_d_res_low                             15 
_refine.ls_extinction_coef                       ? 
_refine.ls_extinction_coef_esd                   ? 
_refine.ls_extinction_expression                 ? 
_refine.ls_extinction_method                     ? 
_refine.ls_goodness_of_fit_all                   ? 
_refine.ls_goodness_of_fit_all_esd               ? 
_refine.ls_goodness_of_fit_obs                   ? 
_refine.ls_goodness_of_fit_obs_esd               ? 
_refine.ls_hydrogen_treatment                    ? 
_refine.ls_matrix_type                           ? 
_refine.ls_number_constraints                    ? 
_refine.ls_number_parameters                     ? 
_refine.ls_number_reflns_all                     ? 
_refine.ls_number_reflns_obs                     8354 
_refine.ls_number_reflns_R_free                  392 
_refine.ls_number_reflns_R_work                  ? 
_refine.ls_number_restraints                     ? 
_refine.ls_percent_reflns_obs                    96.40 
_refine.ls_percent_reflns_R_free                 5 
_refine.ls_R_factor_all                          ? 
_refine.ls_R_factor_obs                          0.1991 
_refine.ls_R_factor_R_free                       0.2298 
_refine.ls_R_factor_R_free_error                 ? 
_refine.ls_R_factor_R_free_error_details         ? 
_refine.ls_R_factor_R_work                       0.1977 
_refine.ls_R_Fsqd_factor_obs                     ? 
_refine.ls_R_I_factor_obs                        ? 
_refine.ls_redundancy_reflns_all                 ? 
_refine.ls_redundancy_reflns_obs                 ? 
_refine.ls_restrained_S_all                      ? 
_refine.ls_restrained_S_obs                      ? 
_refine.ls_shift_over_esd_max                    ? 
_refine.ls_shift_over_esd_mean                   ? 
_refine.ls_structure_factor_coef                 ? 
_refine.ls_weighting_details                     ? 
_refine.ls_weighting_scheme                      ? 
_refine.ls_wR_factor_all                         ? 
_refine.ls_wR_factor_obs                         ? 
_refine.ls_wR_factor_R_free                      ? 
_refine.ls_wR_factor_R_work                      ? 
_refine.occupancy_max                            ? 
_refine.occupancy_min                            ? 
_refine.solvent_model_details                    ? 
_refine.solvent_model_param_bsol                 ? 
_refine.solvent_model_param_ksol                 ? 
_refine.ls_R_factor_gt                           ? 
_refine.ls_goodness_of_fit_gt                    ? 
_refine.ls_goodness_of_fit_ref                   ? 
_refine.ls_shift_over_su_max                     ? 
_refine.ls_shift_over_su_max_lt                  ? 
_refine.ls_shift_over_su_mean                    ? 
_refine.ls_shift_over_su_mean_lt                 ? 
_refine.pdbx_ls_sigma_I                          ? 
_refine.pdbx_ls_sigma_F                          1.35 
_refine.pdbx_ls_sigma_Fsqd                       ? 
_refine.pdbx_data_cutoff_high_absF               ? 
_refine.pdbx_data_cutoff_high_rms_absF           ? 
_refine.pdbx_data_cutoff_low_absF                ? 
_refine.pdbx_isotropic_thermal_model             ? 
_refine.pdbx_ls_cross_valid_method               'FREE R-VALUE' 
_refine.pdbx_method_to_determine_struct          'MOLECULAR REPLACEMENT' 
_refine.pdbx_starting_model                      3LWH 
_refine.pdbx_stereochemistry_target_values       ? 
_refine.pdbx_R_Free_selection_details            ? 
_refine.pdbx_stereochem_target_val_spec_case     ? 
_refine.pdbx_overall_ESU_R                       ? 
_refine.pdbx_overall_ESU_R_Free                  ? 
_refine.pdbx_solvent_vdw_probe_radii             1.11 
_refine.pdbx_solvent_ion_probe_radii             ? 
_refine.pdbx_solvent_shrinkage_radii             0.90 
_refine.pdbx_real_space_R                        ? 
_refine.pdbx_density_correlation                 ? 
_refine.pdbx_pd_number_of_powder_patterns        ? 
_refine.pdbx_pd_number_of_points                 ? 
_refine.pdbx_pd_meas_number_of_points            ? 
_refine.pdbx_pd_proc_ls_prof_R_factor            ? 
_refine.pdbx_pd_proc_ls_prof_wR_factor           ? 
_refine.pdbx_pd_Marquardt_correlation_coeff      ? 
_refine.pdbx_pd_Fsqrd_R_factor                   ? 
_refine.pdbx_pd_ls_matrix_band_width             ? 
_refine.pdbx_overall_phase_error                 28.35 
_refine.pdbx_overall_SU_R_free_Cruickshank_DPI   ? 
_refine.pdbx_overall_SU_R_free_Blow_DPI          ? 
_refine.pdbx_overall_SU_R_Blow_DPI               ? 
_refine.pdbx_TLS_residual_ADP_flag               ? 
_refine.pdbx_diffrn_id                           1 
_refine.overall_SU_B                             ? 
_refine.overall_SU_ML                            0.13 
_refine.overall_SU_R_Cruickshank_DPI             ? 
_refine.overall_SU_R_free                        ? 
_refine.overall_FOM_free_R_set                   ? 
_refine.overall_FOM_work_R_set                   ? 
_refine.pdbx_average_fsc_overall                 ? 
_refine.pdbx_average_fsc_work                    ? 
_refine.pdbx_average_fsc_free                    ? 
# 
_refine_hist.pdbx_refine_id                   'X-RAY DIFFRACTION' 
_refine_hist.cycle_id                         LAST 
_refine_hist.pdbx_number_atoms_protein        451 
_refine_hist.pdbx_number_atoms_nucleic_acid   324 
_refine_hist.pdbx_number_atoms_ligand         0 
_refine_hist.number_atoms_solvent             98 
_refine_hist.number_atoms_total               873 
_refine_hist.d_res_high                       2.0 
_refine_hist.d_res_low                        15 
# 
loop_
_refine_ls_restr.pdbx_refine_id 
_refine_ls_restr.criterion 
_refine_ls_restr.dev_ideal 
_refine_ls_restr.dev_ideal_target 
_refine_ls_restr.number 
_refine_ls_restr.rejects 
_refine_ls_restr.type 
_refine_ls_restr.weight 
_refine_ls_restr.pdbx_restraint_function 
'X-RAY DIFFRACTION' ? 0.008  ? 826  ? f_bond_d           ? ? 
'X-RAY DIFFRACTION' ? 1.061  ? 1180 ? f_angle_d          ? ? 
'X-RAY DIFFRACTION' ? 24.094 ? 339  ? f_dihedral_angle_d ? ? 
'X-RAY DIFFRACTION' ? 0.046  ? 126  ? f_chiral_restr     ? ? 
'X-RAY DIFFRACTION' ? 0.006  ? 95   ? f_plane_restr      ? ? 
# 
loop_
_refine_ls_shell.pdbx_refine_id 
_refine_ls_shell.d_res_high 
_refine_ls_shell.d_res_low 
_refine_ls_shell.number_reflns_all 
_refine_ls_shell.number_reflns_obs 
_refine_ls_shell.number_reflns_R_free 
_refine_ls_shell.number_reflns_R_work 
_refine_ls_shell.percent_reflns_obs 
_refine_ls_shell.percent_reflns_R_free 
_refine_ls_shell.R_factor_all 
_refine_ls_shell.R_factor_obs 
_refine_ls_shell.R_factor_R_free 
_refine_ls_shell.R_factor_R_free_error 
_refine_ls_shell.R_factor_R_work 
_refine_ls_shell.redundancy_reflns_all 
_refine_ls_shell.redundancy_reflns_obs 
_refine_ls_shell.wR_factor_all 
_refine_ls_shell.wR_factor_obs 
_refine_ls_shell.wR_factor_R_free 
_refine_ls_shell.wR_factor_R_work 
_refine_ls_shell.pdbx_total_number_of_bins_used 
_refine_ls_shell.pdbx_phase_error 
_refine_ls_shell.pdbx_fsc_work 
_refine_ls_shell.pdbx_fsc_free 
'X-RAY DIFFRACTION' 2.0022 2.2911  . . 117 2585 95.00 . . . 0.2592 . 0.2157 . . . . . . . . . . 
'X-RAY DIFFRACTION' 2.2911 2.8831  . . 142 2644 97.00 . . . 0.2482 . 0.2624 . . . . . . . . . . 
'X-RAY DIFFRACTION' 2.8831 14.9560 . . 133 2733 97.00 . . . 0.2174 . 0.1748 . . . . . . . . . . 
# 
_struct.entry_id                     5K07 
_struct.title                        'Crystal structure of CREN7-DSDNA (GTAATTGC) complex' 
_struct.pdbx_model_details           ? 
_struct.pdbx_formula_weight          ? 
_struct.pdbx_formula_weight_method   ? 
_struct.pdbx_model_type_details      ? 
_struct.pdbx_CASP_flag               N 
# 
_struct_keywords.entry_id        5K07 
_struct_keywords.text            'PROTEIN-DNA COMPLEX, BETA-SHEET, DNA-BINDING, METHYLATION, DNA BINDING PROTEIN-DNA COMPLEX' 
_struct_keywords.pdbx_keywords   'DNA BINDING PROTEIN/DNA' 
# 
loop_
_struct_asym.id 
_struct_asym.pdbx_blank_PDB_chainid_flag 
_struct_asym.pdbx_modified 
_struct_asym.entity_id 
_struct_asym.details 
A N N 1 ? 
B N N 2 ? 
C N N 2 ? 
D N N 3 ? 
E N N 3 ? 
F N N 3 ? 
# 
loop_
_struct_conn.id 
_struct_conn.conn_type_id 
_struct_conn.pdbx_leaving_atom_flag 
_struct_conn.pdbx_PDB_id 
_struct_conn.ptnr1_label_asym_id 
_struct_conn.ptnr1_label_comp_id 
_struct_conn.ptnr1_label_seq_id 
_struct_conn.ptnr1_label_atom_id 
_struct_conn.pdbx_ptnr1_label_alt_id 
_struct_conn.pdbx_ptnr1_PDB_ins_code 
_struct_conn.pdbx_ptnr1_standard_comp_id 
_struct_conn.ptnr1_symmetry 
_struct_conn.ptnr2_label_asym_id 
_struct_conn.ptnr2_label_comp_id 
_struct_conn.ptnr2_label_seq_id 
_struct_conn.ptnr2_label_atom_id 
_struct_conn.pdbx_ptnr2_label_alt_id 
_struct_conn.pdbx_ptnr2_PDB_ins_code 
_struct_conn.ptnr1_auth_asym_id 
_struct_conn.ptnr1_auth_comp_id 
_struct_conn.ptnr1_auth_seq_id 
_struct_conn.ptnr2_auth_asym_id 
_struct_conn.ptnr2_auth_comp_id 
_struct_conn.ptnr2_auth_seq_id 
_struct_conn.ptnr2_symmetry 
_struct_conn.pdbx_ptnr3_label_atom_id 
_struct_conn.pdbx_ptnr3_label_seq_id 
_struct_conn.pdbx_ptnr3_label_comp_id 
_struct_conn.pdbx_ptnr3_label_asym_id 
_struct_conn.pdbx_ptnr3_label_alt_id 
_struct_conn.pdbx_ptnr3_PDB_ins_code 
_struct_conn.details 
_struct_conn.pdbx_dist_value 
_struct_conn.pdbx_value_order 
_struct_conn.pdbx_role 
hydrog1  hydrog ? ? B DG 1 N1 ? ? ? 1_555 C DC 8 N3 ? ? B DG 101 C DC 116 1_555 ? ? ? ? ? ? WATSON-CRICK    ? ? ? 
hydrog2  hydrog ? ? B DG 1 N2 ? ? ? 1_555 C DC 8 O2 ? ? B DG 101 C DC 116 1_555 ? ? ? ? ? ? WATSON-CRICK    ? ? ? 
hydrog3  hydrog ? ? B DG 1 O6 ? ? ? 1_555 C DC 8 N4 ? ? B DG 101 C DC 116 1_555 ? ? ? ? ? ? WATSON-CRICK    ? ? ? 
hydrog4  hydrog ? ? B DT 2 O2 ? ? ? 1_555 C DG 7 N1 ? ? B DT 102 C DG 115 1_555 ? ? ? ? ? ? 'DT-DG MISPAIR' ? ? ? 
hydrog5  hydrog ? ? B DA 3 N1 ? ? ? 1_555 C DT 6 N3 ? ? B DA 103 C DT 114 1_555 ? ? ? ? ? ? WATSON-CRICK    ? ? ? 
hydrog6  hydrog ? ? B DA 3 N6 ? ? ? 1_555 C DT 6 O4 ? ? B DA 103 C DT 114 1_555 ? ? ? ? ? ? WATSON-CRICK    ? ? ? 
hydrog7  hydrog ? ? B DA 4 N1 ? ? ? 1_555 C DT 5 N3 ? ? B DA 104 C DT 113 1_555 ? ? ? ? ? ? WATSON-CRICK    ? ? ? 
hydrog8  hydrog ? ? B DA 4 N6 ? ? ? 1_555 C DT 5 O4 ? ? B DA 104 C DT 113 1_555 ? ? ? ? ? ? WATSON-CRICK    ? ? ? 
hydrog9  hydrog ? ? B DT 5 N3 ? ? ? 1_555 C DA 4 N1 ? ? B DT 105 C DA 112 1_555 ? ? ? ? ? ? WATSON-CRICK    ? ? ? 
hydrog10 hydrog ? ? B DT 5 O4 ? ? ? 1_555 C DA 4 N6 ? ? B DT 105 C DA 112 1_555 ? ? ? ? ? ? WATSON-CRICK    ? ? ? 
hydrog11 hydrog ? ? B DT 6 N3 ? ? ? 1_555 C DA 3 N1 ? ? B DT 106 C DA 111 1_555 ? ? ? ? ? ? WATSON-CRICK    ? ? ? 
hydrog12 hydrog ? ? B DT 6 O4 ? ? ? 1_555 C DA 3 N6 ? ? B DT 106 C DA 111 1_555 ? ? ? ? ? ? WATSON-CRICK    ? ? ? 
hydrog13 hydrog ? ? B DG 7 N1 ? ? ? 1_555 C DT 2 O2 ? ? B DG 107 C DT 110 1_555 ? ? ? ? ? ? TYPE_28_PAIR    ? ? ? 
hydrog14 hydrog ? ? B DG 7 O6 ? ? ? 1_555 C DT 2 N3 ? ? B DG 107 C DT 110 1_555 ? ? ? ? ? ? TYPE_28_PAIR    ? ? ? 
hydrog15 hydrog ? ? B DC 8 N3 ? ? ? 1_555 C DG 1 N1 ? ? B DC 108 C DG 109 1_555 ? ? ? ? ? ? WATSON-CRICK    ? ? ? 
hydrog16 hydrog ? ? B DC 8 N4 ? ? ? 1_555 C DG 1 O6 ? ? B DC 108 C DG 109 1_555 ? ? ? ? ? ? WATSON-CRICK    ? ? ? 
hydrog17 hydrog ? ? B DC 8 O2 ? ? ? 1_555 C DG 1 N2 ? ? B DC 108 C DG 109 1_555 ? ? ? ? ? ? WATSON-CRICK    ? ? ? 
# 
_struct_conn_type.id          hydrog 
_struct_conn_type.criteria    ? 
_struct_conn_type.reference   ? 
# 
loop_
_struct_sheet.id 
_struct_sheet.type 
_struct_sheet.number_strands 
_struct_sheet.details 
AA1 ? 2 ? 
AA2 ? 3 ? 
# 
loop_
_struct_sheet_order.sheet_id 
_struct_sheet_order.range_id_1 
_struct_sheet_order.range_id_2 
_struct_sheet_order.offset 
_struct_sheet_order.sense 
AA1 1 2 ? anti-parallel 
AA2 1 2 ? anti-parallel 
AA2 2 3 ? anti-parallel 
# 
loop_
_struct_sheet_range.sheet_id 
_struct_sheet_range.id 
_struct_sheet_range.beg_label_comp_id 
_struct_sheet_range.beg_label_asym_id 
_struct_sheet_range.beg_label_seq_id 
_struct_sheet_range.pdbx_beg_PDB_ins_code 
_struct_sheet_range.end_label_comp_id 
_struct_sheet_range.end_label_asym_id 
_struct_sheet_range.end_label_seq_id 
_struct_sheet_range.pdbx_end_PDB_ins_code 
_struct_sheet_range.beg_auth_comp_id 
_struct_sheet_range.beg_auth_asym_id 
_struct_sheet_range.beg_auth_seq_id 
_struct_sheet_range.end_auth_comp_id 
_struct_sheet_range.end_auth_asym_id 
_struct_sheet_range.end_auth_seq_id 
AA1 1 VAL A 8  ? LYS A 11 ? VAL A 8  LYS A 11 
AA1 2 GLU A 17 ? LEU A 20 ? GLU A 17 LEU A 20 
AA2 1 LYS A 24 ? LEU A 28 ? LYS A 24 LEU A 28 
AA2 2 VAL A 36 ? LYS A 42 ? VAL A 36 LYS A 42 
AA2 3 TYR A 49 ? LEU A 54 ? TYR A 49 LEU A 54 
# 
loop_
_pdbx_struct_sheet_hbond.sheet_id 
_pdbx_struct_sheet_hbond.range_id_1 
_pdbx_struct_sheet_hbond.range_id_2 
_pdbx_struct_sheet_hbond.range_1_label_atom_id 
_pdbx_struct_sheet_hbond.range_1_label_comp_id 
_pdbx_struct_sheet_hbond.range_1_label_asym_id 
_pdbx_struct_sheet_hbond.range_1_label_seq_id 
_pdbx_struct_sheet_hbond.range_1_PDB_ins_code 
_pdbx_struct_sheet_hbond.range_1_auth_atom_id 
_pdbx_struct_sheet_hbond.range_1_auth_comp_id 
_pdbx_struct_sheet_hbond.range_1_auth_asym_id 
_pdbx_struct_sheet_hbond.range_1_auth_seq_id 
_pdbx_struct_sheet_hbond.range_2_label_atom_id 
_pdbx_struct_sheet_hbond.range_2_label_comp_id 
_pdbx_struct_sheet_hbond.range_2_label_asym_id 
_pdbx_struct_sheet_hbond.range_2_label_seq_id 
_pdbx_struct_sheet_hbond.range_2_PDB_ins_code 
_pdbx_struct_sheet_hbond.range_2_auth_atom_id 
_pdbx_struct_sheet_hbond.range_2_auth_comp_id 
_pdbx_struct_sheet_hbond.range_2_auth_asym_id 
_pdbx_struct_sheet_hbond.range_2_auth_seq_id 
AA1 1 2 N VAL A 8  ? N VAL A 8  O LEU A 20 ? O LEU A 20 
AA2 1 2 N LEU A 28 ? N LEU A 28 O VAL A 36 ? O VAL A 36 
AA2 2 3 N PHE A 41 ? N PHE A 41 O PHE A 50 ? O PHE A 50 
# 
_atom_sites.entry_id                    5K07 
_atom_sites.fract_transf_matrix[1][1]   0.00937731 
_atom_sites.fract_transf_matrix[1][2]   0.00521215 
_atom_sites.fract_transf_matrix[1][3]   0.01605179 
_atom_sites.fract_transf_matrix[2][1]   -0.01206072 
_atom_sites.fract_transf_matrix[2][2]   0.01437575 
_atom_sites.fract_transf_matrix[2][3]   0.00237784 
_atom_sites.fract_transf_matrix[3][1]   -0.00659348 
_atom_sites.fract_transf_matrix[3][2]   -0.00651893 
_atom_sites.fract_transf_matrix[3][3]   0.00596860 
_atom_sites.fract_transf_vector[1]      -0.306010 
_atom_sites.fract_transf_vector[2]      0.158372 
_atom_sites.fract_transf_vector[3]      -0.061644 
# 
loop_
_atom_type.symbol 
C 
N 
O 
P 
# 
loop_
_atom_site.group_PDB 
_atom_site.id 
_atom_site.type_symbol 
_atom_site.label_atom_id 
_atom_site.label_alt_id 
_atom_site.label_comp_id 
_atom_site.label_asym_id 
_atom_site.label_entity_id 
_atom_site.label_seq_id 
_atom_site.pdbx_PDB_ins_code 
_atom_site.Cartn_x 
_atom_site.Cartn_y 
_atom_site.Cartn_z 
_atom_site.occupancy 
_atom_site.B_iso_or_equiv 
_atom_site.pdbx_formal_charge 
_atom_site.auth_seq_id 
_atom_site.auth_comp_id 
_atom_site.auth_asym_id 
_atom_site.auth_atom_id 
_atom_site.pdbx_PDB_model_num 
ATOM   1   N N     . GLY A 1 4  ? 1.250   -4.951  12.727  1.00 62.64 ? 4   GLY A N     1 
ATOM   2   C CA    . GLY A 1 4  ? 0.181   -5.762  12.171  1.00 59.26 ? 4   GLY A CA    1 
ATOM   3   C C     . GLY A 1 4  ? -0.014  -5.543  10.682  1.00 62.95 ? 4   GLY A C     1 
ATOM   4   O O     . GLY A 1 4  ? -0.618  -4.540  10.263  1.00 57.95 ? 4   GLY A O     1 
ATOM   5   N N     . LYS A 1 5  ? 0.492   -6.485  9.883   1.00 56.25 ? 5   LYS A N     1 
ATOM   6   C CA    . LYS A 1 5  ? 0.384   -6.396  8.430   1.00 50.44 ? 5   LYS A CA    1 
ATOM   7   C C     . LYS A 1 5  ? -0.738  -7.271  7.886   1.00 49.01 ? 5   LYS A C     1 
ATOM   8   O O     . LYS A 1 5  ? -0.490  -8.331  7.302   1.00 46.36 ? 5   LYS A O     1 
ATOM   9   C CB    . LYS A 1 5  ? 1.709   -6.770  7.763   1.00 52.15 ? 5   LYS A CB    1 
ATOM   10  C CG    . LYS A 1 5  ? 2.766   -5.683  7.877   1.00 53.69 ? 5   LYS A CG    1 
ATOM   11  C CD    . LYS A 1 5  ? 3.150   -5.101  6.518   1.00 46.08 ? 5   LYS A CD    1 
ATOM   12  C CE    . LYS A 1 5  ? 4.636   -5.278  6.276   1.00 46.13 ? 5   LYS A CE    1 
ATOM   13  N NZ    . LYS A 1 5  ? 4.971   -6.737  6.100   1.00 50.83 ? 5   LYS A NZ    1 
ATOM   14  N N     . LYS A 1 6  ? -1.969  -6.805  8.089   1.00 48.93 ? 6   LYS A N     1 
ATOM   15  C CA    . LYS A 1 6  ? -3.165  -7.379  7.480   1.00 45.53 ? 6   LYS A CA    1 
ATOM   16  C C     . LYS A 1 6  ? -3.187  -7.053  5.985   1.00 44.39 ? 6   LYS A C     1 
ATOM   17  O O     . LYS A 1 6  ? -2.610  -6.048  5.550   1.00 43.87 ? 6   LYS A O     1 
ATOM   18  C CB    . LYS A 1 6  ? -4.437  -6.837  8.166   1.00 48.28 ? 6   LYS A CB    1 
ATOM   19  C CG    . LYS A 1 6  ? -4.756  -7.425  9.557   1.00 51.80 ? 6   LYS A CG    1 
ATOM   20  C CD    . LYS A 1 6  ? -5.302  -8.854  9.454   1.00 49.96 ? 6   LYS A CD    1 
ATOM   21  C CE    . LYS A 1 6  ? -5.560  -9.492  10.829  1.00 51.88 ? 6   LYS A CE    1 
ATOM   22  N NZ    . LYS A 1 6  ? -5.610  -11.008 10.742  1.00 50.13 ? 6   LYS A NZ    1 
ATOM   23  N N     . PRO A 1 7  ? -3.837  -7.902  5.179   1.00 41.89 ? 7   PRO A N     1 
ATOM   24  C CA    . PRO A 1 7  ? -3.970  -7.614  3.745   1.00 42.06 ? 7   PRO A CA    1 
ATOM   25  C C     . PRO A 1 7  ? -4.681  -6.297  3.477   1.00 42.81 ? 7   PRO A C     1 
ATOM   26  O O     . PRO A 1 7  ? -5.489  -5.874  4.287   1.00 41.89 ? 7   PRO A O     1 
ATOM   27  C CB    . PRO A 1 7  ? -4.804  -8.794  3.228   1.00 40.36 ? 7   PRO A CB    1 
ATOM   28  C CG    . PRO A 1 7  ? -4.474  -9.910  4.175   1.00 42.95 ? 7   PRO A CG    1 
ATOM   29  C CD    . PRO A 1 7  ? -4.333  -9.243  5.522   1.00 42.93 ? 7   PRO A CD    1 
ATOM   30  N N     . VAL A 1 8  ? -4.369  -5.662  2.352   1.00 39.39 ? 8   VAL A N     1 
ATOM   31  C CA    . VAL A 1 8  ? -5.001  -4.406  1.948   1.00 44.28 ? 8   VAL A CA    1 
ATOM   32  C C     . VAL A 1 8  ? -5.675  -4.570  0.596   1.00 44.19 ? 8   VAL A C     1 
ATOM   33  O O     . VAL A 1 8  ? -5.064  -5.097  -0.331  1.00 44.00 ? 8   VAL A O     1 
ATOM   34  C CB    . VAL A 1 8  ? -3.970  -3.266  1.834   1.00 45.44 ? 8   VAL A CB    1 
ATOM   35  C CG1   . VAL A 1 8  ? -4.643  -1.973  1.433   1.00 46.03 ? 8   VAL A CG1   1 
ATOM   36  C CG2   . VAL A 1 8  ? -3.226  -3.096  3.129   1.00 47.16 ? 8   VAL A CG2   1 
ATOM   37  N N     . LYS A 1 9  ? -6.925  -4.138  0.466   1.00 46.00 ? 9   LYS A N     1 
ATOM   38  C CA    . LYS A 1 9  ? -7.581  -4.186  -0.837  1.00 47.19 ? 9   LYS A CA    1 
ATOM   39  C C     . LYS A 1 9  ? -7.004  -3.089  -1.717  1.00 46.99 ? 9   LYS A C     1 
ATOM   40  O O     . LYS A 1 9  ? -7.198  -1.903  -1.450  1.00 51.42 ? 9   LYS A O     1 
ATOM   41  C CB    . LYS A 1 9  ? -9.102  -4.026  -0.715  1.00 50.15 ? 9   LYS A CB    1 
ATOM   42  C CG    . LYS A 1 9  ? -9.765  -5.071  0.174   1.00 55.72 ? 9   LYS A CG    1 
ATOM   43  C CD    . LYS A 1 9  ? -10.971 -4.487  0.925   1.00 60.12 ? 9   LYS A CD    1 
ATOM   44  C CE    . LYS A 1 9  ? -11.480 -5.432  2.023   1.00 60.64 ? 9   LYS A CE    1 
ATOM   45  N NZ    . LYS A 1 9  ? -11.954 -6.747  1.483   1.00 62.11 ? 9   LYS A NZ    1 
ATOM   46  N N     . VAL A 1 10 ? -6.276  -3.486  -2.755  1.00 46.34 ? 10  VAL A N     1 
ATOM   47  C CA    . VAL A 1 10 ? -5.673  -2.529  -3.681  1.00 50.92 ? 10  VAL A CA    1 
ATOM   48  C C     . VAL A 1 10 ? -5.992  -2.849  -5.136  1.00 50.17 ? 10  VAL A C     1 
ATOM   49  O O     . VAL A 1 10 ? -6.414  -3.959  -5.469  1.00 52.63 ? 10  VAL A O     1 
ATOM   50  C CB    . VAL A 1 10 ? -4.133  -2.479  -3.533  1.00 47.34 ? 10  VAL A CB    1 
ATOM   51  C CG1   . VAL A 1 10 ? -3.730  -2.098  -2.115  1.00 44.90 ? 10  VAL A CG1   1 
ATOM   52  C CG2   . VAL A 1 10 ? -3.504  -3.813  -3.954  1.00 42.71 ? 10  VAL A CG2   1 
ATOM   53  N N     . LYS A 1 11 ? -5.778  -1.873  -6.008  1.00 51.46 ? 11  LYS A N     1 
ATOM   54  C CA    . LYS A 1 11 ? -5.875  -2.127  -7.436  1.00 50.60 ? 11  LYS A CA    1 
ATOM   55  C C     . LYS A 1 11 ? -4.489  -2.273  -8.007  1.00 53.36 ? 11  LYS A C     1 
ATOM   56  O O     . LYS A 1 11 ? -3.655  -1.377  -7.862  1.00 53.32 ? 11  LYS A O     1 
ATOM   57  C CB    . LYS A 1 11 ? -6.619  -1.007  -8.161  1.00 55.09 ? 11  LYS A CB    1 
ATOM   58  C CG    . LYS A 1 11 ? -6.322  -0.973  -9.670  1.00 61.40 ? 11  LYS A CG    1 
ATOM   59  C CD    . LYS A 1 11 ? -7.442  -0.316  -10.491 1.00 69.29 ? 11  LYS A CD    1 
ATOM   60  C CE    . LYS A 1 11 ? -6.869  0.641   -11.536 1.00 71.53 ? 11  LYS A CE    1 
ATOM   61  N NZ    . LYS A 1 11 ? -5.729  0.048   -12.311 1.00 67.77 ? 11  LYS A NZ    1 
ATOM   62  N N     . THR A 1 12 ? -4.238  -3.404  -8.656  1.00 51.63 ? 12  THR A N     1 
ATOM   63  C CA    . THR A 1 12 ? -2.933  -3.665  -9.239  1.00 51.40 ? 12  THR A CA    1 
ATOM   64  C C     . THR A 1 12 ? -2.772  -2.819  -10.490 1.00 53.33 ? 12  THR A C     1 
ATOM   65  O O     . THR A 1 12 ? -3.767  -2.369  -11.051 1.00 58.67 ? 12  THR A O     1 
ATOM   66  C CB    . THR A 1 12 ? -2.759  -5.154  -9.568  1.00 53.41 ? 12  THR A CB    1 
ATOM   67  O OG1   . THR A 1 12 ? -3.488  -5.473  -10.758 1.00 56.93 ? 12  THR A OG1   1 
ATOM   68  C CG2   . THR A 1 12 ? -3.263  -6.004  -8.402  1.00 50.51 ? 12  THR A CG2   1 
ATOM   69  N N     . PRO A 1 13 ? -1.525  -2.585  -10.934 1.00 53.25 ? 13  PRO A N     1 
ATOM   70  C CA    . PRO A 1 13 ? -1.338  -1.813  -12.170 1.00 53.70 ? 13  PRO A CA    1 
ATOM   71  C C     . PRO A 1 13 ? -1.772  -2.585  -13.417 1.00 59.86 ? 13  PRO A C     1 
ATOM   72  O O     . PRO A 1 13 ? -1.677  -2.058  -14.527 1.00 62.99 ? 13  PRO A O     1 
ATOM   73  C CB    . PRO A 1 13 ? 0.170   -1.529  -12.188 1.00 53.82 ? 13  PRO A CB    1 
ATOM   74  C CG    . PRO A 1 13 ? 0.774   -2.587  -11.360 1.00 55.18 ? 13  PRO A CG    1 
ATOM   75  C CD    . PRO A 1 13 ? -0.240  -2.938  -10.302 1.00 50.66 ? 13  PRO A CD    1 
ATOM   76  N N     . ALA A 1 14 ? -2.233  -3.819  -13.228 1.00 61.27 ? 14  ALA A N     1 
ATOM   77  C CA    . ALA A 1 14 ? -2.928  -4.565  -14.274 1.00 59.45 ? 14  ALA A CA    1 
ATOM   78  C C     . ALA A 1 14 ? -4.413  -4.183  -14.275 1.00 62.92 ? 14  ALA A C     1 
ATOM   79  O O     . ALA A 1 14 ? -5.090  -4.257  -15.303 1.00 65.86 ? 14  ALA A O     1 
ATOM   80  C CB    . ALA A 1 14 ? -2.760  -6.063  -14.073 1.00 58.15 ? 14  ALA A CB    1 
ATOM   81  N N     . GLY A 1 15 ? -4.917  -3.782  -13.115 1.00 57.94 ? 15  GLY A N     1 
ATOM   82  C CA    . GLY A 1 15 ? -6.270  -3.273  -13.014 1.00 61.01 ? 15  GLY A CA    1 
ATOM   83  C C     . GLY A 1 15 ? -7.241  -4.205  -12.325 1.00 62.70 ? 15  GLY A C     1 
ATOM   84  O O     . GLY A 1 15 ? -8.452  -4.093  -12.524 1.00 63.96 ? 15  GLY A O     1 
ATOM   85  N N     . LYS A 1 16 ? -6.711  -5.113  -11.511 1.00 61.16 ? 16  LYS A N     1 
ATOM   86  C CA    . LYS A 1 16 ? -7.537  -6.052  -10.765 1.00 58.39 ? 16  LYS A CA    1 
ATOM   87  C C     . LYS A 1 16 ? -7.532  -5.744  -9.275  1.00 56.22 ? 16  LYS A C     1 
ATOM   88  O O     . LYS A 1 16 ? -6.506  -5.367  -8.721  1.00 55.84 ? 16  LYS A O     1 
ATOM   89  C CB    . LYS A 1 16 ? -7.059  -7.479  -11.002 1.00 60.87 ? 16  LYS A CB    1 
ATOM   90  C CG    . LYS A 1 16 ? -6.877  -7.828  -12.476 1.00 61.31 ? 16  LYS A CG    1 
ATOM   91  C CD    . LYS A 1 16 ? -7.175  -9.296  -12.726 1.00 65.53 ? 16  LYS A CD    1 
ATOM   92  C CE    . LYS A 1 16 ? -6.365  -10.180 -11.798 1.00 66.72 ? 16  LYS A CE    1 
ATOM   93  N NZ    . LYS A 1 16 ? -6.820  -11.594 -11.848 1.00 66.75 ? 16  LYS A NZ    1 
ATOM   94  N N     . GLU A 1 17 ? -8.684  -5.895  -8.629  1.00 53.82 ? 17  GLU A N     1 
ATOM   95  C CA    . GLU A 1 17 ? -8.771  -5.744  -7.181  1.00 55.35 ? 17  GLU A CA    1 
ATOM   96  C C     . GLU A 1 17 ? -8.139  -6.966  -6.521  1.00 58.46 ? 17  GLU A C     1 
ATOM   97  O O     . GLU A 1 17 ? -8.408  -8.104  -6.917  1.00 57.06 ? 17  GLU A O     1 
ATOM   98  C CB    . GLU A 1 17 ? -10.226 -5.576  -6.730  1.00 57.33 ? 17  GLU A CB    1 
ATOM   99  C CG    . GLU A 1 17 ? -10.975 -4.459  -7.451  1.00 62.36 ? 17  GLU A CG    1 
ATOM   100 C CD    . GLU A 1 17 ? -12.489 -4.638  -7.423  1.00 65.49 ? 17  GLU A CD    1 
ATOM   101 O OE1   . GLU A 1 17 ? -12.998 -5.303  -6.494  1.00 64.94 ? 17  GLU A OE1   1 
ATOM   102 O OE2   . GLU A 1 17 ? -13.169 -4.112  -8.339  1.00 65.90 ? 17  GLU A OE2   1 
ATOM   103 N N     . ALA A 1 18 ? -7.285  -6.734  -5.531  1.00 52.53 ? 18  ALA A N     1 
ATOM   104 C CA    . ALA A 1 18 ? -6.601  -7.831  -4.859  1.00 47.85 ? 18  ALA A CA    1 
ATOM   105 C C     . ALA A 1 18 ? -6.279  -7.459  -3.422  1.00 48.51 ? 18  ALA A C     1 
ATOM   106 O O     . ALA A 1 18 ? -5.856  -6.337  -3.147  1.00 46.75 ? 18  ALA A O     1 
ATOM   107 C CB    . ALA A 1 18 ? -5.332  -8.203  -5.611  1.00 45.49 ? 18  ALA A CB    1 
ATOM   108 N N     . GLU A 1 19 ? -6.495  -8.396  -2.503  1.00 46.87 ? 19  GLU A N     1 
ATOM   109 C CA    . GLU A 1 19 ? -6.129  -8.195  -1.108  1.00 44.98 ? 19  GLU A CA    1 
ATOM   110 C C     . GLU A 1 19 ? -4.711  -8.647  -0.868  1.00 43.03 ? 19  GLU A C     1 
ATOM   111 O O     . GLU A 1 19 ? -4.458  -9.853  -0.802  1.00 41.30 ? 19  GLU A O     1 
ATOM   112 C CB    . GLU A 1 19 ? -7.054  -8.968  -0.184  1.00 48.38 ? 19  GLU A CB    1 
ATOM   113 C CG    . GLU A 1 19 ? -8.109  -8.140  0.493   1.00 49.91 ? 19  GLU A CG    1 
ATOM   114 C CD    . GLU A 1 19 ? -8.908  -8.976  1.464   1.00 53.62 ? 19  GLU A CD    1 
ATOM   115 O OE1   . GLU A 1 19 ? -9.065  -8.554  2.630   1.00 59.39 ? 19  GLU A OE1   1 
ATOM   116 O OE2   . GLU A 1 19 ? -9.362  -10.067 1.060   1.00 52.94 ? 19  GLU A OE2   1 
ATOM   117 N N     . LEU A 1 20 ? -3.791  -7.698  -0.727  1.00 37.86 ? 20  LEU A N     1 
ATOM   118 C CA    . LEU A 1 20 ? -2.379  -8.044  -0.635  1.00 39.92 ? 20  LEU A CA    1 
ATOM   119 C C     . LEU A 1 20 ? -1.754  -7.574  0.648   1.00 36.85 ? 20  LEU A C     1 
ATOM   120 O O     . LEU A 1 20 ? -2.098  -6.516  1.147   1.00 34.41 ? 20  LEU A O     1 
ATOM   121 C CB    . LEU A 1 20 ? -1.609  -7.442  -1.800  1.00 37.66 ? 20  LEU A CB    1 
ATOM   122 C CG    . LEU A 1 20 ? -2.096  -7.849  -3.184  1.00 39.13 ? 20  LEU A CG    1 
ATOM   123 C CD1   . LEU A 1 20 ? -1.334  -7.019  -4.174  1.00 38.71 ? 20  LEU A CD1   1 
ATOM   124 C CD2   . LEU A 1 20 ? -1.843  -9.347  -3.423  1.00 36.04 ? 20  LEU A CD2   1 
ATOM   125 N N     . VAL A 1 21 ? -0.825  -8.366  1.173   1.00 34.03 ? 21  VAL A N     1 
ATOM   126 C CA    . VAL A 1 21 ? -0.013  -7.917  2.284   1.00 34.47 ? 21  VAL A CA    1 
ATOM   127 C C     . VAL A 1 21 ? 1.098   -7.070  1.690   1.00 35.90 ? 21  VAL A C     1 
ATOM   128 O O     . VAL A 1 21 ? 1.802   -7.502  0.766   1.00 34.47 ? 21  VAL A O     1 
ATOM   129 C CB    . VAL A 1 21 ? 0.573   -9.078  3.108   1.00 33.64 ? 21  VAL A CB    1 
ATOM   130 C CG1   . VAL A 1 21 ? 1.395   -8.539  4.269   1.00 36.41 ? 21  VAL A CG1   1 
ATOM   131 C CG2   . VAL A 1 21 ? -0.540  -9.958  3.642   1.00 34.90 ? 21  VAL A CG2   1 
ATOM   132 N N     . PRO A 1 22 ? 1.236   -5.837  2.182   1.00 36.98 ? 22  PRO A N     1 
ATOM   133 C CA    . PRO A 1 22 ? 2.319   -4.982  1.691   1.00 34.50 ? 22  PRO A CA    1 
ATOM   134 C C     . PRO A 1 22 ? 3.648   -5.498  2.188   1.00 36.24 ? 22  PRO A C     1 
ATOM   135 O O     . PRO A 1 22 ? 3.732   -5.979  3.320   1.00 39.53 ? 22  PRO A O     1 
ATOM   136 C CB    . PRO A 1 22 ? 1.987   -3.610  2.284   1.00 33.73 ? 22  PRO A CB    1 
ATOM   137 C CG    . PRO A 1 22 ? 1.166   -3.922  3.493   1.00 39.34 ? 22  PRO A CG    1 
ATOM   138 C CD    . PRO A 1 22 ? 0.404   -5.175  3.205   1.00 34.55 ? 22  PRO A CD    1 
ATOM   139 N N     . GLU A 1 23 ? 4.674   -5.422  1.350   1.00 30.07 ? 23  GLU A N     1 
ATOM   140 C CA    . GLU A 1 23 ? 6.028   -5.733  1.789   1.00 30.67 ? 23  GLU A CA    1 
ATOM   141 C C     . GLU A 1 23 ? 6.554   -4.720  2.813   1.00 37.98 ? 23  GLU A C     1 
ATOM   142 O O     . GLU A 1 23 ? 7.250   -5.080  3.771   1.00 35.06 ? 23  GLU A O     1 
ATOM   143 C CB    . GLU A 1 23 ? 6.968   -5.785  0.583   1.00 33.24 ? 23  GLU A CB    1 
ATOM   144 C CG    . GLU A 1 23 ? 8.430   -5.884  0.945   1.00 39.59 ? 23  GLU A CG    1 
ATOM   145 C CD    . GLU A 1 23 ? 9.269   -6.347  -0.221  1.00 43.92 ? 23  GLU A CD    1 
ATOM   146 O OE1   . GLU A 1 23 ? 8.678   -6.792  -1.223  1.00 40.07 ? 23  GLU A OE1   1 
ATOM   147 O OE2   . GLU A 1 23 ? 10.517  -6.273  -0.135  1.00 48.59 ? 23  GLU A OE2   1 
ATOM   148 N N     . LYS A 1 24 ? 6.229   -3.451  2.610   1.00 34.17 ? 24  LYS A N     1 
ATOM   149 C CA    . LYS A 1 24 ? 6.748   -2.385  3.479   1.00 37.30 ? 24  LYS A CA    1 
ATOM   150 C C     . LYS A 1 24 ? 5.765   -1.236  3.495   1.00 32.32 ? 24  LYS A C     1 
ATOM   151 O O     . LYS A 1 24 ? 5.136   -0.954  2.483   1.00 30.34 ? 24  LYS A O     1 
ATOM   152 C CB    . LYS A 1 24 ? 8.122   -1.916  2.993   1.00 37.27 ? 24  LYS A CB    1 
ATOM   153 C CG    . LYS A 1 24 ? 8.581   -0.578  3.563   1.00 39.69 ? 24  LYS A CG    1 
ATOM   154 C CD    . LYS A 1 24 ? 9.456   -0.790  4.801   1.00 46.13 ? 24  LYS A CD    1 
ATOM   155 C CE    . LYS A 1 24 ? 9.818   0.529   5.497   1.00 43.63 ? 24  LYS A CE    1 
ATOM   156 N NZ    . LYS A 1 24 ? 10.738  0.294   6.656   1.00 48.52 ? 24  LYS A NZ    1 
ATOM   157 N N     . VAL A 1 25 ? 5.605   -0.588  4.650   1.00 34.49 ? 25  VAL A N     1 
ATOM   158 C CA    . VAL A 1 25 ? 4.669   0.524   4.796   1.00 31.46 ? 25  VAL A CA    1 
ATOM   159 C C     . VAL A 1 25 ? 5.349   1.687   5.534   1.00 33.28 ? 25  VAL A C     1 
ATOM   160 O O     . VAL A 1 25 ? 6.213   1.477   6.386   1.00 32.91 ? 25  VAL A O     1 
ATOM   161 C CB    . VAL A 1 25 ? 3.386   0.100   5.550   1.00 37.02 ? 25  VAL A CB    1 
ATOM   162 C CG1   . VAL A 1 25 ? 2.726   -1.094  4.868   1.00 37.65 ? 25  VAL A CG1   1 
ATOM   163 C CG2   . VAL A 1 25 ? 3.705   -0.248  6.992   1.00 39.40 ? 25  VAL A CG2   1 
ATOM   164 N N     . TRP A 1 26 ? 5.008   2.911   5.159   1.00 32.69 ? 26  TRP A N     1 
ATOM   165 C CA    . TRP A 1 26 ? 5.539   4.083   5.840   1.00 32.97 ? 26  TRP A CA    1 
ATOM   166 C C     . TRP A 1 26 ? 4.604   5.263   5.648   1.00 34.43 ? 26  TRP A C     1 
ATOM   167 O O     . TRP A 1 26 ? 3.694   5.222   4.824   1.00 34.46 ? 26  TRP A O     1 
ATOM   168 C CB    . TRP A 1 26 ? 6.952   4.416   5.345   1.00 36.71 ? 26  TRP A CB    1 
ATOM   169 C CG    . TRP A 1 26 ? 7.028   4.791   3.896   1.00 32.81 ? 26  TRP A CG    1 
ATOM   170 C CD1   . TRP A 1 26 ? 7.082   6.050   3.382   1.00 33.60 ? 26  TRP A CD1   1 
ATOM   171 C CD2   . TRP A 1 26 ? 7.053   3.892   2.778   1.00 32.91 ? 26  TRP A CD2   1 
ATOM   172 N NE1   . TRP A 1 26 ? 7.144   6.002   2.001   1.00 34.40 ? 26  TRP A NE1   1 
ATOM   173 C CE2   . TRP A 1 26 ? 7.127   4.689   1.605   1.00 35.22 ? 26  TRP A CE2   1 
ATOM   174 C CE3   . TRP A 1 26 ? 7.016   2.500   2.644   1.00 35.39 ? 26  TRP A CE3   1 
ATOM   175 C CZ2   . TRP A 1 26 ? 7.169   4.130   0.320   1.00 34.97 ? 26  TRP A CZ2   1 
ATOM   176 C CZ3   . TRP A 1 26 ? 7.063   1.943   1.361   1.00 32.26 ? 26  TRP A CZ3   1 
ATOM   177 C CH2   . TRP A 1 26 ? 7.131   2.756   0.223   1.00 30.71 ? 26  TRP A CH2   1 
ATOM   178 N N     . ALA A 1 27 ? 4.818   6.313   6.432   1.00 35.23 ? 27  ALA A N     1 
ATOM   179 C CA    . ALA A 1 27 ? 4.034   7.536   6.298   1.00 37.33 ? 27  ALA A CA    1 
ATOM   180 C C     . ALA A 1 27 ? 4.692   8.513   5.331   1.00 31.24 ? 27  ALA A C     1 
ATOM   181 O O     . ALA A 1 27 ? 5.908   8.703   5.375   1.00 34.00 ? 27  ALA A O     1 
ATOM   182 C CB    . ALA A 1 27 ? 3.853   8.194   7.670   1.00 41.14 ? 27  ALA A CB    1 
ATOM   183 N N     . LEU A 1 28 ? 3.899   9.127   4.464   1.00 34.08 ? 28  LEU A N     1 
ATOM   184 C CA    . LEU A 1 28 ? 4.407   10.162  3.562   1.00 34.58 ? 28  LEU A CA    1 
ATOM   185 C C     . LEU A 1 28 ? 3.710   11.490  3.823   1.00 33.78 ? 28  LEU A C     1 
ATOM   186 O O     . LEU A 1 28 ? 2.557   11.691  3.422   1.00 33.79 ? 28  LEU A O     1 
ATOM   187 C CB    . LEU A 1 28 ? 4.223   9.750   2.099   1.00 32.26 ? 28  LEU A CB    1 
ATOM   188 C CG    . LEU A 1 28 ? 4.705   10.755  1.067   1.00 33.35 ? 28  LEU A CG    1 
ATOM   189 C CD1   . LEU A 1 28 ? 6.203   10.916  1.132   1.00 32.90 ? 28  LEU A CD1   1 
ATOM   190 C CD2   . LEU A 1 28 ? 4.294   10.278  -0.303  1.00 32.09 ? 28  LEU A CD2   1 
ATOM   191 N N     . ALA A 1 29 ? 4.422   12.401  4.478   1.00 34.96 ? 29  ALA A N     1 
ATOM   192 C CA    . ALA A 1 29 ? 3.802   13.593  5.034   1.00 35.32 ? 29  ALA A CA    1 
ATOM   193 C C     . ALA A 1 29 ? 4.797   14.734  5.133   1.00 34.32 ? 29  ALA A C     1 
ATOM   194 O O     . ALA A 1 29 ? 5.848   14.577  5.739   1.00 34.12 ? 29  ALA A O     1 
ATOM   195 C CB    . ALA A 1 29 ? 3.228   13.286  6.411   1.00 37.21 ? 29  ALA A CB    1 
ATOM   196 N N     . PRO A 1 30 ? 4.473   15.893  4.542   1.00 34.26 ? 30  PRO A N     1 
ATOM   197 C CA    . PRO A 1 30 ? 5.276   17.098  4.813   1.00 37.24 ? 30  PRO A CA    1 
ATOM   198 C C     . PRO A 1 30 ? 5.193   17.498  6.290   1.00 35.07 ? 30  PRO A C     1 
ATOM   199 O O     . PRO A 1 30 ? 4.253   17.083  6.962   1.00 34.75 ? 30  PRO A O     1 
ATOM   200 C CB    . PRO A 1 30 ? 4.630   18.166  3.932   1.00 33.31 ? 30  PRO A CB    1 
ATOM   201 C CG    . PRO A 1 30 ? 3.813   17.403  2.922   1.00 36.90 ? 30  PRO A CG    1 
ATOM   202 C CD    . PRO A 1 30 ? 3.353   16.170  3.631   1.00 35.11 ? 30  PRO A CD    1 
ATOM   203 N N     . LYS A 1 31 ? 6.154   18.279  6.783   1.00 35.86 ? 31  LYS A N     1 
ATOM   204 C CA    . LYS A 1 31 ? 6.081   18.842  8.130   1.00 36.33 ? 31  LYS A CA    1 
ATOM   205 C C     . LYS A 1 31 ? 4.728   19.457  8.406   1.00 34.92 ? 31  LYS A C     1 
ATOM   206 O O     . LYS A 1 31 ? 4.215   20.196  7.575   1.00 34.16 ? 31  LYS A O     1 
ATOM   207 C CB    . LYS A 1 31 ? 7.148   19.924  8.328   1.00 34.32 ? 31  LYS A CB    1 
ATOM   208 C CG    . LYS A 1 31 ? 8.391   19.442  9.023   1.00 42.98 ? 31  LYS A CG    1 
ATOM   209 C CD    . LYS A 1 31 ? 9.126   18.445  8.197   1.00 38.73 ? 31  LYS A CD    1 
ATOM   210 C CE    . LYS A 1 31 ? 10.466  18.120  8.819   1.00 41.57 ? 31  LYS A CE    1 
ATOM   211 N NZ    . LYS A 1 31 ? 11.064  17.057  8.019   1.00 36.16 ? 31  LYS A NZ    1 
ATOM   212 N N     . GLY A 1 32 ? 4.151   19.162  9.568   1.00 34.77 ? 32  GLY A N     1 
ATOM   213 C CA    . GLY A 1 32 ? 2.923   19.811  9.988   1.00 34.99 ? 32  GLY A CA    1 
ATOM   214 C C     . GLY A 1 32 ? 1.681   19.407  9.220   1.00 38.08 ? 32  GLY A C     1 
ATOM   215 O O     . GLY A 1 32 ? 0.637   20.050  9.348   1.00 34.03 ? 32  GLY A O     1 
ATOM   216 N N     . ARG A 1 33 ? 1.796   18.346  8.426   1.00 37.03 ? 33  ARG A N     1 
ATOM   217 C CA    . ARG A 1 33 ? 0.680   17.829  7.637   1.00 37.15 ? 33  ARG A CA    1 
ATOM   218 C C     . ARG A 1 33 ? 0.317   16.423  8.086   1.00 37.55 ? 33  ARG A C     1 
ATOM   219 O O     . ARG A 1 33 ? 1.193   15.670  8.522   1.00 35.75 ? 33  ARG A O     1 
ATOM   220 C CB    . ARG A 1 33 ? 1.025   17.793  6.145   1.00 34.60 ? 33  ARG A CB    1 
ATOM   221 C CG    . ARG A 1 33 ? 1.266   19.137  5.473   1.00 38.90 ? 33  ARG A CG    1 
ATOM   222 C CD    . ARG A 1 33 ? -0.018  19.942  5.366   1.00 44.95 ? 33  ARG A CD    1 
ATOM   223 N NE    . ARG A 1 33 ? 0.103   21.059  4.436   1.00 50.44 ? 33  ARG A NE    1 
ATOM   224 C CZ    . ARG A 1 33 ? -0.809  22.024  4.320   1.00 54.62 ? 33  ARG A CZ    1 
ATOM   225 N NH1   . ARG A 1 33 ? -1.891  22.002  5.086   1.00 52.00 ? 33  ARG A NH1   1 
ATOM   226 N NH2   . ARG A 1 33 ? -0.638  23.011  3.452   1.00 50.57 ? 33  ARG A NH2   1 
ATOM   227 N N     . LYS A 1 34 ? -0.953  16.040  7.942   1.00 38.29 ? 34  LYS A N     1 
ATOM   228 C CA    . LYS A 1 34 ? -1.325  14.649  8.229   1.00 40.33 ? 34  LYS A CA    1 
ATOM   229 C C     . LYS A 1 34 ? -0.730  13.682  7.189   1.00 40.93 ? 34  LYS A C     1 
ATOM   230 O O     . LYS A 1 34 ? -0.212  12.628  7.537   1.00 36.34 ? 34  LYS A O     1 
ATOM   231 C CB    . LYS A 1 34 ? -2.843  14.479  8.286   1.00 41.63 ? 34  LYS A CB    1 
ATOM   232 C CG    . LYS A 1 34 ? -3.252  13.121  8.858   1.00 48.13 ? 34  LYS A CG    1 
ATOM   233 C CD    . LYS A 1 34 ? -4.711  12.780  8.577   1.00 52.72 ? 34  LYS A CD    1 
ATOM   234 C CE    . LYS A 1 34 ? -5.003  11.342  8.974   1.00 55.12 ? 34  LYS A CE    1 
ATOM   235 N NZ    . LYS A 1 34 ? -6.110  10.758  8.156   1.00 64.99 ? 34  LYS A NZ    1 
ATOM   236 N N     . GLY A 1 35 ? -0.819  14.036  5.911   1.00 38.10 ? 35  GLY A N     1 
ATOM   237 C CA    . GLY A 1 35 ? -0.237  13.209  4.870   1.00 38.65 ? 35  GLY A CA    1 
ATOM   238 C C     . GLY A 1 35 ? -0.972  11.896  4.679   1.00 41.17 ? 35  GLY A C     1 
ATOM   239 O O     . GLY A 1 35 ? -2.144  11.755  5.038   1.00 37.95 ? 35  GLY A O     1 
ATOM   240 N N     . VAL A 1 36 ? -0.287  10.930  4.083   1.00 40.35 ? 36  VAL A N     1 
ATOM   241 C CA    . VAL A 1 36 ? -0.908  9.652   3.764   1.00 37.28 ? 36  VAL A CA    1 
ATOM   242 C C     . VAL A 1 36 ? 0.018   8.524   4.141   1.00 38.93 ? 36  VAL A C     1 
ATOM   243 O O     . VAL A 1 36 ? 1.203   8.747   4.433   1.00 36.37 ? 36  VAL A O     1 
ATOM   244 C CB    . VAL A 1 36 ? -1.255  9.519   2.260   1.00 40.15 ? 36  VAL A CB    1 
ATOM   245 C CG1   . VAL A 1 36 ? -2.148  10.643  1.816   1.00 40.02 ? 36  VAL A CG1   1 
ATOM   246 C CG2   . VAL A 1 36 ? 0.018   9.489   1.413   1.00 37.38 ? 36  VAL A CG2   1 
ATOM   247 N N     . LYS A 1 37 ? -0.524  7.308   4.139   1.00 32.80 ? 37  LYS A N     1 
ATOM   248 C CA    . LYS A 1 37 ? 0.279   6.130   4.370   1.00 37.25 ? 37  LYS A CA    1 
ATOM   249 C C     . LYS A 1 37 ? 0.455   5.397   3.048   1.00 35.47 ? 37  LYS A C     1 
ATOM   250 O O     . LYS A 1 37 ? -0.483  5.280   2.272   1.00 33.12 ? 37  LYS A O     1 
ATOM   251 C CB    . LYS A 1 37 ? -0.366  5.241   5.425   1.00 40.77 ? 37  LYS A CB    1 
ATOM   252 C CG    . LYS A 1 37 ? -0.292  5.854   6.830   1.00 40.52 ? 37  LYS A CG    1 
ATOM   253 C CD    . LYS A 1 37 ? -1.196  5.125   7.815   1.00 44.72 ? 37  LYS A CD    1 
ATOM   254 C CE    . LYS A 1 37 ? -1.057  5.704   9.225   1.00 49.56 ? 37  LYS A CE    1 
ATOM   255 N NZ    . LYS A 1 37 ? -1.892  4.929   10.188  1.00 51.28 ? 37  LYS A NZ    1 
ATOM   256 N N     . ILE A 1 38 ? 1.679   4.949   2.795   1.00 33.36 ? 38  ILE A N     1 
ATOM   257 C CA    . ILE A 1 38 ? 2.027   4.319   1.538   1.00 33.91 ? 38  ILE A CA    1 
ATOM   258 C C     . ILE A 1 38 ? 2.498   2.894   1.778   1.00 31.20 ? 38  ILE A C     1 
ATOM   259 O O     . ILE A 1 38 ? 3.219   2.620   2.738   1.00 31.75 ? 38  ILE A O     1 
ATOM   260 C CB    . ILE A 1 38 ? 3.128   5.121   0.789   1.00 35.52 ? 38  ILE A CB    1 
ATOM   261 C CG1   . ILE A 1 38 ? 2.624   6.521   0.447   1.00 34.87 ? 38  ILE A CG1   1 
ATOM   262 C CG2   . ILE A 1 38 ? 3.579   4.405   -0.500  1.00 32.51 ? 38  ILE A CG2   1 
ATOM   263 C CD1   . ILE A 1 38 ? 1.479   6.524   -0.517  1.00 32.66 ? 38  ILE A CD1   1 
ATOM   264 N N     . GLY A 1 39 ? 2.075   1.984   0.909   1.00 32.72 ? 39  GLY A N     1 
ATOM   265 C CA    . GLY A 1 39 ? 2.604   0.639   0.935   1.00 31.26 ? 39  GLY A CA    1 
ATOM   266 C C     . GLY A 1 39 ? 3.324   0.255   -0.345  1.00 32.03 ? 39  GLY A C     1 
ATOM   267 O O     . GLY A 1 39 ? 2.973   0.732   -1.421  1.00 31.60 ? 39  GLY A O     1 
ATOM   268 N N     . LEU A 1 40 ? 4.338   -0.601  -0.216  1.00 29.17 ? 40  LEU A N     1 
ATOM   269 C CA    . LEU A 1 40 ? 4.995   -1.209  -1.359  1.00 28.70 ? 40  LEU A CA    1 
ATOM   270 C C     . LEU A 1 40 ? 4.442   -2.609  -1.500  1.00 29.15 ? 40  LEU A C     1 
ATOM   271 O O     . LEU A 1 40 ? 4.488   -3.382  -0.544  1.00 29.01 ? 40  LEU A O     1 
ATOM   272 C CB    . LEU A 1 40 ? 6.519   -1.266  -1.181  1.00 28.62 ? 40  LEU A CB    1 
ATOM   273 C CG    . LEU A 1 40 ? 7.319   -2.003  -2.258  1.00 28.04 ? 40  LEU A CG    1 
ATOM   274 C CD1   . LEU A 1 40 ? 7.372   -1.208  -3.572  1.00 29.90 ? 40  LEU A CD1   1 
ATOM   275 C CD2   . LEU A 1 40 ? 8.720   -2.327  -1.766  1.00 33.34 ? 40  LEU A CD2   1 
ATOM   276 N N     . PHE A 1 41 ? 3.934   -2.916  -2.690  1.00 31.20 ? 41  PHE A N     1 
ATOM   277 C CA    . PHE A 1 41 ? 3.281   -4.184  -3.009  1.00 29.79 ? 41  PHE A CA    1 
ATOM   278 C C     . PHE A 1 41 ? 3.970   -4.865  -4.190  1.00 32.86 ? 41  PHE A C     1 
ATOM   279 O O     . PHE A 1 41 ? 4.575   -4.206  -5.045  1.00 30.63 ? 41  PHE A O     1 
ATOM   280 C CB    . PHE A 1 41 ? 1.796   -3.955  -3.353  1.00 30.62 ? 41  PHE A CB    1 
ATOM   281 C CG    . PHE A 1 41 ? 0.973   -3.396  -2.223  1.00 33.08 ? 41  PHE A CG    1 
ATOM   282 C CD1   . PHE A 1 41 ? 0.267   -4.242  -1.374  1.00 32.90 ? 41  PHE A CD1   1 
ATOM   283 C CD2   . PHE A 1 41 ? 0.881   -2.021  -2.021  1.00 35.05 ? 41  PHE A CD2   1 
ATOM   284 C CE1   . PHE A 1 41 ? -0.492  -3.733  -0.327  1.00 36.09 ? 41  PHE A CE1   1 
ATOM   285 C CE2   . PHE A 1 41 ? 0.120   -1.505  -0.984  1.00 31.87 ? 41  PHE A CE2   1 
ATOM   286 C CZ    . PHE A 1 41 ? -0.568  -2.365  -0.136  1.00 34.18 ? 41  PHE A CZ    1 
ATOM   287 N N     . LYS A 1 42 ? 3.861   -6.184  -4.255  1.00 32.48 ? 42  LYS A N     1 
ATOM   288 C CA    . LYS A 1 42 ? 4.251   -6.905  -5.463  1.00 34.05 ? 42  LYS A CA    1 
ATOM   289 C C     . LYS A 1 42 ? 3.000   -7.508  -6.106  1.00 37.82 ? 42  LYS A C     1 
ATOM   290 O O     . LYS A 1 42 ? 2.205   -8.180  -5.441  1.00 36.11 ? 42  LYS A O     1 
ATOM   291 C CB    . LYS A 1 42 ? 5.301   -7.984  -5.152  1.00 37.88 ? 42  LYS A CB    1 
ATOM   292 C CG    . LYS A 1 42 ? 6.195   -8.352  -6.351  1.00 38.17 ? 42  LYS A CG    1 
ATOM   293 C CD    . LYS A 1 42 ? 7.322   -9.321  -5.975  1.00 40.78 ? 42  LYS A CD    1 
ATOM   294 C CE    . LYS A 1 42 ? 8.341   -9.525  -7.113  1.00 42.50 ? 42  LYS A CE    1 
ATOM   295 N NZ    . LYS A 1 42 ? 9.635   -10.127 -6.624  1.00 45.14 ? 42  LYS A NZ    1 
ATOM   296 N N     . ASP A 1 43 ? 2.799   -7.227  -7.392  1.00 33.56 ? 43  ASP A N     1 
ATOM   297 C CA    . ASP A 1 43 ? 1.696   -7.833  -8.135  1.00 36.98 ? 43  ASP A CA    1 
ATOM   298 C C     . ASP A 1 43 ? 1.907   -9.348  -8.130  1.00 37.64 ? 43  ASP A C     1 
ATOM   299 O O     . ASP A 1 43 ? 2.970   -9.825  -8.508  1.00 37.47 ? 43  ASP A O     1 
ATOM   300 C CB    . ASP A 1 43 ? 1.635   -7.270  -9.557  1.00 41.21 ? 43  ASP A CB    1 
ATOM   301 C CG    . ASP A 1 43 ? 0.396   -7.718  -10.322 1.00 45.43 ? 43  ASP A CG    1 
ATOM   302 O OD1   . ASP A 1 43 ? 0.146   -8.937  -10.381 1.00 43.71 ? 43  ASP A OD1   1 
ATOM   303 O OD2   . ASP A 1 43 ? -0.323  -6.845  -10.857 1.00 45.08 ? 43  ASP A OD2   1 
ATOM   304 N N     . PRO A 1 44 ? 0.904   -10.108 -7.665  1.00 38.35 ? 44  PRO A N     1 
ATOM   305 C CA    . PRO A 1 44 ? 1.114   -11.531 -7.359  1.00 40.20 ? 44  PRO A CA    1 
ATOM   306 C C     . PRO A 1 44 ? 1.259   -12.425 -8.591  1.00 47.24 ? 44  PRO A C     1 
ATOM   307 O O     . PRO A 1 44 ? 1.784   -13.530 -8.455  1.00 48.55 ? 44  PRO A O     1 
ATOM   308 C CB    . PRO A 1 44 ? -0.147  -11.902 -6.575  1.00 42.62 ? 44  PRO A CB    1 
ATOM   309 C CG    . PRO A 1 44 ? -1.189  -10.994 -7.129  1.00 43.28 ? 44  PRO A CG    1 
ATOM   310 C CD    . PRO A 1 44 ? -0.473  -9.680  -7.368  1.00 40.97 ? 44  PRO A CD    1 
ATOM   311 N N     . GLU A 1 45 ? 0.813   -11.961 -9.756  1.00 42.39 ? 45  GLU A N     1 
ATOM   312 C CA    . GLU A 1 45 ? 0.965   -12.743 -10.978 1.00 50.12 ? 45  GLU A CA    1 
ATOM   313 C C     . GLU A 1 45 ? 2.011   -12.179 -11.950 1.00 49.20 ? 45  GLU A C     1 
ATOM   314 O O     . GLU A 1 45 ? 2.653   -12.948 -12.676 1.00 49.64 ? 45  GLU A O     1 
ATOM   315 C CB    . GLU A 1 45 ? -0.378  -12.877 -11.693 1.00 50.20 ? 45  GLU A CB    1 
ATOM   316 C CG    . GLU A 1 45 ? -1.168  -11.583 -11.838 1.00 53.18 ? 45  GLU A CG    1 
ATOM   317 C CD    . GLU A 1 45 ? -2.492  -11.806 -12.562 1.00 63.03 ? 45  GLU A CD    1 
ATOM   318 O OE1   . GLU A 1 45 ? -2.484  -11.888 -13.814 1.00 65.53 ? 45  GLU A OE1   1 
ATOM   319 O OE2   . GLU A 1 45 ? -3.535  -11.915 -11.875 1.00 65.65 ? 45  GLU A OE2   1 
ATOM   320 N N     . THR A 1 46 ? 2.203   -10.859 -11.966 1.00 45.57 ? 46  THR A N     1 
ATOM   321 C CA    . THR A 1 46 ? 3.149   -10.261 -12.910 1.00 40.55 ? 46  THR A CA    1 
ATOM   322 C C     . THR A 1 46 ? 4.509   -10.029 -12.284 1.00 40.78 ? 46  THR A C     1 
ATOM   323 O O     . THR A 1 46 ? 5.514   -9.948  -12.991 1.00 36.37 ? 46  THR A O     1 
ATOM   324 C CB    . THR A 1 46 ? 2.615   -8.938  -13.484 1.00 43.20 ? 46  THR A CB    1 
ATOM   325 O OG1   . THR A 1 46 ? 2.741   -7.893  -12.513 1.00 39.40 ? 46  THR A OG1   1 
ATOM   326 C CG2   . THR A 1 46 ? 1.157   -9.081  -13.884 1.00 45.82 ? 46  THR A CG2   1 
ATOM   327 N N     . GLY A 1 47 ? 4.543   -9.933  -10.953 1.00 41.80 ? 47  GLY A N     1 
ATOM   328 C CA    . GLY A 1 47 ? 5.788   -9.750  -10.228 1.00 38.87 ? 47  GLY A CA    1 
ATOM   329 C C     . GLY A 1 47 ? 6.260   -8.307  -10.192 1.00 39.09 ? 47  GLY A C     1 
ATOM   330 O O     . GLY A 1 47 ? 7.345   -7.999  -9.683  1.00 39.23 ? 47  GLY A O     1 
ATOM   331 N N     . LYS A 1 48 ? 5.445   -7.406  -10.725 1.00 36.87 ? 48  LYS A N     1 
ATOM   332 C CA    . LYS A 1 48 ? 5.834   -6.005  -10.763 1.00 36.82 ? 48  LYS A CA    1 
ATOM   333 C C     . LYS A 1 48 ? 5.583   -5.315  -9.413  1.00 35.72 ? 48  LYS A C     1 
ATOM   334 O O     . LYS A 1 48 ? 4.530   -5.480  -8.801  1.00 33.69 ? 48  LYS A O     1 
ATOM   335 C CB    . LYS A 1 48 ? 5.103   -5.273  -11.885 1.00 38.39 ? 48  LYS A CB    1 
ATOM   336 C CG    . LYS A 1 48 ? 5.642   -3.862  -12.089 1.00 41.01 ? 48  LYS A CG    1 
ATOM   337 C CD    . LYS A 1 48 ? 5.244   -3.278  -13.408 1.00 49.36 ? 48  LYS A CD    1 
ATOM   338 C CE    . LYS A 1 48 ? 6.036   -2.008  -13.669 1.00 48.30 ? 48  LYS A CE    1 
ATOM   339 N NZ    . LYS A 1 48 ? 5.565   -1.377  -14.923 1.00 60.38 ? 48  LYS A NZ    1 
ATOM   340 N N     . TYR A 1 49 ? 6.579   -4.562  -8.955  1.00 34.79 ? 49  TYR A N     1 
ATOM   341 C CA    . TYR A 1 49 ? 6.471   -3.801  -7.722  1.00 33.31 ? 49  TYR A CA    1 
ATOM   342 C C     . TYR A 1 49 ? 5.733   -2.513  -7.965  1.00 37.32 ? 49  TYR A C     1 
ATOM   343 O O     . TYR A 1 49 ? 5.948   -1.863  -8.984  1.00 35.20 ? 49  TYR A O     1 
ATOM   344 C CB    . TYR A 1 49 ? 7.850   -3.491  -7.162  1.00 33.12 ? 49  TYR A CB    1 
ATOM   345 C CG    . TYR A 1 49 ? 8.373   -4.525  -6.213  1.00 33.60 ? 49  TYR A CG    1 
ATOM   346 C CD1   . TYR A 1 49 ? 7.906   -4.579  -4.910  1.00 34.91 ? 49  TYR A CD1   1 
ATOM   347 C CD2   . TYR A 1 49 ? 9.341   -5.440  -6.606  1.00 35.81 ? 49  TYR A CD2   1 
ATOM   348 C CE1   . TYR A 1 49 ? 8.375   -5.526  -4.016  1.00 32.74 ? 49  TYR A CE1   1 
ATOM   349 C CE2   . TYR A 1 49 ? 9.827   -6.387  -5.716  1.00 37.09 ? 49  TYR A CE2   1 
ATOM   350 C CZ    . TYR A 1 49 ? 9.335   -6.422  -4.421  1.00 37.06 ? 49  TYR A CZ    1 
ATOM   351 O OH    . TYR A 1 49 ? 9.795   -7.350  -3.518  1.00 39.89 ? 49  TYR A OH    1 
ATOM   352 N N     . PHE A 1 50 ? 4.881   -2.120  -7.024  1.00 32.57 ? 50  PHE A N     1 
ATOM   353 C CA    . PHE A 1 50 ? 4.175   -0.860  -7.154  1.00 30.37 ? 50  PHE A CA    1 
ATOM   354 C C     . PHE A 1 50 ? 3.827   -0.338  -5.778  1.00 35.29 ? 50  PHE A C     1 
ATOM   355 O O     . PHE A 1 50 ? 3.704   -1.120  -4.819  1.00 29.44 ? 50  PHE A O     1 
ATOM   356 C CB    . PHE A 1 50 ? 2.906   -1.015  -7.992  1.00 35.95 ? 50  PHE A CB    1 
ATOM   357 C CG    . PHE A 1 50 ? 1.866   -1.922  -7.369  1.00 34.92 ? 50  PHE A CG    1 
ATOM   358 C CD1   . PHE A 1 50 ? 0.787   -1.387  -6.677  1.00 35.31 ? 50  PHE A CD1   1 
ATOM   359 C CD2   . PHE A 1 50 ? 1.959   -3.302  -7.496  1.00 34.95 ? 50  PHE A CD2   1 
ATOM   360 C CE1   . PHE A 1 50 ? -0.178  -2.215  -6.113  1.00 35.46 ? 50  PHE A CE1   1 
ATOM   361 C CE2   . PHE A 1 50 ? 1.009   -4.132  -6.936  1.00 32.87 ? 50  PHE A CE2   1 
ATOM   362 C CZ    . PHE A 1 50 ? -0.062  -3.592  -6.242  1.00 34.82 ? 50  PHE A CZ    1 
ATOM   363 N N     . ARG A 1 51 ? 3.692   0.981   -5.691  1.00 31.31 ? 51  ARG A N     1 
ATOM   364 C CA    . ARG A 1 51 ? 3.248   1.661   -4.476  1.00 30.22 ? 51  ARG A CA    1 
ATOM   365 C C     . ARG A 1 51 ? 1.775   2.029   -4.556  1.00 32.40 ? 51  ARG A C     1 
ATOM   366 O O     . ARG A 1 51 ? 1.236   2.250   -5.630  1.00 31.08 ? 51  ARG A O     1 
ATOM   367 C CB    . ARG A 1 51 ? 4.072   2.932   -4.243  1.00 28.58 ? 51  ARG A CB    1 
ATOM   368 C CG    . ARG A 1 51 ? 5.512   2.647   -3.878  1.00 30.04 ? 51  ARG A CG    1 
ATOM   369 C CD    . ARG A 1 51 ? 6.402   3.860   -4.065  1.00 35.38 ? 51  ARG A CD    1 
ATOM   370 N NE    . ARG A 1 51 ? 7.692   3.606   -3.442  1.00 35.75 ? 51  ARG A NE    1 
ATOM   371 C CZ    . ARG A 1 51 ? 8.599   2.764   -3.928  1.00 36.05 ? 51  ARG A CZ    1 
ATOM   372 N NH1   . ARG A 1 51 ? 8.375   2.118   -5.078  1.00 33.03 ? 51  ARG A NH1   1 
ATOM   373 N NH2   . ARG A 1 51 ? 9.736   2.580   -3.265  1.00 35.57 ? 51  ARG A NH2   1 
ATOM   374 N N     . HIS A 1 52 ? 1.139   2.149   -3.401  1.00 31.18 ? 52  HIS A N     1 
ATOM   375 C CA    . HIS A 1 52 ? -0.278  2.408   -3.371  1.00 33.47 ? 52  HIS A CA    1 
ATOM   376 C C     . HIS A 1 52 ? -0.596  2.945   -1.998  1.00 30.85 ? 52  HIS A C     1 
ATOM   377 O O     . HIS A 1 52 ? 0.052   2.570   -1.025  1.00 33.67 ? 52  HIS A O     1 
ATOM   378 C CB    . HIS A 1 52 ? -1.038  1.117   -3.669  1.00 37.78 ? 52  HIS A CB    1 
ATOM   379 C CG    . HIS A 1 52 ? -2.497  1.303   -3.936  1.00 38.69 ? 52  HIS A CG    1 
ATOM   380 N ND1   . HIS A 1 52 ? -3.392  1.654   -2.954  1.00 42.14 ? 52  HIS A ND1   1 
ATOM   381 C CD2   . HIS A 1 52 ? -3.217  1.123   -5.068  1.00 41.71 ? 52  HIS A CD2   1 
ATOM   382 C CE1   . HIS A 1 52 ? -4.608  1.714   -3.478  1.00 44.32 ? 52  HIS A CE1   1 
ATOM   383 N NE2   . HIS A 1 52 ? -4.530  1.397   -4.749  1.00 46.12 ? 52  HIS A NE2   1 
ATOM   384 N N     . LYS A 1 53 ? -1.555  3.855   -1.925  1.00 33.94 ? 53  LYS A N     1 
ATOM   385 C CA    . LYS A 1 53 ? -1.988  4.412   -0.652  1.00 33.47 ? 53  LYS A CA    1 
ATOM   386 C C     . LYS A 1 53 ? -2.663  3.356   0.224   1.00 38.71 ? 53  LYS A C     1 
ATOM   387 O O     . LYS A 1 53 ? -3.332  2.452   -0.279  1.00 36.82 ? 53  LYS A O     1 
ATOM   388 C CB    . LYS A 1 53 ? -2.953  5.575   -0.894  1.00 40.81 ? 53  LYS A CB    1 
ATOM   389 C CG    . LYS A 1 53 ? -3.467  6.231   0.389   1.00 41.02 ? 53  LYS A CG    1 
ATOM   390 C CD    . LYS A 1 53 ? -4.635  7.165   0.121   1.00 45.89 ? 53  LYS A CD    1 
ATOM   391 C CE    . LYS A 1 53 ? -5.337  7.541   1.429   1.00 53.46 ? 53  LYS A CE    1 
ATOM   392 N NZ    . LYS A 1 53 ? -6.627  8.237   1.163   1.00 55.96 ? 53  LYS A NZ    1 
ATOM   393 N N     . LEU A 1 54 ? -2.481  3.492   1.531   1.00 36.67 ? 54  LEU A N     1 
ATOM   394 C CA    . LEU A 1 54 ? -3.118  2.655   2.537   1.00 38.93 ? 54  LEU A CA    1 
ATOM   395 C C     . LEU A 1 54 ? -4.205  3.440   3.282   1.00 46.92 ? 54  LEU A C     1 
ATOM   396 O O     . LEU A 1 54 ? -4.172  4.666   3.302   1.00 45.70 ? 54  LEU A O     1 
ATOM   397 C CB    . LEU A 1 54 ? -2.079  2.156   3.531   1.00 38.59 ? 54  LEU A CB    1 
ATOM   398 C CG    . LEU A 1 54 ? -0.775  1.628   2.944   1.00 36.45 ? 54  LEU A CG    1 
ATOM   399 C CD1   . LEU A 1 54 ? 0.228   1.425   4.044   1.00 33.55 ? 54  LEU A CD1   1 
ATOM   400 C CD2   . LEU A 1 54 ? -1.035  0.333   2.219   1.00 38.88 ? 54  LEU A CD2   1 
ATOM   401 N N     . PRO A 1 55 ? -5.174  2.738   3.899   1.00 51.41 ? 55  PRO A N     1 
ATOM   402 C CA    . PRO A 1 55 ? -6.147  3.432   4.757   1.00 53.96 ? 55  PRO A CA    1 
ATOM   403 C C     . PRO A 1 55 ? -5.448  4.190   5.877   1.00 53.02 ? 55  PRO A C     1 
ATOM   404 O O     . PRO A 1 55 ? -4.366  3.783   6.309   1.00 50.22 ? 55  PRO A O     1 
ATOM   405 C CB    . PRO A 1 55 ? -7.004  2.293   5.318   1.00 52.72 ? 55  PRO A CB    1 
ATOM   406 C CG    . PRO A 1 55 ? -6.923  1.230   4.280   1.00 52.39 ? 55  PRO A CG    1 
ATOM   407 C CD    . PRO A 1 55 ? -5.521  1.316   3.719   1.00 49.08 ? 55  PRO A CD    1 
ATOM   408 N N     . ASP A 1 56 ? -6.048  5.277   6.348   1.00 54.30 ? 56  ASP A N     1 
ATOM   409 C CA    . ASP A 1 56 ? -5.367  6.115   7.327   1.00 51.17 ? 56  ASP A CA    1 
ATOM   410 C C     . ASP A 1 56 ? -5.205  5.392   8.663   1.00 53.63 ? 56  ASP A C     1 
ATOM   411 O O     . ASP A 1 56 ? -4.250  5.641   9.403   1.00 52.65 ? 56  ASP A O     1 
ATOM   412 C CB    . ASP A 1 56 ? -6.114  7.437   7.494   1.00 58.45 ? 56  ASP A CB    1 
ATOM   413 C CG    . ASP A 1 56 ? -6.308  8.162   6.168   1.00 61.65 ? 56  ASP A CG    1 
ATOM   414 O OD1   . ASP A 1 56 ? -5.327  8.737   5.640   1.00 60.61 ? 56  ASP A OD1   1 
ATOM   415 O OD2   . ASP A 1 56 ? -7.443  8.148   5.639   1.00 67.11 ? 56  ASP A OD2   1 
ATOM   416 N N     . ASP A 1 57 ? -6.099  4.455   8.951   1.00 52.98 ? 57  ASP A N     1 
ATOM   417 C CA    . ASP A 1 57 ? -6.006  3.680   10.188  1.00 54.68 ? 57  ASP A CA    1 
ATOM   418 C C     . ASP A 1 57 ? -5.008  2.512   10.125  1.00 54.34 ? 57  ASP A C     1 
ATOM   419 O O     . ASP A 1 57 ? -4.865  1.767   11.094  1.00 55.34 ? 57  ASP A O     1 
ATOM   420 C CB    . ASP A 1 57 ? -7.390  3.152   10.569  1.00 55.26 ? 57  ASP A CB    1 
ATOM   421 C CG    . ASP A 1 57 ? -8.103  2.485   9.399   1.00 62.33 ? 57  ASP A CG    1 
ATOM   422 O OD1   . ASP A 1 57 ? -7.962  1.251   9.230   1.00 63.57 ? 57  ASP A OD1   1 
ATOM   423 O OD2   . ASP A 1 57 ? -8.811  3.197   8.644   1.00 66.66 ? 57  ASP A OD2   1 
ATOM   424 N N     . TYR A 1 58 ? -4.302  2.346   9.010   1.00 51.48 ? 58  TYR A N     1 
ATOM   425 C CA    . TYR A 1 58 ? -3.389  1.209   8.890   1.00 48.95 ? 58  TYR A CA    1 
ATOM   426 C C     . TYR A 1 58 ? -2.156  1.360   9.781   1.00 51.90 ? 58  TYR A C     1 
ATOM   427 O O     . TYR A 1 58 ? -1.455  2.367   9.709   1.00 49.61 ? 58  TYR A O     1 
ATOM   428 C CB    . TYR A 1 58 ? -2.954  1.022   7.431   1.00 50.85 ? 58  TYR A CB    1 
ATOM   429 C CG    . TYR A 1 58 ? -2.355  -0.344  7.146   1.00 48.13 ? 58  TYR A CG    1 
ATOM   430 C CD1   . TYR A 1 58 ? -3.153  -1.402  6.712   1.00 43.96 ? 58  TYR A CD1   1 
ATOM   431 C CD2   . TYR A 1 58 ? -0.994  -0.578  7.320   1.00 46.67 ? 58  TYR A CD2   1 
ATOM   432 C CE1   . TYR A 1 58 ? -2.614  -2.644  6.457   1.00 44.85 ? 58  TYR A CE1   1 
ATOM   433 C CE2   . TYR A 1 58 ? -0.446  -1.824  7.067   1.00 45.10 ? 58  TYR A CE2   1 
ATOM   434 C CZ    . TYR A 1 58 ? -1.261  -2.852  6.635   1.00 43.03 ? 58  TYR A CZ    1 
ATOM   435 O OH    . TYR A 1 58 ? -0.718  -4.096  6.388   1.00 43.68 ? 58  TYR A OH    1 
ATOM   436 N N     . PRO A 1 59 ? -1.886  0.349   10.625  1.00 51.87 ? 59  PRO A N     1 
ATOM   437 C CA    . PRO A 1 59 ? -0.747  0.361   11.555  1.00 52.75 ? 59  PRO A CA    1 
ATOM   438 C C     . PRO A 1 59 ? 0.592   0.490   10.851  1.00 54.48 ? 59  PRO A C     1 
ATOM   439 O O     . PRO A 1 59 ? 0.866   -0.276  9.930   1.00 55.37 ? 59  PRO A O     1 
ATOM   440 C CB    . PRO A 1 59 ? -0.836  -1.000  12.255  1.00 55.78 ? 59  PRO A CB    1 
ATOM   441 C CG    . PRO A 1 59 ? -2.246  -1.460  12.052  1.00 56.32 ? 59  PRO A CG    1 
ATOM   442 C CD    . PRO A 1 59 ? -2.676  -0.892  10.724  1.00 50.44 ? 59  PRO A CD    1 
ATOM   443 N N     . ILE A 1 60 ? 1.414   1.436   11.292  1.00 52.10 ? 60  ILE A N     1 
ATOM   444 C CA    . ILE A 1 60 ? 2.728   1.670   10.703  1.00 54.91 ? 60  ILE A CA    1 
ATOM   445 C C     . ILE A 1 60 ? 3.818   1.196   11.652  1.00 57.96 ? 60  ILE A C     1 
ATOM   446 O O     . ILE A 1 60 ? 3.604   1.225   12.862  1.00 56.18 ? 60  ILE A O     1 
ATOM   447 C CB    . ILE A 1 60 ? 2.941   3.159   10.387  1.00 55.64 ? 60  ILE A CB    1 
ATOM   448 C CG1   . ILE A 1 60 ? 1.829   3.669   9.474   1.00 58.03 ? 60  ILE A CG1   1 
ATOM   449 C CG2   . ILE A 1 60 ? 4.290   3.390   9.747   1.00 53.34 ? 60  ILE A CG2   1 
ATOM   450 C CD1   . ILE A 1 60 ? 1.660   2.845   8.213   1.00 51.09 ? 60  ILE A CD1   1 
ATOM   451 O OXT   . ILE A 1 60 ? 4.912   0.777   11.256  1.00 61.77 ? 60  ILE A OXT   1 
ATOM   452 O "O5'" . DG  B 2 1  ? 10.082  24.103  -6.134  1.00 49.11 ? 101 DG  B "O5'" 1 
ATOM   453 C "C5'" . DG  B 2 1  ? 10.499  22.919  -5.504  1.00 44.01 ? 101 DG  B "C5'" 1 
ATOM   454 C "C4'" . DG  B 2 1  ? 10.012  22.919  -4.081  1.00 38.13 ? 101 DG  B "C4'" 1 
ATOM   455 O "O4'" . DG  B 2 1  ? 8.580   22.739  -4.067  1.00 38.35 ? 101 DG  B "O4'" 1 
ATOM   456 C "C3'" . DG  B 2 1  ? 10.567  21.829  -3.188  1.00 40.52 ? 101 DG  B "C3'" 1 
ATOM   457 O "O3'" . DG  B 2 1  ? 10.587  22.323  -1.872  1.00 38.64 ? 101 DG  B "O3'" 1 
ATOM   458 C "C2'" . DG  B 2 1  ? 9.527   20.721  -3.346  1.00 40.83 ? 101 DG  B "C2'" 1 
ATOM   459 C "C1'" . DG  B 2 1  ? 8.250   21.541  -3.388  1.00 40.04 ? 101 DG  B "C1'" 1 
ATOM   460 N N9    . DG  B 2 1  ? 7.142   20.920  -4.108  1.00 38.35 ? 101 DG  B N9    1 
ATOM   461 C C8    . DG  B 2 1  ? 7.165   20.404  -5.381  1.00 40.23 ? 101 DG  B C8    1 
ATOM   462 N N7    . DG  B 2 1  ? 6.016   19.939  -5.770  1.00 37.20 ? 101 DG  B N7    1 
ATOM   463 C C5    . DG  B 2 1  ? 5.168   20.177  -4.694  1.00 39.22 ? 101 DG  B C5    1 
ATOM   464 C C6    . DG  B 2 1  ? 3.786   19.893  -4.531  1.00 39.24 ? 101 DG  B C6    1 
ATOM   465 O O6    . DG  B 2 1  ? 3.008   19.350  -5.333  1.00 41.69 ? 101 DG  B O6    1 
ATOM   466 N N1    . DG  B 2 1  ? 3.321   20.294  -3.281  1.00 39.69 ? 101 DG  B N1    1 
ATOM   467 C C2    . DG  B 2 1  ? 4.087   20.894  -2.313  1.00 39.13 ? 101 DG  B C2    1 
ATOM   468 N N2    . DG  B 2 1  ? 3.460   21.212  -1.171  1.00 40.81 ? 101 DG  B N2    1 
ATOM   469 N N3    . DG  B 2 1  ? 5.375   21.166  -2.451  1.00 39.69 ? 101 DG  B N3    1 
ATOM   470 C C4    . DG  B 2 1  ? 5.850   20.775  -3.661  1.00 38.80 ? 101 DG  B C4    1 
ATOM   471 P P     . DT  B 2 2  ? 11.376  21.537  -0.718  1.00 41.21 ? 102 DT  B P     1 
ATOM   472 O OP1   . DT  B 2 2  ? 11.728  22.558  0.298   1.00 37.69 ? 102 DT  B OP1   1 
ATOM   473 O OP2   . DT  B 2 2  ? 12.409  20.697  -1.362  1.00 38.78 ? 102 DT  B OP2   1 
ATOM   474 O "O5'" . DT  B 2 2  ? 10.248  20.585  -0.108  1.00 38.74 ? 102 DT  B "O5'" 1 
ATOM   475 C "C5'" . DT  B 2 2  ? 9.075   21.155  0.475   1.00 36.51 ? 102 DT  B "C5'" 1 
ATOM   476 C "C4'" . DT  B 2 2  ? 7.997   20.094  0.646   1.00 37.23 ? 102 DT  B "C4'" 1 
ATOM   477 O "O4'" . DT  B 2 2  ? 7.526   19.693  -0.636  1.00 40.09 ? 102 DT  B "O4'" 1 
ATOM   478 C "C3'" . DT  B 2 2  ? 8.444   18.809  1.350   1.00 35.29 ? 102 DT  B "C3'" 1 
ATOM   479 O "O3'" . DT  B 2 2  ? 7.883   18.795  2.673   1.00 39.71 ? 102 DT  B "O3'" 1 
ATOM   480 C "C2'" . DT  B 2 2  ? 7.868   17.659  0.483   1.00 36.28 ? 102 DT  B "C2'" 1 
ATOM   481 C "C1'" . DT  B 2 2  ? 7.014   18.374  -0.568  1.00 37.45 ? 102 DT  B "C1'" 1 
ATOM   482 N N1    . DT  B 2 2  ? 7.158   17.820  -1.945  1.00 40.79 ? 102 DT  B N1    1 
ATOM   483 C C2    . DT  B 2 2  ? 6.035   17.538  -2.716  1.00 40.13 ? 102 DT  B C2    1 
ATOM   484 O O2    . DT  B 2 2  ? 4.885   17.659  -2.318  1.00 39.80 ? 102 DT  B O2    1 
ATOM   485 N N3    . DT  B 2 2  ? 6.318   17.088  -3.973  1.00 38.98 ? 102 DT  B N3    1 
ATOM   486 C C4    . DT  B 2 2  ? 7.579   16.902  -4.536  1.00 43.35 ? 102 DT  B C4    1 
ATOM   487 O O4    . DT  B 2 2  ? 7.742   16.486  -5.678  1.00 49.65 ? 102 DT  B O4    1 
ATOM   488 C C5    . DT  B 2 2  ? 8.691   17.226  -3.694  1.00 43.51 ? 102 DT  B C5    1 
ATOM   489 C C7    . DT  B 2 2  ? 10.094  17.064  -4.205  1.00 48.61 ? 102 DT  B C7    1 
ATOM   490 C C6    . DT  B 2 2  ? 8.432   17.669  -2.456  1.00 42.74 ? 102 DT  B C6    1 
ATOM   491 P P     . DA  B 2 3  ? 8.760   19.190  3.961   1.00 39.29 ? 103 DA  B P     1 
ATOM   492 O OP1   . DA  B 2 3  ? 7.910   20.018  4.846   1.00 35.94 ? 103 DA  B OP1   1 
ATOM   493 O OP2   . DA  B 2 3  ? 10.087  19.664  3.518   1.00 39.29 ? 103 DA  B OP2   1 
ATOM   494 O "O5'" . DA  B 2 3  ? 8.949   17.809  4.726   1.00 34.35 ? 103 DA  B "O5'" 1 
ATOM   495 C "C5'" . DA  B 2 3  ? 9.684   16.766  4.133   1.00 38.54 ? 103 DA  B "C5'" 1 
ATOM   496 C "C4'" . DA  B 2 3  ? 8.893   15.476  4.218   1.00 35.70 ? 103 DA  B "C4'" 1 
ATOM   497 O "O4'" . DA  B 2 3  ? 7.837   15.513  3.237   1.00 33.04 ? 103 DA  B "O4'" 1 
ATOM   498 C "C3'" . DA  B 2 3  ? 9.685   14.233  3.911   1.00 34.04 ? 103 DA  B "C3'" 1 
ATOM   499 O "O3'" . DA  B 2 3  ? 10.269  13.757  5.107   1.00 31.61 ? 103 DA  B "O3'" 1 
ATOM   500 C "C2'" . DA  B 2 3  ? 8.618   13.268  3.364   1.00 32.76 ? 103 DA  B "C2'" 1 
ATOM   501 C "C1'" . DA  B 2 3  ? 7.528   14.201  2.817   1.00 36.16 ? 103 DA  B "C1'" 1 
ATOM   502 N N9    . DA  B 2 3  ? 7.435   14.200  1.357   1.00 34.39 ? 103 DA  B N9    1 
ATOM   503 C C8    . DA  B 2 3  ? 8.474   14.136  0.468   1.00 34.91 ? 103 DA  B C8    1 
ATOM   504 N N7    . DA  B 2 3  ? 8.100   14.167  -0.784  1.00 31.25 ? 103 DA  B N7    1 
ATOM   505 C C5    . DA  B 2 3  ? 6.717   14.240  -0.713  1.00 36.02 ? 103 DA  B C5    1 
ATOM   506 C C6    . DA  B 2 3  ? 5.719   14.282  -1.700  1.00 36.89 ? 103 DA  B C6    1 
ATOM   507 N N6    . DA  B 2 3  ? 5.975   14.259  -3.010  1.00 34.41 ? 103 DA  B N6    1 
ATOM   508 N N1    . DA  B 2 3  ? 4.439   14.365  -1.288  1.00 37.60 ? 103 DA  B N1    1 
ATOM   509 C C2    . DA  B 2 3  ? 4.182   14.396  0.023   1.00 35.15 ? 103 DA  B C2    1 
ATOM   510 N N3    . DA  B 2 3  ? 5.030   14.356  1.039   1.00 36.69 ? 103 DA  B N3    1 
ATOM   511 C C4    . DA  B 2 3  ? 6.295   14.275  0.600   1.00 34.08 ? 103 DA  B C4    1 
ATOM   512 P P     . DA  B 2 4  ? 11.590  12.845  5.048   1.00 37.60 ? 104 DA  B P     1 
ATOM   513 O OP1   . DA  B 2 4  ? 12.188  12.806  6.397   1.00 38.31 ? 104 DA  B OP1   1 
ATOM   514 O OP2   . DA  B 2 4  ? 12.385  13.207  3.858   1.00 34.93 ? 104 DA  B OP2   1 
ATOM   515 O "O5'" . DA  B 2 4  ? 11.013  11.393  4.718   1.00 34.20 ? 104 DA  B "O5'" 1 
ATOM   516 C "C5'" . DA  B 2 4  ? 10.032  10.791  5.559   1.00 36.19 ? 104 DA  B "C5'" 1 
ATOM   517 C "C4'" . DA  B 2 4  ? 9.820   9.332   5.166   1.00 34.62 ? 104 DA  B "C4'" 1 
ATOM   518 O "O4'" . DA  B 2 4  ? 9.178   9.250   3.866   1.00 34.28 ? 104 DA  B "O4'" 1 
ATOM   519 C "C3'" . DA  B 2 4  ? 11.086  8.496   5.065   1.00 35.49 ? 104 DA  B "C3'" 1 
ATOM   520 O "O3'" . DA  B 2 4  ? 10.805  7.204   5.576   1.00 36.36 ? 104 DA  B "O3'" 1 
ATOM   521 C "C2'" . DA  B 2 4  ? 11.404  8.494   3.557   1.00 36.14 ? 104 DA  B "C2'" 1 
ATOM   522 C "C1'" . DA  B 2 4  ? 10.023  8.596   2.917   1.00 35.30 ? 104 DA  B "C1'" 1 
ATOM   523 N N9    . DA  B 2 4  ? 9.973   9.383   1.675   1.00 34.28 ? 104 DA  B N9    1 
ATOM   524 C C8    . DA  B 2 4  ? 10.592  10.581  1.428   1.00 36.29 ? 104 DA  B C8    1 
ATOM   525 N N7    . DA  B 2 4  ? 10.327  11.084  0.234   1.00 32.89 ? 104 DA  B N7    1 
ATOM   526 C C5    . DA  B 2 4  ? 9.443   10.166  -0.320  1.00 31.96 ? 104 DA  B C5    1 
ATOM   527 C C6    . DA  B 2 4  ? 8.774   10.129  -1.553  1.00 32.11 ? 104 DA  B C6    1 
ATOM   528 N N6    . DA  B 2 4  ? 8.904   11.079  -2.493  1.00 33.37 ? 104 DA  B N6    1 
ATOM   529 N N1    . DA  B 2 4  ? 7.968   9.073   -1.793  1.00 32.85 ? 104 DA  B N1    1 
ATOM   530 C C2    . DA  B 2 4  ? 7.830   8.132   -0.852  1.00 33.36 ? 104 DA  B C2    1 
ATOM   531 N N3    . DA  B 2 4  ? 8.400   8.062   0.342   1.00 34.93 ? 104 DA  B N3    1 
ATOM   532 C C4    . DA  B 2 4  ? 9.204   9.122   0.553   1.00 33.66 ? 104 DA  B C4    1 
ATOM   533 P P     . DT  B 2 5  ? 11.954  6.105   5.778   1.00 37.19 ? 105 DT  B P     1 
ATOM   534 O OP1   . DT  B 2 5  ? 11.497  5.233   6.880   1.00 37.47 ? 105 DT  B OP1   1 
ATOM   535 O OP2   . DT  B 2 5  ? 13.294  6.714   5.721   1.00 43.14 ? 105 DT  B OP2   1 
ATOM   536 O "O5'" . DT  B 2 5  ? 11.817  5.237   4.445   1.00 37.16 ? 105 DT  B "O5'" 1 
ATOM   537 C "C5'" . DT  B 2 5  ? 10.560  4.630   4.157   1.00 36.18 ? 105 DT  B "C5'" 1 
ATOM   538 C "C4'" . DT  B 2 5  ? 10.551  4.093   2.754   1.00 33.49 ? 105 DT  B "C4'" 1 
ATOM   539 O "O4'" . DT  B 2 5  ? 10.478  5.181   1.834   1.00 32.36 ? 105 DT  B "O4'" 1 
ATOM   540 C "C3'" . DT  B 2 5  ? 11.806  3.334   2.358   1.00 37.28 ? 105 DT  B "C3'" 1 
ATOM   541 O "O3'" . DT  B 2 5  ? 11.539  1.958   2.439   1.00 36.86 ? 105 DT  B "O3'" 1 
ATOM   542 C "C2'" . DT  B 2 5  ? 12.092  3.792   0.903   1.00 37.93 ? 105 DT  B "C2'" 1 
ATOM   543 C "C1'" . DT  B 2 5  ? 10.893  4.691   0.595   1.00 35.76 ? 105 DT  B "C1'" 1 
ATOM   544 N N1    . DT  B 2 5  ? 11.171  5.862   -0.289  1.00 33.60 ? 105 DT  B N1    1 
ATOM   545 C C2    . DT  B 2 5  ? 10.497  5.962   -1.483  1.00 33.79 ? 105 DT  B C2    1 
ATOM   546 O O2    . DT  B 2 5  ? 9.718   5.111   -1.880  1.00 30.99 ? 105 DT  B O2    1 
ATOM   547 N N3    . DT  B 2 5  ? 10.788  7.076   -2.217  1.00 35.50 ? 105 DT  B N3    1 
ATOM   548 C C4    . DT  B 2 5  ? 11.653  8.102   -1.876  1.00 36.74 ? 105 DT  B C4    1 
ATOM   549 O O4    . DT  B 2 5  ? 11.850  9.075   -2.611  1.00 35.23 ? 105 DT  B O4    1 
ATOM   550 C C5    . DT  B 2 5  ? 12.325  7.949   -0.607  1.00 37.80 ? 105 DT  B C5    1 
ATOM   551 C C7    . DT  B 2 5  ? 13.285  9.001   -0.144  1.00 36.87 ? 105 DT  B C7    1 
ATOM   552 C C6    . DT  B 2 5  ? 12.046  6.852   0.130   1.00 35.56 ? 105 DT  B C6    1 
ATOM   553 P P     . DT  B 2 6  ? 12.726  0.890   2.365   1.00 37.01 ? 106 DT  B P     1 
ATOM   554 O OP1   . DT  B 2 6  ? 12.209  -0.322  3.044   1.00 37.36 ? 106 DT  B OP1   1 
ATOM   555 O OP2   . DT  B 2 6  ? 13.998  1.551   2.758   1.00 39.86 ? 106 DT  B OP2   1 
ATOM   556 O "O5'" . DT  B 2 6  ? 12.883  0.622   0.814   1.00 35.29 ? 106 DT  B "O5'" 1 
ATOM   557 C "C5'" . DT  B 2 6  ? 11.810  0.058   0.093   1.00 36.30 ? 106 DT  B "C5'" 1 
ATOM   558 C "C4'" . DT  B 2 6  ? 12.161  -0.017  -1.368  1.00 32.73 ? 106 DT  B "C4'" 1 
ATOM   559 O "O4'" . DT  B 2 6  ? 12.179  1.317   -1.921  1.00 34.00 ? 106 DT  B "O4'" 1 
ATOM   560 C "C3'" . DT  B 2 6  ? 13.548  -0.598  -1.669  1.00 32.65 ? 106 DT  B "C3'" 1 
ATOM   561 O "O3'" . DT  B 2 6  ? 13.449  -1.364  -2.822  1.00 37.25 ? 106 DT  B "O3'" 1 
ATOM   562 C "C2'" . DT  B 2 6  ? 14.381  0.659   -1.932  1.00 35.41 ? 106 DT  B "C2'" 1 
ATOM   563 C "C1'" . DT  B 2 6  ? 13.345  1.452   -2.695  1.00 37.59 ? 106 DT  B "C1'" 1 
ATOM   564 N N1    . DT  B 2 6  ? 13.626  2.887   -2.868  1.00 33.72 ? 106 DT  B N1    1 
ATOM   565 C C2    . DT  B 2 6  ? 13.082  3.521   -3.956  1.00 36.75 ? 106 DT  B C2    1 
ATOM   566 O O2    . DT  B 2 6  ? 12.400  2.946   -4.783  1.00 37.33 ? 106 DT  B O2    1 
ATOM   567 N N3    . DT  B 2 6  ? 13.359  4.856   -4.050  1.00 36.70 ? 106 DT  B N3    1 
ATOM   568 C C4    . DT  B 2 6  ? 14.116  5.606   -3.172  1.00 37.79 ? 106 DT  B C4    1 
ATOM   569 O O4    . DT  B 2 6  ? 14.310  6.807   -3.339  1.00 38.43 ? 106 DT  B O4    1 
ATOM   570 C C5    . DT  B 2 6  ? 14.650  4.887   -2.036  1.00 39.50 ? 106 DT  B C5    1 
ATOM   571 C C7    . DT  B 2 6  ? 15.482  5.612   -1.015  1.00 35.19 ? 106 DT  B C7    1 
ATOM   572 C C6    . DT  B 2 6  ? 14.386  3.567   -1.938  1.00 32.91 ? 106 DT  B C6    1 
ATOM   573 P P     . DG  B 2 7  ? 13.817  -2.919  -2.788  1.00 38.98 ? 107 DG  B P     1 
ATOM   574 O OP1   . DG  B 2 7  ? 13.114  -3.572  -1.661  1.00 38.27 ? 107 DG  B OP1   1 
ATOM   575 O OP2   . DG  B 2 7  ? 15.290  -2.949  -2.806  1.00 39.91 ? 107 DG  B OP2   1 
ATOM   576 O "O5'" . DG  B 2 7  ? 13.233  -3.451  -4.162  1.00 40.40 ? 107 DG  B "O5'" 1 
ATOM   577 C "C5'" . DG  B 2 7  ? 11.883  -3.246  -4.476  1.00 36.84 ? 107 DG  B "C5'" 1 
ATOM   578 C "C4'" . DG  B 2 7  ? 11.728  -2.901  -5.943  1.00 38.69 ? 107 DG  B "C4'" 1 
ATOM   579 O "O4'" . DG  B 2 7  ? 12.035  -1.505  -6.142  1.00 35.26 ? 107 DG  B "O4'" 1 
ATOM   580 C "C3'" . DG  B 2 7  ? 12.631  -3.671  -6.914  1.00 38.95 ? 107 DG  B "C3'" 1 
ATOM   581 O "O3'" . DG  B 2 7  ? 11.925  -3.869  -8.128  1.00 38.44 ? 107 DG  B "O3'" 1 
ATOM   582 C "C2'" . DG  B 2 7  ? 13.809  -2.707  -7.104  1.00 39.62 ? 107 DG  B "C2'" 1 
ATOM   583 C "C1'" . DG  B 2 7  ? 13.095  -1.362  -7.077  1.00 40.39 ? 107 DG  B "C1'" 1 
ATOM   584 N N9    . DG  B 2 7  ? 13.941  -0.240  -6.644  1.00 40.44 ? 107 DG  B N9    1 
ATOM   585 C C8    . DG  B 2 7  ? 14.831  -0.231  -5.596  1.00 38.45 ? 107 DG  B C8    1 
ATOM   586 N N7    . DG  B 2 7  ? 15.435  0.917   -5.441  1.00 38.00 ? 107 DG  B N7    1 
ATOM   587 C C5    . DG  B 2 7  ? 14.908  1.721   -6.441  1.00 36.61 ? 107 DG  B C5    1 
ATOM   588 C C6    . DG  B 2 7  ? 15.192  3.071   -6.770  1.00 37.92 ? 107 DG  B C6    1 
ATOM   589 O O6    . DG  B 2 7  ? 15.978  3.848   -6.216  1.00 41.83 ? 107 DG  B O6    1 
ATOM   590 N N1    . DG  B 2 7  ? 14.457  3.501   -7.854  1.00 36.39 ? 107 DG  B N1    1 
ATOM   591 C C2    . DG  B 2 7  ? 13.554  2.727   -8.549  1.00 38.06 ? 107 DG  B C2    1 
ATOM   592 N N2    . DG  B 2 7  ? 12.918  3.324   -9.567  1.00 36.15 ? 107 DG  B N2    1 
ATOM   593 N N3    . DG  B 2 7  ? 13.275  1.466   -8.253  1.00 36.73 ? 107 DG  B N3    1 
ATOM   594 C C4    . DG  B 2 7  ? 13.992  1.027   -7.193  1.00 38.70 ? 107 DG  B C4    1 
ATOM   595 P P     . DC  B 2 8  ? 12.506  -4.817  -9.296  1.00 38.82 ? 108 DC  B P     1 
ATOM   596 O OP1   . DC  B 2 8  ? 11.309  -5.315  -10.009 1.00 36.97 ? 108 DC  B OP1   1 
ATOM   597 O OP2   . DC  B 2 8  ? 13.477  -5.757  -8.703  1.00 36.77 ? 108 DC  B OP2   1 
ATOM   598 O "O5'" . DC  B 2 8  ? 13.272  -3.797  -10.273 1.00 38.71 ? 108 DC  B "O5'" 1 
ATOM   599 C "C5'" . DC  B 2 8  ? 12.511  -2.919  -11.114 1.00 38.76 ? 108 DC  B "C5'" 1 
ATOM   600 C "C4'" . DC  B 2 8  ? 13.369  -1.787  -11.680 1.00 39.13 ? 108 DC  B "C4'" 1 
ATOM   601 O "O4'" . DC  B 2 8  ? 13.810  -0.910  -10.622 1.00 37.93 ? 108 DC  B "O4'" 1 
ATOM   602 C "C3'" . DC  B 2 8  ? 14.661  -2.216  -12.339 1.00 36.02 ? 108 DC  B "C3'" 1 
ATOM   603 O "O3'" . DC  B 2 8  ? 14.409  -2.630  -13.670 1.00 39.64 ? 108 DC  B "O3'" 1 
ATOM   604 C "C2'" . DC  B 2 8  ? 15.494  -0.926  -12.304 1.00 35.83 ? 108 DC  B "C2'" 1 
ATOM   605 C "C1'" . DC  B 2 8  ? 14.900  -0.149  -11.110 1.00 39.27 ? 108 DC  B "C1'" 1 
ATOM   606 N N1    . DC  B 2 8  ? 15.867  0.066   -10.003 1.00 37.57 ? 108 DC  B N1    1 
ATOM   607 C C2    . DC  B 2 8  ? 16.436  1.328   -9.816  1.00 38.83 ? 108 DC  B C2    1 
ATOM   608 O O2    . DC  B 2 8  ? 16.113  2.252   -10.580 1.00 37.07 ? 108 DC  B O2    1 
ATOM   609 N N3    . DC  B 2 8  ? 17.312  1.508   -8.793  1.00 35.09 ? 108 DC  B N3    1 
ATOM   610 C C4    . DC  B 2 8  ? 17.642  0.478   -8.010  1.00 38.31 ? 108 DC  B C4    1 
ATOM   611 N N4    . DC  B 2 8  ? 18.523  0.692   -7.020  1.00 38.20 ? 108 DC  B N4    1 
ATOM   612 C C5    . DC  B 2 8  ? 17.076  -0.818  -8.196  1.00 38.61 ? 108 DC  B C5    1 
ATOM   613 C C6    . DC  B 2 8  ? 16.202  -0.975  -9.192  1.00 37.84 ? 108 DC  B C6    1 
ATOM   614 O "O5'" . DG  C 2 1  ? 23.842  9.401   -9.027  1.00 51.25 ? 109 DG  C "O5'" 1 
ATOM   615 C "C5'" . DG  C 2 1  ? 22.853  10.216  -8.420  1.00 46.23 ? 109 DG  C "C5'" 1 
ATOM   616 C "C4'" . DG  C 2 1  ? 21.668  10.363  -9.341  1.00 48.04 ? 109 DG  C "C4'" 1 
ATOM   617 O "O4'" . DG  C 2 1  ? 21.048  9.067   -9.545  1.00 47.80 ? 109 DG  C "O4'" 1 
ATOM   618 C "C3'" . DG  C 2 1  ? 20.556  11.252  -8.831  1.00 46.57 ? 109 DG  C "C3'" 1 
ATOM   619 O "O3'" . DG  C 2 1  ? 19.815  11.729  -9.948  1.00 50.99 ? 109 DG  C "O3'" 1 
ATOM   620 C "C2'" . DG  C 2 1  ? 19.746  10.273  -7.976  1.00 48.72 ? 109 DG  C "C2'" 1 
ATOM   621 C "C1'" . DG  C 2 1  ? 19.837  8.988   -8.810  1.00 46.93 ? 109 DG  C "C1'" 1 
ATOM   622 N N9    . DG  C 2 1  ? 19.881  7.762   -8.025  1.00 41.34 ? 109 DG  C N9    1 
ATOM   623 C C8    . DG  C 2 1  ? 20.565  7.555   -6.854  1.00 45.59 ? 109 DG  C C8    1 
ATOM   624 N N7    . DG  C 2 1  ? 20.445  6.341   -6.388  1.00 45.01 ? 109 DG  C N7    1 
ATOM   625 C C5    . DG  C 2 1  ? 19.643  5.696   -7.324  1.00 43.35 ? 109 DG  C C5    1 
ATOM   626 C C6    . DG  C 2 1  ? 19.172  4.357   -7.360  1.00 40.42 ? 109 DG  C C6    1 
ATOM   627 O O6    . DG  C 2 1  ? 19.383  3.446   -6.547  1.00 43.05 ? 109 DG  C O6    1 
ATOM   628 N N1    . DG  C 2 1  ? 18.387  4.115   -8.485  1.00 41.22 ? 109 DG  C N1    1 
ATOM   629 C C2    . DG  C 2 1  ? 18.088  5.050   -9.449  1.00 40.30 ? 109 DG  C C2    1 
ATOM   630 N N2    . DG  C 2 1  ? 17.315  4.638   -10.460 1.00 39.23 ? 109 DG  C N2    1 
ATOM   631 N N3    . DG  C 2 1  ? 18.527  6.300   -9.430  1.00 41.25 ? 109 DG  C N3    1 
ATOM   632 C C4    . DG  C 2 1  ? 19.293  6.555   -8.339  1.00 42.54 ? 109 DG  C C4    1 
ATOM   633 P P     . DT  C 2 2  ? 18.554  12.705  -9.738  1.00 56.84 ? 110 DT  C P     1 
ATOM   634 O OP1   . DT  C 2 2  ? 18.465  13.631  -10.898 1.00 51.47 ? 110 DT  C OP1   1 
ATOM   635 O OP2   . DT  C 2 2  ? 18.615  13.185  -8.335  1.00 48.77 ? 110 DT  C OP2   1 
ATOM   636 O "O5'" . DT  C 2 2  ? 17.315  11.720  -9.897  1.00 49.88 ? 110 DT  C "O5'" 1 
ATOM   637 C "C5'" . DT  C 2 2  ? 17.079  11.081  -11.138 1.00 48.49 ? 110 DT  C "C5'" 1 
ATOM   638 C "C4'" . DT  C 2 2  ? 15.922  10.116  -11.010 1.00 47.14 ? 110 DT  C "C4'" 1 
ATOM   639 O "O4'" . DT  C 2 2  ? 16.280  9.072   -10.075 1.00 46.48 ? 110 DT  C "O4'" 1 
ATOM   640 C "C3'" . DT  C 2 2  ? 14.627  10.729  -10.456 1.00 47.01 ? 110 DT  C "C3'" 1 
ATOM   641 O "O3'" . DT  C 2 2  ? 13.540  10.108  -11.053 1.00 45.95 ? 110 DT  C "O3'" 1 
ATOM   642 C "C2'" . DT  C 2 2  ? 14.696  10.350  -8.985  1.00 44.81 ? 110 DT  C "C2'" 1 
ATOM   643 C "C1'" . DT  C 2 2  ? 15.250  8.950   -9.121  1.00 44.81 ? 110 DT  C "C1'" 1 
ATOM   644 N N1    . DT  C 2 2  ? 15.821  8.380   -7.872  1.00 43.34 ? 110 DT  C N1    1 
ATOM   645 C C2    . DT  C 2 2  ? 15.680  7.035   -7.638  1.00 41.51 ? 110 DT  C C2    1 
ATOM   646 O O2    . DT  C 2 2  ? 15.094  6.288   -8.400  1.00 41.49 ? 110 DT  C O2    1 
ATOM   647 N N3    . DT  C 2 2  ? 16.238  6.593   -6.477  1.00 41.28 ? 110 DT  C N3    1 
ATOM   648 C C4    . DT  C 2 2  ? 16.919  7.340   -5.544  1.00 41.77 ? 110 DT  C C4    1 
ATOM   649 O O4    . DT  C 2 2  ? 17.388  6.840   -4.527  1.00 40.88 ? 110 DT  C O4    1 
ATOM   650 C C5    . DT  C 2 2  ? 17.040  8.748   -5.852  1.00 46.08 ? 110 DT  C C5    1 
ATOM   651 C C7    . DT  C 2 2  ? 17.759  9.667   -4.914  1.00 46.33 ? 110 DT  C C7    1 
ATOM   652 C C6    . DT  C 2 2  ? 16.493  9.194   -6.992  1.00 44.34 ? 110 DT  C C6    1 
ATOM   653 P P     . DA  C 2 3  ? 12.716  10.829  -12.220 1.00 49.91 ? 111 DA  C P     1 
ATOM   654 O OP1   . DA  C 2 3  ? 13.609  10.861  -13.401 1.00 57.87 ? 111 DA  C OP1   1 
ATOM   655 O OP2   . DA  C 2 3  ? 12.136  12.072  -11.657 1.00 50.70 ? 111 DA  C OP2   1 
ATOM   656 O "O5'" . DA  C 2 3  ? 11.545  9.799   -12.550 1.00 47.33 ? 111 DA  C "O5'" 1 
ATOM   657 C "C5'" . DA  C 2 3  ? 11.861  8.545   -13.127 1.00 44.15 ? 111 DA  C "C5'" 1 
ATOM   658 C "C4'" . DA  C 2 3  ? 10.765  7.515   -12.889 1.00 44.13 ? 111 DA  C "C4'" 1 
ATOM   659 O "O4'" . DA  C 2 3  ? 10.895  6.907   -11.576 1.00 42.46 ? 111 DA  C "O4'" 1 
ATOM   660 C "C3'" . DA  C 2 3  ? 9.338   8.006   -12.957 1.00 42.95 ? 111 DA  C "C3'" 1 
ATOM   661 O "O3'" . DA  C 2 3  ? 8.557   6.927   -13.396 1.00 44.60 ? 111 DA  C "O3'" 1 
ATOM   662 C "C2'" . DA  C 2 3  ? 9.039   8.381   -11.485 1.00 40.86 ? 111 DA  C "C2'" 1 
ATOM   663 C "C1'" . DA  C 2 3  ? 9.863   7.358   -10.700 1.00 39.10 ? 111 DA  C "C1'" 1 
ATOM   664 N N9    . DA  C 2 3  ? 10.544  7.886   -9.511  1.00 40.06 ? 111 DA  C N9    1 
ATOM   665 C C8    . DA  C 2 3  ? 10.893  9.185   -9.259  1.00 37.68 ? 111 DA  C C8    1 
ATOM   666 N N7    . DA  C 2 3  ? 11.561  9.350   -8.138  1.00 38.92 ? 111 DA  C N7    1 
ATOM   667 C C5    . DA  C 2 3  ? 11.681  8.059   -7.628  1.00 42.52 ? 111 DA  C C5    1 
ATOM   668 C C6    . DA  C 2 3  ? 12.283  7.541   -6.449  1.00 38.10 ? 111 DA  C C6    1 
ATOM   669 N N6    . DA  C 2 3  ? 12.920  8.300   -5.544  1.00 35.76 ? 111 DA  C N6    1 
ATOM   670 N N1    . DA  C 2 3  ? 12.201  6.205   -6.244  1.00 36.13 ? 111 DA  C N1    1 
ATOM   671 C C2    . DA  C 2 3  ? 11.572  5.447   -7.156  1.00 35.86 ? 111 DA  C C2    1 
ATOM   672 N N3    . DA  C 2 3  ? 10.968  5.820   -8.287  1.00 36.32 ? 111 DA  C N3    1 
ATOM   673 C C4    . DA  C 2 3  ? 11.066  7.147   -8.469  1.00 36.94 ? 111 DA  C C4    1 
ATOM   674 P P     . DA  C 2 4  ? 7.008   7.087   -13.758 1.00 45.82 ? 112 DA  C P     1 
ATOM   675 O OP1   . DA  C 2 4  ? 6.696   5.938   -14.638 1.00 45.43 ? 112 DA  C OP1   1 
ATOM   676 O OP2   . DA  C 2 4  ? 6.737   8.489   -14.105 1.00 47.06 ? 112 DA  C OP2   1 
ATOM   677 O "O5'" . DA  C 2 4  ? 6.274   6.803   -12.382 1.00 44.63 ? 112 DA  C "O5'" 1 
ATOM   678 C "C5'" . DA  C 2 4  ? 6.250   5.485   -11.855 1.00 43.57 ? 112 DA  C "C5'" 1 
ATOM   679 C "C4'" . DA  C 2 4  ? 5.681   5.507   -10.452 1.00 38.91 ? 112 DA  C "C4'" 1 
ATOM   680 O "O4'" . DA  C 2 4  ? 6.659   6.061   -9.550  1.00 37.33 ? 112 DA  C "O4'" 1 
ATOM   681 C "C3'" . DA  C 2 4  ? 4.418   6.360   -10.283 1.00 36.79 ? 112 DA  C "C3'" 1 
ATOM   682 O "O3'" . DA  C 2 4  ? 3.304   5.518   -10.000 1.00 37.15 ? 112 DA  C "O3'" 1 
ATOM   683 C "C2'" . DA  C 2 4  ? 4.746   7.317   -9.116  1.00 38.82 ? 112 DA  C "C2'" 1 
ATOM   684 C "C1'" . DA  C 2 4  ? 5.982   6.672   -8.489  1.00 37.74 ? 112 DA  C "C1'" 1 
ATOM   685 N N9    . DA  C 2 4  ? 6.902   7.614   -7.849  1.00 38.52 ? 112 DA  C N9    1 
ATOM   686 C C8    . DA  C 2 4  ? 7.202   8.888   -8.246  1.00 38.19 ? 112 DA  C C8    1 
ATOM   687 N N7    . DA  C 2 4  ? 8.082   9.488   -7.477  1.00 36.11 ? 112 DA  C N7    1 
ATOM   688 C C5    . DA  C 2 4  ? 8.393   8.536   -6.527  1.00 34.03 ? 112 DA  C C5    1 
ATOM   689 C C6    . DA  C 2 4  ? 9.264   8.543   -5.424  1.00 35.46 ? 112 DA  C C6    1 
ATOM   690 N N6    . DA  C 2 4  ? 10.024  9.588   -5.085  1.00 35.70 ? 112 DA  C N6    1 
ATOM   691 N N1    . DA  C 2 4  ? 9.349   7.420   -4.691  1.00 35.09 ? 112 DA  C N1    1 
ATOM   692 C C2    . DA  C 2 4  ? 8.594   6.376   -5.023  1.00 35.23 ? 112 DA  C C2    1 
ATOM   693 N N3    . DA  C 2 4  ? 7.728   6.254   -6.024  1.00 35.31 ? 112 DA  C N3    1 
ATOM   694 C C4    . DA  C 2 4  ? 7.678   7.376   -6.745  1.00 36.95 ? 112 DA  C C4    1 
ATOM   695 P P     . DT  C 2 5  ? 1.830   6.133   -9.845  1.00 39.44 ? 113 DT  C P     1 
ATOM   696 O OP1   . DT  C 2 5  ? 0.853   5.127   -10.327 1.00 40.06 ? 113 DT  C OP1   1 
ATOM   697 O OP2   . DT  C 2 5  ? 1.853   7.508   -10.363 1.00 38.42 ? 113 DT  C OP2   1 
ATOM   698 O "O5'" . DT  C 2 5  ? 1.655   6.246   -8.265  1.00 38.09 ? 113 DT  C "O5'" 1 
ATOM   699 C "C5'" . DT  C 2 5  ? 1.814   5.108   -7.461  1.00 34.98 ? 113 DT  C "C5'" 1 
ATOM   700 C "C4'" . DT  C 2 5  ? 1.941   5.528   -6.023  1.00 32.21 ? 113 DT  C "C4'" 1 
ATOM   701 O "O4'" . DT  C 2 5  ? 3.169   6.228   -5.850  1.00 29.96 ? 113 DT  C "O4'" 1 
ATOM   702 C "C3'" . DT  C 2 5  ? 0.874   6.513   -5.588  1.00 34.97 ? 113 DT  C "C3'" 1 
ATOM   703 O "O3'" . DT  C 2 5  ? -0.115  5.810   -4.884  1.00 37.36 ? 113 DT  C "O3'" 1 
ATOM   704 C "C2'" . DT  C 2 5  ? 1.625   7.528   -4.699  1.00 33.82 ? 113 DT  C "C2'" 1 
ATOM   705 C "C1'" . DT  C 2 5  ? 3.053   6.989   -4.693  1.00 34.15 ? 113 DT  C "C1'" 1 
ATOM   706 N N1    . DT  C 2 5  ? 4.092   8.026   -4.708  1.00 30.41 ? 113 DT  C N1    1 
ATOM   707 C C2    . DT  C 2 5  ? 5.093   7.968   -3.773  1.00 33.86 ? 113 DT  C C2    1 
ATOM   708 O O2    . DT  C 2 5  ? 5.172   7.088   -2.919  1.00 33.38 ? 113 DT  C O2    1 
ATOM   709 N N3    . DT  C 2 5  ? 6.006   8.977   -3.856  1.00 35.84 ? 113 DT  C N3    1 
ATOM   710 C C4    . DT  C 2 5  ? 6.017   10.032  -4.754  1.00 31.66 ? 113 DT  C C4    1 
ATOM   711 O O4    . DT  C 2 5  ? 6.897   10.899  -4.737  1.00 32.53 ? 113 DT  C O4    1 
ATOM   712 C C5    . DT  C 2 5  ? 4.941   10.037  -5.710  1.00 34.06 ? 113 DT  C C5    1 
ATOM   713 C C7    . DT  C 2 5  ? 4.859   11.128  -6.745  1.00 35.52 ? 113 DT  C C7    1 
ATOM   714 C C6    . DT  C 2 5  ? 4.036   9.042   -5.646  1.00 33.34 ? 113 DT  C C6    1 
ATOM   715 P P     . DT  C 2 6  ? -1.613  6.368   -4.836  1.00 43.94 ? 114 DT  C P     1 
ATOM   716 O OP1   . DT  C 2 6  ? -2.455  5.246   -4.350  1.00 38.47 ? 114 DT  C OP1   1 
ATOM   717 O OP2   . DT  C 2 6  ? -1.908  7.050   -6.112  1.00 39.21 ? 114 DT  C OP2   1 
ATOM   718 O "O5'" . DT  C 2 6  ? -1.520  7.518   -3.736  1.00 37.38 ? 114 DT  C "O5'" 1 
ATOM   719 C "C5'" . DT  C 2 6  ? -2.366  8.642   -3.832  1.00 39.09 ? 114 DT  C "C5'" 1 
ATOM   720 C "C4'" . DT  C 2 6  ? -2.264  9.477   -2.578  1.00 41.22 ? 114 DT  C "C4'" 1 
ATOM   721 O "O4'" . DT  C 2 6  ? -0.926  10.020  -2.474  1.00 39.16 ? 114 DT  C "O4'" 1 
ATOM   722 C "C3'" . DT  C 2 6  ? -3.217  10.659  -2.522  1.00 38.34 ? 114 DT  C "C3'" 1 
ATOM   723 O "O3'" . DT  C 2 6  ? -3.845  10.680  -1.270  1.00 43.87 ? 114 DT  C "O3'" 1 
ATOM   724 C "C2'" . DT  C 2 6  ? -2.311  11.875  -2.718  1.00 37.54 ? 114 DT  C "C2'" 1 
ATOM   725 C "C1'" . DT  C 2 6  ? -0.980  11.380  -2.174  1.00 38.42 ? 114 DT  C "C1'" 1 
ATOM   726 N N1    . DT  C 2 6  ? 0.171   11.995  -2.837  1.00 39.00 ? 114 DT  C N1    1 
ATOM   727 C C2    . DT  C 2 6  ? 1.150   12.596  -2.081  1.00 36.34 ? 114 DT  C C2    1 
ATOM   728 O O2    . DT  C 2 6  ? 1.112   12.658  -0.869  1.00 38.27 ? 114 DT  C O2    1 
ATOM   729 N N3    . DT  C 2 6  ? 2.176   13.143  -2.801  1.00 35.56 ? 114 DT  C N3    1 
ATOM   730 C C4    . DT  C 2 6  ? 2.328   13.120  -4.175  1.00 37.74 ? 114 DT  C C4    1 
ATOM   731 O O4    . DT  C 2 6  ? 3.291   13.626  -4.729  1.00 36.19 ? 114 DT  C O4    1 
ATOM   732 C C5    . DT  C 2 6  ? 1.262   12.467  -4.911  1.00 38.23 ? 114 DT  C C5    1 
ATOM   733 C C7    . DT  C 2 6  ? 1.308   12.393  -6.410  1.00 40.23 ? 114 DT  C C7    1 
ATOM   734 C C6    . DT  C 2 6  ? 0.249   11.942  -4.212  1.00 38.96 ? 114 DT  C C6    1 
ATOM   735 P P     . DG  C 2 7  ? -5.255  11.427  -1.100  1.00 47.87 ? 115 DG  C P     1 
ATOM   736 O OP1   . DG  C 2 7  ? -5.894  10.818  0.090   1.00 44.20 ? 115 DG  C OP1   1 
ATOM   737 O OP2   . DG  C 2 7  ? -5.871  11.478  -2.457  1.00 42.87 ? 115 DG  C OP2   1 
ATOM   738 O "O5'" . DG  C 2 7  ? -4.848  12.923  -0.696  1.00 45.78 ? 115 DG  C "O5'" 1 
ATOM   739 C "C5'" . DG  C 2 7  ? -4.193  13.169  0.537   1.00 43.76 ? 115 DG  C "C5'" 1 
ATOM   740 C "C4'" . DG  C 2 7  ? -3.614  14.571  0.560   1.00 47.08 ? 115 DG  C "C4'" 1 
ATOM   741 O "O4'" . DG  C 2 7  ? -2.429  14.626  -0.244  1.00 46.64 ? 115 DG  C "O4'" 1 
ATOM   742 C "C3'" . DG  C 2 7  ? -4.537  15.647  0.006   1.00 51.24 ? 115 DG  C "C3'" 1 
ATOM   743 O "O3'" . DG  C 2 7  ? -5.048  16.391  1.084   1.00 56.02 ? 115 DG  C "O3'" 1 
ATOM   744 C "C2'" . DG  C 2 7  ? -3.644  16.506  -0.907  1.00 46.01 ? 115 DG  C "C2'" 1 
ATOM   745 C "C1'" . DG  C 2 7  ? -2.241  15.946  -0.679  1.00 48.20 ? 115 DG  C "C1'" 1 
ATOM   746 N N9    . DG  C 2 7  ? -1.434  15.898  -1.894  1.00 42.48 ? 115 DG  C N9    1 
ATOM   747 C C8    . DG  C 2 7  ? -1.841  15.435  -3.120  1.00 41.28 ? 115 DG  C C8    1 
ATOM   748 N N7    . DG  C 2 7  ? -0.915  15.496  -4.035  1.00 42.55 ? 115 DG  C N7    1 
ATOM   749 C C5    . DG  C 2 7  ? 0.190   16.021  -3.375  1.00 42.58 ? 115 DG  C C5    1 
ATOM   750 C C6    . DG  C 2 7  ? 1.500   16.307  -3.864  1.00 45.30 ? 115 DG  C C6    1 
ATOM   751 O O6    . DG  C 2 7  ? 1.954   16.151  -5.029  1.00 42.50 ? 115 DG  C O6    1 
ATOM   752 N N1    . DG  C 2 7  ? 2.319   16.834  -2.855  1.00 36.29 ? 115 DG  C N1    1 
ATOM   753 C C2    . DG  C 2 7  ? 1.924   17.058  -1.546  1.00 43.21 ? 115 DG  C C2    1 
ATOM   754 N N2    . DG  C 2 7  ? 2.866   17.570  -0.721  1.00 39.83 ? 115 DG  C N2    1 
ATOM   755 N N3    . DG  C 2 7  ? 0.702   16.790  -1.079  1.00 42.50 ? 115 DG  C N3    1 
ATOM   756 C C4    . DG  C 2 7  ? -0.112  16.277  -2.047  1.00 40.91 ? 115 DG  C C4    1 
ATOM   757 P P     . DC  C 2 8  ? -6.206  17.471  0.852   1.00 53.46 ? 116 DC  C P     1 
ATOM   758 O OP1   . DC  C 2 8  ? -7.070  17.378  2.046   1.00 59.00 ? 116 DC  C OP1   1 
ATOM   759 O OP2   . DC  C 2 8  ? -6.789  17.318  -0.506  1.00 50.62 ? 116 DC  C OP2   1 
ATOM   760 O "O5'" . DC  C 2 8  ? -5.396  18.842  0.894   1.00 55.98 ? 116 DC  C "O5'" 1 
ATOM   761 C "C5'" . DC  C 2 8  ? -4.528  19.088  1.979   1.00 51.79 ? 116 DC  C "C5'" 1 
ATOM   762 C "C4'" . DC  C 2 8  ? -3.481  20.114  1.611   1.00 52.04 ? 116 DC  C "C4'" 1 
ATOM   763 O "O4'" . DC  C 2 8  ? -2.468  19.506  0.799   1.00 48.38 ? 116 DC  C "O4'" 1 
ATOM   764 C "C3'" . DC  C 2 8  ? -3.965  21.259  0.746   1.00 49.14 ? 116 DC  C "C3'" 1 
ATOM   765 O "O3'" . DC  C 2 8  ? -4.622  22.237  1.544   1.00 55.00 ? 116 DC  C "O3'" 1 
ATOM   766 C "C2'" . DC  C 2 8  ? -2.645  21.793  0.174   1.00 45.13 ? 116 DC  C "C2'" 1 
ATOM   767 C "C1'" . DC  C 2 8  ? -1.728  20.552  0.205   1.00 47.70 ? 116 DC  C "C1'" 1 
ATOM   768 N N1    . DC  C 2 8  ? -1.250  20.124  -1.140  1.00 45.32 ? 116 DC  C N1    1 
ATOM   769 C C2    . DC  C 2 8  ? 0.105   20.249  -1.452  1.00 44.01 ? 116 DC  C C2    1 
ATOM   770 O O2    . DC  C 2 8  ? 0.880   20.687  -0.595  1.00 42.17 ? 116 DC  C O2    1 
ATOM   771 N N3    . DC  C 2 8  ? 0.534   19.878  -2.685  1.00 43.92 ? 116 DC  C N3    1 
ATOM   772 C C4    . DC  C 2 8  ? -0.329  19.407  -3.584  1.00 41.16 ? 116 DC  C C4    1 
ATOM   773 N N4    . DC  C 2 8  ? 0.151   19.048  -4.782  1.00 44.71 ? 116 DC  C N4    1 
ATOM   774 C C5    . DC  C 2 8  ? -1.719  19.274  -3.290  1.00 44.38 ? 116 DC  C C5    1 
ATOM   775 C C6    . DC  C 2 8  ? -2.134  19.647  -2.066  1.00 43.49 ? 116 DC  C C6    1 
HETATM 776 O O     . HOH D 3 .  ? -8.558  7.313   0.145   1.00 59.43 ? 101 HOH A O     1 
HETATM 777 O O     . HOH D 3 .  ? 12.570  -1.041  5.922   1.00 43.81 ? 102 HOH A O     1 
HETATM 778 O O     . HOH D 3 .  ? -7.316  -0.114  0.166   1.00 48.13 ? 103 HOH A O     1 
HETATM 779 O O     . HOH D 3 .  ? -8.246  6.020   4.832   1.00 54.41 ? 104 HOH A O     1 
HETATM 780 O O     . HOH D 3 .  ? 2.370   -7.340  -1.635  1.00 34.94 ? 105 HOH A O     1 
HETATM 781 O O     . HOH D 3 .  ? 7.171   15.017  7.828   1.00 42.01 ? 106 HOH A O     1 
HETATM 782 O O     . HOH D 3 .  ? 11.771  2.556   7.047   1.00 43.27 ? 107 HOH A O     1 
HETATM 783 O O     . HOH D 3 .  ? -1.892  0.265   -8.626  1.00 42.70 ? 108 HOH A O     1 
HETATM 784 O O     . HOH D 3 .  ? -0.540  2.240   -7.487  1.00 36.79 ? 109 HOH A O     1 
HETATM 785 O O     . HOH D 3 .  ? -1.895  16.048  4.705   1.00 38.31 ? 110 HOH A O     1 
HETATM 786 O O     . HOH D 3 .  ? 10.819  -9.590  -4.335  1.00 39.01 ? 111 HOH A O     1 
HETATM 787 O O     . HOH D 3 .  ? -5.221  10.676  3.912   1.00 59.94 ? 112 HOH A O     1 
HETATM 788 O O     . HOH D 3 .  ? -3.445  7.008   4.196   1.00 44.32 ? 113 HOH A O     1 
HETATM 789 O O     . HOH D 3 .  ? 6.856   11.106  5.751   1.00 31.78 ? 114 HOH A O     1 
HETATM 790 O O     . HOH D 3 .  ? 9.956   -7.790  -9.736  1.00 39.88 ? 115 HOH A O     1 
HETATM 791 O O     . HOH D 3 .  ? -3.004  17.559  7.333   1.00 39.59 ? 116 HOH A O     1 
HETATM 792 O O     . HOH D 3 .  ? 11.462  -9.779  -8.512  1.00 44.98 ? 117 HOH A O     1 
HETATM 793 O O     . HOH D 3 .  ? 2.149   -2.640  9.639   1.00 59.69 ? 118 HOH A O     1 
HETATM 794 O O     . HOH D 3 .  ? 6.440   6.072   8.589   1.00 42.23 ? 119 HOH A O     1 
HETATM 795 O O     . HOH D 3 .  ? 7.197   3.434   -7.141  1.00 40.15 ? 120 HOH A O     1 
HETATM 796 O O     . HOH D 3 .  ? -3.556  -8.190  -10.920 1.00 53.33 ? 121 HOH A O     1 
HETATM 797 O O     . HOH D 3 .  ? -5.872  1.877   0.521   1.00 45.99 ? 122 HOH A O     1 
HETATM 798 O O     . HOH D 3 .  ? 5.345   21.354  5.330   1.00 42.85 ? 123 HOH A O     1 
HETATM 799 O O     . HOH D 3 .  ? 8.973   -1.110  8.272   1.00 47.22 ? 124 HOH A O     1 
HETATM 800 O O     . HOH D 3 .  ? 1.243   13.522  1.788   1.00 33.96 ? 125 HOH A O     1 
HETATM 801 O O     . HOH D 3 .  ? 4.498   2.578   -7.878  1.00 32.99 ? 126 HOH A O     1 
HETATM 802 O O     . HOH D 3 .  ? -0.420  -10.954 0.109   1.00 35.27 ? 127 HOH A O     1 
HETATM 803 O O     . HOH D 3 .  ? -2.658  20.489  7.395   1.00 49.51 ? 128 HOH A O     1 
HETATM 804 O O     . HOH D 3 .  ? 0.833   -9.242  10.931  1.00 56.18 ? 129 HOH A O     1 
HETATM 805 O O     . HOH D 3 .  ? 6.992   -1.985  7.014   1.00 41.27 ? 130 HOH A O     1 
HETATM 806 O O     . HOH D 3 .  ? 4.067   15.445  9.627   1.00 41.05 ? 131 HOH A O     1 
HETATM 807 O O     . HOH D 3 .  ? -8.561  -11.792 9.842   1.00 43.17 ? 132 HOH A O     1 
HETATM 808 O O     . HOH D 3 .  ? 4.979   21.569  11.746  1.00 41.24 ? 133 HOH A O     1 
HETATM 809 O O     . HOH D 3 .  ? 9.005   -1.790  -10.448 1.00 45.67 ? 134 HOH A O     1 
HETATM 810 O O     . HOH D 3 .  ? 13.583  16.983  5.517   1.00 45.63 ? 135 HOH A O     1 
HETATM 811 O O     . HOH D 3 .  ? -3.265  -9.625  -9.162  1.00 51.45 ? 136 HOH A O     1 
HETATM 812 O O     . HOH D 3 .  ? 3.508   21.969  3.833   1.00 44.83 ? 137 HOH A O     1 
HETATM 813 O O     . HOH D 3 .  ? 0.526   26.440  3.836   1.00 61.35 ? 138 HOH A O     1 
HETATM 814 O O     . HOH D 3 .  ? 6.621   11.931  8.345   1.00 45.70 ? 139 HOH A O     1 
HETATM 815 O O     . HOH D 3 .  ? 5.251   23.051  10.119  1.00 49.32 ? 140 HOH A O     1 
HETATM 816 O O     . HOH E 3 .  ? 17.380  -1.904  -2.696  1.00 47.00 ? 201 HOH B O     1 
HETATM 817 O O     . HOH E 3 .  ? 14.272  21.407  -2.717  1.00 43.78 ? 202 HOH B O     1 
HETATM 818 O O     . HOH E 3 .  ? 13.412  10.935  7.424   1.00 38.32 ? 203 HOH B O     1 
HETATM 819 O O     . HOH E 3 .  ? 13.774  -5.001  -13.970 1.00 35.82 ? 204 HOH B O     1 
HETATM 820 O O     . HOH E 3 .  ? 15.443  2.858   1.219   1.00 40.14 ? 205 HOH B O     1 
HETATM 821 O O     . HOH E 3 .  ? 15.719  2.780   -12.987 1.00 41.97 ? 206 HOH B O     1 
HETATM 822 O O     . HOH E 3 .  ? 9.069   -4.399  -10.652 1.00 33.97 ? 207 HOH B O     1 
HETATM 823 O O     . HOH E 3 .  ? 15.128  5.166   4.975   1.00 48.28 ? 208 HOH B O     1 
HETATM 824 O O     . HOH E 3 .  ? 12.791  15.468  2.819   1.00 43.23 ? 209 HOH B O     1 
HETATM 825 O O     . HOH E 3 .  ? 11.486  -3.500  0.290   1.00 36.30 ? 210 HOH B O     1 
HETATM 826 O O     . HOH E 3 .  ? 14.644  2.313   5.131   1.00 45.16 ? 211 HOH B O     1 
HETATM 827 O O     . HOH E 3 .  ? 13.373  -7.645  -6.916  1.00 43.94 ? 212 HOH B O     1 
HETATM 828 O O     . HOH E 3 .  ? 13.931  11.614  2.484   1.00 39.60 ? 213 HOH B O     1 
HETATM 829 O O     . HOH E 3 .  ? 13.276  11.248  -2.944  1.00 39.09 ? 214 HOH B O     1 
HETATM 830 O O     . HOH E 3 .  ? 12.115  -3.035  2.729   1.00 43.53 ? 215 HOH B O     1 
HETATM 831 O O     . HOH E 3 .  ? 12.539  18.607  2.926   1.00 39.07 ? 216 HOH B O     1 
HETATM 832 O O     . HOH E 3 .  ? 9.679   15.413  -7.423  1.00 49.78 ? 217 HOH B O     1 
HETATM 833 O O     . HOH E 3 .  ? 11.725  13.326  -0.759  1.00 41.52 ? 218 HOH B O     1 
HETATM 834 O O     . HOH E 3 .  ? 14.280  19.664  0.509   1.00 46.95 ? 219 HOH B O     1 
HETATM 835 O O     . HOH E 3 .  ? 11.336  22.229  3.318   1.00 37.86 ? 220 HOH B O     1 
HETATM 836 O O     . HOH E 3 .  ? 9.283   22.285  5.953   1.00 41.44 ? 221 HOH B O     1 
HETATM 837 O O     . HOH E 3 .  ? 6.032   14.719  -7.187  1.00 44.90 ? 222 HOH B O     1 
HETATM 838 O O     . HOH E 3 .  ? 12.054  -6.825  -12.398 1.00 39.55 ? 223 HOH B O     1 
HETATM 839 O O     . HOH E 3 .  ? 10.319  13.759  -2.728  1.00 42.06 ? 224 HOH B O     1 
HETATM 840 O O     . HOH E 3 .  ? 15.683  -0.926  -15.797 1.00 42.76 ? 225 HOH B O     1 
HETATM 841 O O     . HOH E 3 .  ? 17.758  1.142   -3.436  1.00 44.82 ? 226 HOH B O     1 
HETATM 842 O O     . HOH E 3 .  ? 11.497  17.747  -1.192  1.00 42.16 ? 227 HOH B O     1 
HETATM 843 O O     . HOH E 3 .  ? 8.709   5.522   8.534   1.00 45.55 ? 228 HOH B O     1 
HETATM 844 O O     . HOH E 3 .  ? 10.323  0.326   -9.159  1.00 50.60 ? 229 HOH B O     1 
HETATM 845 O O     . HOH E 3 .  ? 4.955   17.365  -7.543  1.00 52.66 ? 230 HOH B O     1 
HETATM 846 O O     . HOH E 3 .  ? 14.641  6.170   2.472   1.00 40.59 ? 231 HOH B O     1 
HETATM 847 O O     . HOH E 3 .  ? 11.417  16.318  0.928   1.00 38.01 ? 233 HOH B O     1 
HETATM 848 O O     . HOH E 3 .  ? 10.499  19.562  -7.043  1.00 53.92 ? 234 HOH B O     1 
HETATM 849 O O     . HOH E 3 .  ? 12.362  19.334  -5.764  1.00 55.26 ? 235 HOH B O     1 
HETATM 850 O O     . HOH E 3 .  ? 16.462  8.040   1.790   1.00 46.12 ? 236 HOH B O     1 
HETATM 851 O O     . HOH F 3 .  ? -1.207  8.968   -7.275  1.00 37.28 ? 201 HOH C O     1 
HETATM 852 O O     . HOH F 3 .  ? 7.442   13.325  -5.380  1.00 41.47 ? 202 HOH C O     1 
HETATM 853 O O     . HOH F 3 .  ? 0.818   4.679   -12.957 1.00 44.76 ? 203 HOH C O     1 
HETATM 854 O O     . HOH F 3 .  ? -2.780  5.483   -8.118  1.00 51.04 ? 204 HOH C O     1 
HETATM 855 O O     . HOH F 3 .  ? 13.369  5.794   -11.213 1.00 39.42 ? 205 HOH C O     1 
HETATM 856 O O     . HOH F 3 .  ? 12.359  13.406  -9.266  1.00 52.62 ? 206 HOH C O     1 
HETATM 857 O O     . HOH F 3 .  ? 1.089   2.424   -9.716  1.00 43.50 ? 207 HOH C O     1 
HETATM 858 O O     . HOH F 3 .  ? 18.828  7.784   -2.317  1.00 47.63 ? 208 HOH C O     1 
HETATM 859 O O     . HOH F 3 .  ? 15.935  6.755   -11.676 1.00 46.55 ? 209 HOH C O     1 
HETATM 860 O O     . HOH F 3 .  ? 8.542   12.159  -8.336  1.00 41.46 ? 210 HOH C O     1 
HETATM 861 O O     . HOH F 3 .  ? 1.579   9.337   -8.158  1.00 39.28 ? 211 HOH C O     1 
HETATM 862 O O     . HOH F 3 .  ? 18.054  4.108   -3.875  1.00 38.35 ? 212 HOH C O     1 
HETATM 863 O O     . HOH F 3 .  ? 13.789  11.094  -5.593  1.00 41.01 ? 213 HOH C O     1 
HETATM 864 O O     . HOH F 3 .  ? 16.165  12.779  -6.735  1.00 52.30 ? 214 HOH C O     1 
HETATM 865 O O     . HOH F 3 .  ? 11.650  12.119  -7.040  1.00 53.53 ? 215 HOH C O     1 
HETATM 866 O O     . HOH F 3 .  ? 8.855   3.178   -9.406  1.00 44.78 ? 216 HOH C O     1 
HETATM 867 O O     . HOH F 3 .  ? 3.115   1.822   -10.538 1.00 51.27 ? 217 HOH C O     1 
HETATM 868 O O     . HOH F 3 .  ? 13.931  5.012   -13.384 1.00 54.39 ? 218 HOH C O     1 
HETATM 869 O O     . HOH F 3 .  ? -4.838  10.328  -6.285  1.00 44.07 ? 219 HOH C O     1 
HETATM 870 O O     . HOH F 3 .  ? 14.245  14.041  -8.397  1.00 55.52 ? 220 HOH C O     1 
HETATM 871 O O     . HOH F 3 .  ? -2.407  11.148  -6.343  1.00 39.83 ? 221 HOH C O     1 
HETATM 872 O O     . HOH F 3 .  ? 2.291   11.638  -9.523  1.00 41.51 ? 222 HOH C O     1 
# 
loop_
_pdbx_poly_seq_scheme.asym_id 
_pdbx_poly_seq_scheme.entity_id 
_pdbx_poly_seq_scheme.seq_id 
_pdbx_poly_seq_scheme.mon_id 
_pdbx_poly_seq_scheme.ndb_seq_num 
_pdbx_poly_seq_scheme.pdb_seq_num 
_pdbx_poly_seq_scheme.auth_seq_num 
_pdbx_poly_seq_scheme.pdb_mon_id 
_pdbx_poly_seq_scheme.auth_mon_id 
_pdbx_poly_seq_scheme.pdb_strand_id 
_pdbx_poly_seq_scheme.pdb_ins_code 
_pdbx_poly_seq_scheme.hetero 
A 1 1  MET 1  1   ?   ?   ?   A . n 
A 1 2  SER 2  2   ?   ?   ?   A . n 
A 1 3  SER 3  3   ?   ?   ?   A . n 
A 1 4  GLY 4  4   4   GLY GLY A . n 
A 1 5  LYS 5  5   5   LYS LYS A . n 
A 1 6  LYS 6  6   6   LYS LYS A . n 
A 1 7  PRO 7  7   7   PRO PRO A . n 
A 1 8  VAL 8  8   8   VAL VAL A . n 
A 1 9  LYS 9  9   9   LYS LYS A . n 
A 1 10 VAL 10 10  10  VAL VAL A . n 
A 1 11 LYS 11 11  11  LYS LYS A . n 
A 1 12 THR 12 12  12  THR THR A . n 
A 1 13 PRO 13 13  13  PRO PRO A . n 
A 1 14 ALA 14 14  14  ALA ALA A . n 
A 1 15 GLY 15 15  15  GLY GLY A . n 
A 1 16 LYS 16 16  16  LYS LYS A . n 
A 1 17 GLU 17 17  17  GLU GLU A . n 
A 1 18 ALA 18 18  18  ALA ALA A . n 
A 1 19 GLU 19 19  19  GLU GLU A . n 
A 1 20 LEU 20 20  20  LEU LEU A . n 
A 1 21 VAL 21 21  21  VAL VAL A . n 
A 1 22 PRO 22 22  22  PRO PRO A . n 
A 1 23 GLU 23 23  23  GLU GLU A . n 
A 1 24 LYS 24 24  24  LYS LYS A . n 
A 1 25 VAL 25 25  25  VAL VAL A . n 
A 1 26 TRP 26 26  26  TRP TRP A . n 
A 1 27 ALA 27 27  27  ALA ALA A . n 
A 1 28 LEU 28 28  28  LEU LEU A . n 
A 1 29 ALA 29 29  29  ALA ALA A . n 
A 1 30 PRO 30 30  30  PRO PRO A . n 
A 1 31 LYS 31 31  31  LYS LYS A . n 
A 1 32 GLY 32 32  32  GLY GLY A . n 
A 1 33 ARG 33 33  33  ARG ARG A . n 
A 1 34 LYS 34 34  34  LYS LYS A . n 
A 1 35 GLY 35 35  35  GLY GLY A . n 
A 1 36 VAL 36 36  36  VAL VAL A . n 
A 1 37 LYS 37 37  37  LYS LYS A . n 
A 1 38 ILE 38 38  38  ILE ILE A . n 
A 1 39 GLY 39 39  39  GLY GLY A . n 
A 1 40 LEU 40 40  40  LEU LEU A . n 
A 1 41 PHE 41 41  41  PHE PHE A . n 
A 1 42 LYS 42 42  42  LYS LYS A . n 
A 1 43 ASP 43 43  43  ASP ASP A . n 
A 1 44 PRO 44 44  44  PRO PRO A . n 
A 1 45 GLU 45 45  45  GLU GLU A . n 
A 1 46 THR 46 46  46  THR THR A . n 
A 1 47 GLY 47 47  47  GLY GLY A . n 
A 1 48 LYS 48 48  48  LYS LYS A . n 
A 1 49 TYR 49 49  49  TYR TYR A . n 
A 1 50 PHE 50 50  50  PHE PHE A . n 
A 1 51 ARG 51 51  51  ARG ARG A . n 
A 1 52 HIS 52 52  52  HIS HIS A . n 
A 1 53 LYS 53 53  53  LYS LYS A . n 
A 1 54 LEU 54 54  54  LEU LEU A . n 
A 1 55 PRO 55 55  55  PRO PRO A . n 
A 1 56 ASP 56 56  56  ASP ASP A . n 
A 1 57 ASP 57 57  57  ASP ASP A . n 
A 1 58 TYR 58 58  58  TYR TYR A . n 
A 1 59 PRO 59 59  59  PRO PRO A . n 
A 1 60 ILE 60 60  60  ILE ILE A . n 
B 2 1  DG  1  101 101 DG  DG  B . n 
B 2 2  DT  2  102 102 DT  DT  B . n 
B 2 3  DA  3  103 103 DA  DA  B . n 
B 2 4  DA  4  104 104 DA  DA  B . n 
B 2 5  DT  5  105 105 DT  DT  B . n 
B 2 6  DT  6  106 106 DT  DT  B . n 
B 2 7  DG  7  107 107 DG  DG  B . n 
B 2 8  DC  8  108 108 DC  DC  B . n 
C 2 1  DG  1  109 109 DG  DG  C . n 
C 2 2  DT  2  110 110 DT  DT  C . n 
C 2 3  DA  3  111 111 DA  DA  C . n 
C 2 4  DA  4  112 112 DA  DA  C . n 
C 2 5  DT  5  113 113 DT  DT  C . n 
C 2 6  DT  6  114 114 DT  DT  C . n 
C 2 7  DG  7  115 115 DG  DG  C . n 
C 2 8  DC  8  116 116 DC  DC  C . n 
# 
loop_
_pdbx_nonpoly_scheme.asym_id 
_pdbx_nonpoly_scheme.entity_id 
_pdbx_nonpoly_scheme.mon_id 
_pdbx_nonpoly_scheme.ndb_seq_num 
_pdbx_nonpoly_scheme.pdb_seq_num 
_pdbx_nonpoly_scheme.auth_seq_num 
_pdbx_nonpoly_scheme.pdb_mon_id 
_pdbx_nonpoly_scheme.auth_mon_id 
_pdbx_nonpoly_scheme.pdb_strand_id 
_pdbx_nonpoly_scheme.pdb_ins_code 
D 3 HOH 1  101 92  HOH HOH A . 
D 3 HOH 2  102 70  HOH HOH A . 
D 3 HOH 3  103 24  HOH HOH A . 
D 3 HOH 4  104 95  HOH HOH A . 
D 3 HOH 5  105 4   HOH HOH A . 
D 3 HOH 6  106 49  HOH HOH A . 
D 3 HOH 7  107 64  HOH HOH A . 
D 3 HOH 8  108 27  HOH HOH A . 
D 3 HOH 9  109 38  HOH HOH A . 
D 3 HOH 10 110 48  HOH HOH A . 
D 3 HOH 11 111 5   HOH HOH A . 
D 3 HOH 12 112 97  HOH HOH A . 
D 3 HOH 13 113 17  HOH HOH A . 
D 3 HOH 14 114 3   HOH HOH A . 
D 3 HOH 15 115 19  HOH HOH A . 
D 3 HOH 16 116 9   HOH HOH A . 
D 3 HOH 17 117 37  HOH HOH A . 
D 3 HOH 18 118 100 HOH HOH A . 
D 3 HOH 19 119 52  HOH HOH A . 
D 3 HOH 20 120 59  HOH HOH A . 
D 3 HOH 21 121 71  HOH HOH A . 
D 3 HOH 22 122 43  HOH HOH A . 
D 3 HOH 23 123 61  HOH HOH A . 
D 3 HOH 24 124 72  HOH HOH A . 
D 3 HOH 25 125 20  HOH HOH A . 
D 3 HOH 26 126 2   HOH HOH A . 
D 3 HOH 27 127 6   HOH HOH A . 
D 3 HOH 28 128 78  HOH HOH A . 
D 3 HOH 29 129 90  HOH HOH A . 
D 3 HOH 30 130 56  HOH HOH A . 
D 3 HOH 31 131 83  HOH HOH A . 
D 3 HOH 32 132 40  HOH HOH A . 
D 3 HOH 33 133 75  HOH HOH A . 
D 3 HOH 34 134 45  HOH HOH A . 
D 3 HOH 35 135 88  HOH HOH A . 
D 3 HOH 36 136 85  HOH HOH A . 
D 3 HOH 37 137 77  HOH HOH A . 
D 3 HOH 38 138 89  HOH HOH A . 
D 3 HOH 39 139 79  HOH HOH A . 
D 3 HOH 40 140 98  HOH HOH A . 
E 3 HOH 1  201 74  HOH HOH B . 
E 3 HOH 2  202 30  HOH HOH B . 
E 3 HOH 3  203 51  HOH HOH B . 
E 3 HOH 4  204 55  HOH HOH B . 
E 3 HOH 5  205 50  HOH HOH B . 
E 3 HOH 6  206 86  HOH HOH B . 
E 3 HOH 7  207 1   HOH HOH B . 
E 3 HOH 8  208 84  HOH HOH B . 
E 3 HOH 9  209 44  HOH HOH B . 
E 3 HOH 10 210 39  HOH HOH B . 
E 3 HOH 11 211 76  HOH HOH B . 
E 3 HOH 12 212 22  HOH HOH B . 
E 3 HOH 13 213 21  HOH HOH B . 
E 3 HOH 14 214 29  HOH HOH B . 
E 3 HOH 15 215 65  HOH HOH B . 
E 3 HOH 16 216 16  HOH HOH B . 
E 3 HOH 17 217 82  HOH HOH B . 
E 3 HOH 18 218 57  HOH HOH B . 
E 3 HOH 19 219 54  HOH HOH B . 
E 3 HOH 20 220 10  HOH HOH B . 
E 3 HOH 21 221 62  HOH HOH B . 
E 3 HOH 22 222 66  HOH HOH B . 
E 3 HOH 23 223 35  HOH HOH B . 
E 3 HOH 24 224 25  HOH HOH B . 
E 3 HOH 25 225 53  HOH HOH B . 
E 3 HOH 26 226 28  HOH HOH B . 
E 3 HOH 27 227 23  HOH HOH B . 
E 3 HOH 28 228 91  HOH HOH B . 
E 3 HOH 29 229 69  HOH HOH B . 
E 3 HOH 30 230 80  HOH HOH B . 
E 3 HOH 31 231 41  HOH HOH B . 
E 3 HOH 32 233 11  HOH HOH B . 
E 3 HOH 33 234 94  HOH HOH B . 
E 3 HOH 34 235 87  HOH HOH B . 
E 3 HOH 35 236 42  HOH HOH B . 
F 3 HOH 1  201 14  HOH HOH C . 
F 3 HOH 2  202 58  HOH HOH C . 
F 3 HOH 3  203 46  HOH HOH C . 
F 3 HOH 4  204 81  HOH HOH C . 
F 3 HOH 5  205 7   HOH HOH C . 
F 3 HOH 6  206 93  HOH HOH C . 
F 3 HOH 7  207 8   HOH HOH C . 
F 3 HOH 8  208 67  HOH HOH C . 
F 3 HOH 9  209 12  HOH HOH C . 
F 3 HOH 10 210 18  HOH HOH C . 
F 3 HOH 11 211 32  HOH HOH C . 
F 3 HOH 12 212 15  HOH HOH C . 
F 3 HOH 13 213 13  HOH HOH C . 
F 3 HOH 14 214 34  HOH HOH C . 
F 3 HOH 15 215 99  HOH HOH C . 
F 3 HOH 16 216 68  HOH HOH C . 
F 3 HOH 17 217 60  HOH HOH C . 
F 3 HOH 18 218 73  HOH HOH C . 
F 3 HOH 19 219 31  HOH HOH C . 
F 3 HOH 20 220 96  HOH HOH C . 
F 3 HOH 21 221 26  HOH HOH C . 
F 3 HOH 22 222 33  HOH HOH C . 
# 
_pdbx_struct_assembly.id                   1 
_pdbx_struct_assembly.details              author_and_software_defined_assembly 
_pdbx_struct_assembly.method_details       PISA 
_pdbx_struct_assembly.oligomeric_details   trimeric 
_pdbx_struct_assembly.oligomeric_count     3 
# 
_pdbx_struct_assembly_gen.assembly_id       1 
_pdbx_struct_assembly_gen.oper_expression   1 
_pdbx_struct_assembly_gen.asym_id_list      A,B,C,D,E,F 
# 
loop_
_pdbx_struct_assembly_prop.biol_id 
_pdbx_struct_assembly_prop.type 
_pdbx_struct_assembly_prop.value 
_pdbx_struct_assembly_prop.details 
1 'ABSA (A^2)' 2400 ? 
1 MORE         -11  ? 
1 'SSA (A^2)'  5940 ? 
# 
_pdbx_struct_oper_list.id                   1 
_pdbx_struct_oper_list.type                 'identity operation' 
_pdbx_struct_oper_list.name                 1_555 
_pdbx_struct_oper_list.symmetry_operation   x,y,z 
_pdbx_struct_oper_list.matrix[1][1]         1.0000000000 
_pdbx_struct_oper_list.matrix[1][2]         0.0000000000 
_pdbx_struct_oper_list.matrix[1][3]         0.0000000000 
_pdbx_struct_oper_list.vector[1]            0.0000000000 
_pdbx_struct_oper_list.matrix[2][1]         0.0000000000 
_pdbx_struct_oper_list.matrix[2][2]         1.0000000000 
_pdbx_struct_oper_list.matrix[2][3]         0.0000000000 
_pdbx_struct_oper_list.vector[2]            0.0000000000 
_pdbx_struct_oper_list.matrix[3][1]         0.0000000000 
_pdbx_struct_oper_list.matrix[3][2]         0.0000000000 
_pdbx_struct_oper_list.matrix[3][3]         1.0000000000 
_pdbx_struct_oper_list.vector[3]            0.0000000000 
# 
loop_
_pdbx_audit_revision_history.ordinal 
_pdbx_audit_revision_history.data_content_type 
_pdbx_audit_revision_history.major_revision 
_pdbx_audit_revision_history.minor_revision 
_pdbx_audit_revision_history.revision_date 
1 'Structure model' 1 0 2017-05-24 
2 'Structure model' 1 1 2023-11-08 
# 
_pdbx_audit_revision_details.ordinal             1 
_pdbx_audit_revision_details.revision_ordinal    1 
_pdbx_audit_revision_details.data_content_type   'Structure model' 
_pdbx_audit_revision_details.provider            repository 
_pdbx_audit_revision_details.type                'Initial release' 
_pdbx_audit_revision_details.description         ? 
_pdbx_audit_revision_details.details             ? 
# 
loop_
_pdbx_audit_revision_group.ordinal 
_pdbx_audit_revision_group.revision_ordinal 
_pdbx_audit_revision_group.data_content_type 
_pdbx_audit_revision_group.group 
1 2 'Structure model' 'Data collection'        
2 2 'Structure model' 'Database references'    
3 2 'Structure model' 'Refinement description' 
# 
loop_
_pdbx_audit_revision_category.ordinal 
_pdbx_audit_revision_category.revision_ordinal 
_pdbx_audit_revision_category.data_content_type 
_pdbx_audit_revision_category.category 
1 2 'Structure model' chem_comp_atom                
2 2 'Structure model' chem_comp_bond                
3 2 'Structure model' database_2                    
4 2 'Structure model' pdbx_initial_refinement_model 
# 
loop_
_pdbx_audit_revision_item.ordinal 
_pdbx_audit_revision_item.revision_ordinal 
_pdbx_audit_revision_item.data_content_type 
_pdbx_audit_revision_item.item 
1 2 'Structure model' '_database_2.pdbx_DOI'                
2 2 'Structure model' '_database_2.pdbx_database_accession' 
# 
loop_
_software.citation_id 
_software.classification 
_software.compiler_name 
_software.compiler_version 
_software.contact_author 
_software.contact_author_email 
_software.date 
_software.description 
_software.dependencies 
_software.hardware 
_software.language 
_software.location 
_software.mods 
_software.name 
_software.os 
_software.os_version 
_software.type 
_software.version 
_software.pdbx_ordinal 
? refinement       ? ? ? ? ? ? ? ? ? ? ? PHENIX   ? ? ? 1.9_1692 1 
? 'data reduction' ? ? ? ? ? ? ? ? ? ? ? HKL-2000 ? ? ? .        2 
? 'data scaling'   ? ? ? ? ? ? ? ? ? ? ? HKL-2000 ? ? ? .        3 
? phasing          ? ? ? ? ? ? ? ? ? ? ? PHASER   ? ? ? .        4 
# 
_pdbx_validate_close_contact.id               1 
_pdbx_validate_close_contact.PDB_model_num    1 
_pdbx_validate_close_contact.auth_atom_id_1   O 
_pdbx_validate_close_contact.auth_asym_id_1   C 
_pdbx_validate_close_contact.auth_comp_id_1   HOH 
_pdbx_validate_close_contact.auth_seq_id_1    206 
_pdbx_validate_close_contact.PDB_ins_code_1   ? 
_pdbx_validate_close_contact.label_alt_id_1   ? 
_pdbx_validate_close_contact.auth_atom_id_2   O 
_pdbx_validate_close_contact.auth_asym_id_2   C 
_pdbx_validate_close_contact.auth_comp_id_2   HOH 
_pdbx_validate_close_contact.auth_seq_id_2    220 
_pdbx_validate_close_contact.PDB_ins_code_2   ? 
_pdbx_validate_close_contact.label_alt_id_2   ? 
_pdbx_validate_close_contact.dist             2.17 
# 
_pdbx_validate_torsion.id              1 
_pdbx_validate_torsion.PDB_model_num   1 
_pdbx_validate_torsion.auth_comp_id    LYS 
_pdbx_validate_torsion.auth_asym_id    A 
_pdbx_validate_torsion.auth_seq_id     5 
_pdbx_validate_torsion.PDB_ins_code    ? 
_pdbx_validate_torsion.label_alt_id    ? 
_pdbx_validate_torsion.phi             -100.48 
_pdbx_validate_torsion.psi             74.70 
# 
loop_
_pdbx_unobs_or_zero_occ_residues.id 
_pdbx_unobs_or_zero_occ_residues.PDB_model_num 
_pdbx_unobs_or_zero_occ_residues.polymer_flag 
_pdbx_unobs_or_zero_occ_residues.occupancy_flag 
_pdbx_unobs_or_zero_occ_residues.auth_asym_id 
_pdbx_unobs_or_zero_occ_residues.auth_comp_id 
_pdbx_unobs_or_zero_occ_residues.auth_seq_id 
_pdbx_unobs_or_zero_occ_residues.PDB_ins_code 
_pdbx_unobs_or_zero_occ_residues.label_asym_id 
_pdbx_unobs_or_zero_occ_residues.label_comp_id 
_pdbx_unobs_or_zero_occ_residues.label_seq_id 
1 1 Y 1 A MET 1 ? A MET 1 
2 1 Y 1 A SER 2 ? A SER 2 
3 1 Y 1 A SER 3 ? A SER 3 
# 
loop_
_chem_comp_atom.comp_id 
_chem_comp_atom.atom_id 
_chem_comp_atom.type_symbol 
_chem_comp_atom.pdbx_aromatic_flag 
_chem_comp_atom.pdbx_stereo_config 
_chem_comp_atom.pdbx_ordinal 
ALA N      N N N 1   
ALA CA     C N S 2   
ALA C      C N N 3   
ALA O      O N N 4   
ALA CB     C N N 5   
ALA OXT    O N N 6   
ALA H      H N N 7   
ALA H2     H N N 8   
ALA HA     H N N 9   
ALA HB1    H N N 10  
ALA HB2    H N N 11  
ALA HB3    H N N 12  
ALA HXT    H N N 13  
ARG N      N N N 14  
ARG CA     C N S 15  
ARG C      C N N 16  
ARG O      O N N 17  
ARG CB     C N N 18  
ARG CG     C N N 19  
ARG CD     C N N 20  
ARG NE     N N N 21  
ARG CZ     C N N 22  
ARG NH1    N N N 23  
ARG NH2    N N N 24  
ARG OXT    O N N 25  
ARG H      H N N 26  
ARG H2     H N N 27  
ARG HA     H N N 28  
ARG HB2    H N N 29  
ARG HB3    H N N 30  
ARG HG2    H N N 31  
ARG HG3    H N N 32  
ARG HD2    H N N 33  
ARG HD3    H N N 34  
ARG HE     H N N 35  
ARG HH11   H N N 36  
ARG HH12   H N N 37  
ARG HH21   H N N 38  
ARG HH22   H N N 39  
ARG HXT    H N N 40  
ASP N      N N N 41  
ASP CA     C N S 42  
ASP C      C N N 43  
ASP O      O N N 44  
ASP CB     C N N 45  
ASP CG     C N N 46  
ASP OD1    O N N 47  
ASP OD2    O N N 48  
ASP OXT    O N N 49  
ASP H      H N N 50  
ASP H2     H N N 51  
ASP HA     H N N 52  
ASP HB2    H N N 53  
ASP HB3    H N N 54  
ASP HD2    H N N 55  
ASP HXT    H N N 56  
DA  OP3    O N N 57  
DA  P      P N N 58  
DA  OP1    O N N 59  
DA  OP2    O N N 60  
DA  "O5'"  O N N 61  
DA  "C5'"  C N N 62  
DA  "C4'"  C N R 63  
DA  "O4'"  O N N 64  
DA  "C3'"  C N S 65  
DA  "O3'"  O N N 66  
DA  "C2'"  C N N 67  
DA  "C1'"  C N R 68  
DA  N9     N Y N 69  
DA  C8     C Y N 70  
DA  N7     N Y N 71  
DA  C5     C Y N 72  
DA  C6     C Y N 73  
DA  N6     N N N 74  
DA  N1     N Y N 75  
DA  C2     C Y N 76  
DA  N3     N Y N 77  
DA  C4     C Y N 78  
DA  HOP3   H N N 79  
DA  HOP2   H N N 80  
DA  "H5'"  H N N 81  
DA  "H5''" H N N 82  
DA  "H4'"  H N N 83  
DA  "H3'"  H N N 84  
DA  "HO3'" H N N 85  
DA  "H2'"  H N N 86  
DA  "H2''" H N N 87  
DA  "H1'"  H N N 88  
DA  H8     H N N 89  
DA  H61    H N N 90  
DA  H62    H N N 91  
DA  H2     H N N 92  
DC  OP3    O N N 93  
DC  P      P N N 94  
DC  OP1    O N N 95  
DC  OP2    O N N 96  
DC  "O5'"  O N N 97  
DC  "C5'"  C N N 98  
DC  "C4'"  C N R 99  
DC  "O4'"  O N N 100 
DC  "C3'"  C N S 101 
DC  "O3'"  O N N 102 
DC  "C2'"  C N N 103 
DC  "C1'"  C N R 104 
DC  N1     N N N 105 
DC  C2     C N N 106 
DC  O2     O N N 107 
DC  N3     N N N 108 
DC  C4     C N N 109 
DC  N4     N N N 110 
DC  C5     C N N 111 
DC  C6     C N N 112 
DC  HOP3   H N N 113 
DC  HOP2   H N N 114 
DC  "H5'"  H N N 115 
DC  "H5''" H N N 116 
DC  "H4'"  H N N 117 
DC  "H3'"  H N N 118 
DC  "HO3'" H N N 119 
DC  "H2'"  H N N 120 
DC  "H2''" H N N 121 
DC  "H1'"  H N N 122 
DC  H41    H N N 123 
DC  H42    H N N 124 
DC  H5     H N N 125 
DC  H6     H N N 126 
DG  OP3    O N N 127 
DG  P      P N N 128 
DG  OP1    O N N 129 
DG  OP2    O N N 130 
DG  "O5'"  O N N 131 
DG  "C5'"  C N N 132 
DG  "C4'"  C N R 133 
DG  "O4'"  O N N 134 
DG  "C3'"  C N S 135 
DG  "O3'"  O N N 136 
DG  "C2'"  C N N 137 
DG  "C1'"  C N R 138 
DG  N9     N Y N 139 
DG  C8     C Y N 140 
DG  N7     N Y N 141 
DG  C5     C Y N 142 
DG  C6     C N N 143 
DG  O6     O N N 144 
DG  N1     N N N 145 
DG  C2     C N N 146 
DG  N2     N N N 147 
DG  N3     N N N 148 
DG  C4     C Y N 149 
DG  HOP3   H N N 150 
DG  HOP2   H N N 151 
DG  "H5'"  H N N 152 
DG  "H5''" H N N 153 
DG  "H4'"  H N N 154 
DG  "H3'"  H N N 155 
DG  "HO3'" H N N 156 
DG  "H2'"  H N N 157 
DG  "H2''" H N N 158 
DG  "H1'"  H N N 159 
DG  H8     H N N 160 
DG  H1     H N N 161 
DG  H21    H N N 162 
DG  H22    H N N 163 
DT  OP3    O N N 164 
DT  P      P N N 165 
DT  OP1    O N N 166 
DT  OP2    O N N 167 
DT  "O5'"  O N N 168 
DT  "C5'"  C N N 169 
DT  "C4'"  C N R 170 
DT  "O4'"  O N N 171 
DT  "C3'"  C N S 172 
DT  "O3'"  O N N 173 
DT  "C2'"  C N N 174 
DT  "C1'"  C N R 175 
DT  N1     N N N 176 
DT  C2     C N N 177 
DT  O2     O N N 178 
DT  N3     N N N 179 
DT  C4     C N N 180 
DT  O4     O N N 181 
DT  C5     C N N 182 
DT  C7     C N N 183 
DT  C6     C N N 184 
DT  HOP3   H N N 185 
DT  HOP2   H N N 186 
DT  "H5'"  H N N 187 
DT  "H5''" H N N 188 
DT  "H4'"  H N N 189 
DT  "H3'"  H N N 190 
DT  "HO3'" H N N 191 
DT  "H2'"  H N N 192 
DT  "H2''" H N N 193 
DT  "H1'"  H N N 194 
DT  H3     H N N 195 
DT  H71    H N N 196 
DT  H72    H N N 197 
DT  H73    H N N 198 
DT  H6     H N N 199 
GLU N      N N N 200 
GLU CA     C N S 201 
GLU C      C N N 202 
GLU O      O N N 203 
GLU CB     C N N 204 
GLU CG     C N N 205 
GLU CD     C N N 206 
GLU OE1    O N N 207 
GLU OE2    O N N 208 
GLU OXT    O N N 209 
GLU H      H N N 210 
GLU H2     H N N 211 
GLU HA     H N N 212 
GLU HB2    H N N 213 
GLU HB3    H N N 214 
GLU HG2    H N N 215 
GLU HG3    H N N 216 
GLU HE2    H N N 217 
GLU HXT    H N N 218 
GLY N      N N N 219 
GLY CA     C N N 220 
GLY C      C N N 221 
GLY O      O N N 222 
GLY OXT    O N N 223 
GLY H      H N N 224 
GLY H2     H N N 225 
GLY HA2    H N N 226 
GLY HA3    H N N 227 
GLY HXT    H N N 228 
HIS N      N N N 229 
HIS CA     C N S 230 
HIS C      C N N 231 
HIS O      O N N 232 
HIS CB     C N N 233 
HIS CG     C Y N 234 
HIS ND1    N Y N 235 
HIS CD2    C Y N 236 
HIS CE1    C Y N 237 
HIS NE2    N Y N 238 
HIS OXT    O N N 239 
HIS H      H N N 240 
HIS H2     H N N 241 
HIS HA     H N N 242 
HIS HB2    H N N 243 
HIS HB3    H N N 244 
HIS HD1    H N N 245 
HIS HD2    H N N 246 
HIS HE1    H N N 247 
HIS HE2    H N N 248 
HIS HXT    H N N 249 
HOH O      O N N 250 
HOH H1     H N N 251 
HOH H2     H N N 252 
ILE N      N N N 253 
ILE CA     C N S 254 
ILE C      C N N 255 
ILE O      O N N 256 
ILE CB     C N S 257 
ILE CG1    C N N 258 
ILE CG2    C N N 259 
ILE CD1    C N N 260 
ILE OXT    O N N 261 
ILE H      H N N 262 
ILE H2     H N N 263 
ILE HA     H N N 264 
ILE HB     H N N 265 
ILE HG12   H N N 266 
ILE HG13   H N N 267 
ILE HG21   H N N 268 
ILE HG22   H N N 269 
ILE HG23   H N N 270 
ILE HD11   H N N 271 
ILE HD12   H N N 272 
ILE HD13   H N N 273 
ILE HXT    H N N 274 
LEU N      N N N 275 
LEU CA     C N S 276 
LEU C      C N N 277 
LEU O      O N N 278 
LEU CB     C N N 279 
LEU CG     C N N 280 
LEU CD1    C N N 281 
LEU CD2    C N N 282 
LEU OXT    O N N 283 
LEU H      H N N 284 
LEU H2     H N N 285 
LEU HA     H N N 286 
LEU HB2    H N N 287 
LEU HB3    H N N 288 
LEU HG     H N N 289 
LEU HD11   H N N 290 
LEU HD12   H N N 291 
LEU HD13   H N N 292 
LEU HD21   H N N 293 
LEU HD22   H N N 294 
LEU HD23   H N N 295 
LEU HXT    H N N 296 
LYS N      N N N 297 
LYS CA     C N S 298 
LYS C      C N N 299 
LYS O      O N N 300 
LYS CB     C N N 301 
LYS CG     C N N 302 
LYS CD     C N N 303 
LYS CE     C N N 304 
LYS NZ     N N N 305 
LYS OXT    O N N 306 
LYS H      H N N 307 
LYS H2     H N N 308 
LYS HA     H N N 309 
LYS HB2    H N N 310 
LYS HB3    H N N 311 
LYS HG2    H N N 312 
LYS HG3    H N N 313 
LYS HD2    H N N 314 
LYS HD3    H N N 315 
LYS HE2    H N N 316 
LYS HE3    H N N 317 
LYS HZ1    H N N 318 
LYS HZ2    H N N 319 
LYS HZ3    H N N 320 
LYS HXT    H N N 321 
MET N      N N N 322 
MET CA     C N S 323 
MET C      C N N 324 
MET O      O N N 325 
MET CB     C N N 326 
MET CG     C N N 327 
MET SD     S N N 328 
MET CE     C N N 329 
MET OXT    O N N 330 
MET H      H N N 331 
MET H2     H N N 332 
MET HA     H N N 333 
MET HB2    H N N 334 
MET HB3    H N N 335 
MET HG2    H N N 336 
MET HG3    H N N 337 
MET HE1    H N N 338 
MET HE2    H N N 339 
MET HE3    H N N 340 
MET HXT    H N N 341 
PHE N      N N N 342 
PHE CA     C N S 343 
PHE C      C N N 344 
PHE O      O N N 345 
PHE CB     C N N 346 
PHE CG     C Y N 347 
PHE CD1    C Y N 348 
PHE CD2    C Y N 349 
PHE CE1    C Y N 350 
PHE CE2    C Y N 351 
PHE CZ     C Y N 352 
PHE OXT    O N N 353 
PHE H      H N N 354 
PHE H2     H N N 355 
PHE HA     H N N 356 
PHE HB2    H N N 357 
PHE HB3    H N N 358 
PHE HD1    H N N 359 
PHE HD2    H N N 360 
PHE HE1    H N N 361 
PHE HE2    H N N 362 
PHE HZ     H N N 363 
PHE HXT    H N N 364 
PRO N      N N N 365 
PRO CA     C N S 366 
PRO C      C N N 367 
PRO O      O N N 368 
PRO CB     C N N 369 
PRO CG     C N N 370 
PRO CD     C N N 371 
PRO OXT    O N N 372 
PRO H      H N N 373 
PRO HA     H N N 374 
PRO HB2    H N N 375 
PRO HB3    H N N 376 
PRO HG2    H N N 377 
PRO HG3    H N N 378 
PRO HD2    H N N 379 
PRO HD3    H N N 380 
PRO HXT    H N N 381 
SER N      N N N 382 
SER CA     C N S 383 
SER C      C N N 384 
SER O      O N N 385 
SER CB     C N N 386 
SER OG     O N N 387 
SER OXT    O N N 388 
SER H      H N N 389 
SER H2     H N N 390 
SER HA     H N N 391 
SER HB2    H N N 392 
SER HB3    H N N 393 
SER HG     H N N 394 
SER HXT    H N N 395 
THR N      N N N 396 
THR CA     C N S 397 
THR C      C N N 398 
THR O      O N N 399 
THR CB     C N R 400 
THR OG1    O N N 401 
THR CG2    C N N 402 
THR OXT    O N N 403 
THR H      H N N 404 
THR H2     H N N 405 
THR HA     H N N 406 
THR HB     H N N 407 
THR HG1    H N N 408 
THR HG21   H N N 409 
THR HG22   H N N 410 
THR HG23   H N N 411 
THR HXT    H N N 412 
TRP N      N N N 413 
TRP CA     C N S 414 
TRP C      C N N 415 
TRP O      O N N 416 
TRP CB     C N N 417 
TRP CG     C Y N 418 
TRP CD1    C Y N 419 
TRP CD2    C Y N 420 
TRP NE1    N Y N 421 
TRP CE2    C Y N 422 
TRP CE3    C Y N 423 
TRP CZ2    C Y N 424 
TRP CZ3    C Y N 425 
TRP CH2    C Y N 426 
TRP OXT    O N N 427 
TRP H      H N N 428 
TRP H2     H N N 429 
TRP HA     H N N 430 
TRP HB2    H N N 431 
TRP HB3    H N N 432 
TRP HD1    H N N 433 
TRP HE1    H N N 434 
TRP HE3    H N N 435 
TRP HZ2    H N N 436 
TRP HZ3    H N N 437 
TRP HH2    H N N 438 
TRP HXT    H N N 439 
TYR N      N N N 440 
TYR CA     C N S 441 
TYR C      C N N 442 
TYR O      O N N 443 
TYR CB     C N N 444 
TYR CG     C Y N 445 
TYR CD1    C Y N 446 
TYR CD2    C Y N 447 
TYR CE1    C Y N 448 
TYR CE2    C Y N 449 
TYR CZ     C Y N 450 
TYR OH     O N N 451 
TYR OXT    O N N 452 
TYR H      H N N 453 
TYR H2     H N N 454 
TYR HA     H N N 455 
TYR HB2    H N N 456 
TYR HB3    H N N 457 
TYR HD1    H N N 458 
TYR HD2    H N N 459 
TYR HE1    H N N 460 
TYR HE2    H N N 461 
TYR HH     H N N 462 
TYR HXT    H N N 463 
VAL N      N N N 464 
VAL CA     C N S 465 
VAL C      C N N 466 
VAL O      O N N 467 
VAL CB     C N N 468 
VAL CG1    C N N 469 
VAL CG2    C N N 470 
VAL OXT    O N N 471 
VAL H      H N N 472 
VAL H2     H N N 473 
VAL HA     H N N 474 
VAL HB     H N N 475 
VAL HG11   H N N 476 
VAL HG12   H N N 477 
VAL HG13   H N N 478 
VAL HG21   H N N 479 
VAL HG22   H N N 480 
VAL HG23   H N N 481 
VAL HXT    H N N 482 
# 
loop_
_chem_comp_bond.comp_id 
_chem_comp_bond.atom_id_1 
_chem_comp_bond.atom_id_2 
_chem_comp_bond.value_order 
_chem_comp_bond.pdbx_aromatic_flag 
_chem_comp_bond.pdbx_stereo_config 
_chem_comp_bond.pdbx_ordinal 
ALA N     CA     sing N N 1   
ALA N     H      sing N N 2   
ALA N     H2     sing N N 3   
ALA CA    C      sing N N 4   
ALA CA    CB     sing N N 5   
ALA CA    HA     sing N N 6   
ALA C     O      doub N N 7   
ALA C     OXT    sing N N 8   
ALA CB    HB1    sing N N 9   
ALA CB    HB2    sing N N 10  
ALA CB    HB3    sing N N 11  
ALA OXT   HXT    sing N N 12  
ARG N     CA     sing N N 13  
ARG N     H      sing N N 14  
ARG N     H2     sing N N 15  
ARG CA    C      sing N N 16  
ARG CA    CB     sing N N 17  
ARG CA    HA     sing N N 18  
ARG C     O      doub N N 19  
ARG C     OXT    sing N N 20  
ARG CB    CG     sing N N 21  
ARG CB    HB2    sing N N 22  
ARG CB    HB3    sing N N 23  
ARG CG    CD     sing N N 24  
ARG CG    HG2    sing N N 25  
ARG CG    HG3    sing N N 26  
ARG CD    NE     sing N N 27  
ARG CD    HD2    sing N N 28  
ARG CD    HD3    sing N N 29  
ARG NE    CZ     sing N N 30  
ARG NE    HE     sing N N 31  
ARG CZ    NH1    sing N N 32  
ARG CZ    NH2    doub N N 33  
ARG NH1   HH11   sing N N 34  
ARG NH1   HH12   sing N N 35  
ARG NH2   HH21   sing N N 36  
ARG NH2   HH22   sing N N 37  
ARG OXT   HXT    sing N N 38  
ASP N     CA     sing N N 39  
ASP N     H      sing N N 40  
ASP N     H2     sing N N 41  
ASP CA    C      sing N N 42  
ASP CA    CB     sing N N 43  
ASP CA    HA     sing N N 44  
ASP C     O      doub N N 45  
ASP C     OXT    sing N N 46  
ASP CB    CG     sing N N 47  
ASP CB    HB2    sing N N 48  
ASP CB    HB3    sing N N 49  
ASP CG    OD1    doub N N 50  
ASP CG    OD2    sing N N 51  
ASP OD2   HD2    sing N N 52  
ASP OXT   HXT    sing N N 53  
DA  OP3   P      sing N N 54  
DA  OP3   HOP3   sing N N 55  
DA  P     OP1    doub N N 56  
DA  P     OP2    sing N N 57  
DA  P     "O5'"  sing N N 58  
DA  OP2   HOP2   sing N N 59  
DA  "O5'" "C5'"  sing N N 60  
DA  "C5'" "C4'"  sing N N 61  
DA  "C5'" "H5'"  sing N N 62  
DA  "C5'" "H5''" sing N N 63  
DA  "C4'" "O4'"  sing N N 64  
DA  "C4'" "C3'"  sing N N 65  
DA  "C4'" "H4'"  sing N N 66  
DA  "O4'" "C1'"  sing N N 67  
DA  "C3'" "O3'"  sing N N 68  
DA  "C3'" "C2'"  sing N N 69  
DA  "C3'" "H3'"  sing N N 70  
DA  "O3'" "HO3'" sing N N 71  
DA  "C2'" "C1'"  sing N N 72  
DA  "C2'" "H2'"  sing N N 73  
DA  "C2'" "H2''" sing N N 74  
DA  "C1'" N9     sing N N 75  
DA  "C1'" "H1'"  sing N N 76  
DA  N9    C8     sing Y N 77  
DA  N9    C4     sing Y N 78  
DA  C8    N7     doub Y N 79  
DA  C8    H8     sing N N 80  
DA  N7    C5     sing Y N 81  
DA  C5    C6     sing Y N 82  
DA  C5    C4     doub Y N 83  
DA  C6    N6     sing N N 84  
DA  C6    N1     doub Y N 85  
DA  N6    H61    sing N N 86  
DA  N6    H62    sing N N 87  
DA  N1    C2     sing Y N 88  
DA  C2    N3     doub Y N 89  
DA  C2    H2     sing N N 90  
DA  N3    C4     sing Y N 91  
DC  OP3   P      sing N N 92  
DC  OP3   HOP3   sing N N 93  
DC  P     OP1    doub N N 94  
DC  P     OP2    sing N N 95  
DC  P     "O5'"  sing N N 96  
DC  OP2   HOP2   sing N N 97  
DC  "O5'" "C5'"  sing N N 98  
DC  "C5'" "C4'"  sing N N 99  
DC  "C5'" "H5'"  sing N N 100 
DC  "C5'" "H5''" sing N N 101 
DC  "C4'" "O4'"  sing N N 102 
DC  "C4'" "C3'"  sing N N 103 
DC  "C4'" "H4'"  sing N N 104 
DC  "O4'" "C1'"  sing N N 105 
DC  "C3'" "O3'"  sing N N 106 
DC  "C3'" "C2'"  sing N N 107 
DC  "C3'" "H3'"  sing N N 108 
DC  "O3'" "HO3'" sing N N 109 
DC  "C2'" "C1'"  sing N N 110 
DC  "C2'" "H2'"  sing N N 111 
DC  "C2'" "H2''" sing N N 112 
DC  "C1'" N1     sing N N 113 
DC  "C1'" "H1'"  sing N N 114 
DC  N1    C2     sing N N 115 
DC  N1    C6     sing N N 116 
DC  C2    O2     doub N N 117 
DC  C2    N3     sing N N 118 
DC  N3    C4     doub N N 119 
DC  C4    N4     sing N N 120 
DC  C4    C5     sing N N 121 
DC  N4    H41    sing N N 122 
DC  N4    H42    sing N N 123 
DC  C5    C6     doub N N 124 
DC  C5    H5     sing N N 125 
DC  C6    H6     sing N N 126 
DG  OP3   P      sing N N 127 
DG  OP3   HOP3   sing N N 128 
DG  P     OP1    doub N N 129 
DG  P     OP2    sing N N 130 
DG  P     "O5'"  sing N N 131 
DG  OP2   HOP2   sing N N 132 
DG  "O5'" "C5'"  sing N N 133 
DG  "C5'" "C4'"  sing N N 134 
DG  "C5'" "H5'"  sing N N 135 
DG  "C5'" "H5''" sing N N 136 
DG  "C4'" "O4'"  sing N N 137 
DG  "C4'" "C3'"  sing N N 138 
DG  "C4'" "H4'"  sing N N 139 
DG  "O4'" "C1'"  sing N N 140 
DG  "C3'" "O3'"  sing N N 141 
DG  "C3'" "C2'"  sing N N 142 
DG  "C3'" "H3'"  sing N N 143 
DG  "O3'" "HO3'" sing N N 144 
DG  "C2'" "C1'"  sing N N 145 
DG  "C2'" "H2'"  sing N N 146 
DG  "C2'" "H2''" sing N N 147 
DG  "C1'" N9     sing N N 148 
DG  "C1'" "H1'"  sing N N 149 
DG  N9    C8     sing Y N 150 
DG  N9    C4     sing Y N 151 
DG  C8    N7     doub Y N 152 
DG  C8    H8     sing N N 153 
DG  N7    C5     sing Y N 154 
DG  C5    C6     sing N N 155 
DG  C5    C4     doub Y N 156 
DG  C6    O6     doub N N 157 
DG  C6    N1     sing N N 158 
DG  N1    C2     sing N N 159 
DG  N1    H1     sing N N 160 
DG  C2    N2     sing N N 161 
DG  C2    N3     doub N N 162 
DG  N2    H21    sing N N 163 
DG  N2    H22    sing N N 164 
DG  N3    C4     sing N N 165 
DT  OP3   P      sing N N 166 
DT  OP3   HOP3   sing N N 167 
DT  P     OP1    doub N N 168 
DT  P     OP2    sing N N 169 
DT  P     "O5'"  sing N N 170 
DT  OP2   HOP2   sing N N 171 
DT  "O5'" "C5'"  sing N N 172 
DT  "C5'" "C4'"  sing N N 173 
DT  "C5'" "H5'"  sing N N 174 
DT  "C5'" "H5''" sing N N 175 
DT  "C4'" "O4'"  sing N N 176 
DT  "C4'" "C3'"  sing N N 177 
DT  "C4'" "H4'"  sing N N 178 
DT  "O4'" "C1'"  sing N N 179 
DT  "C3'" "O3'"  sing N N 180 
DT  "C3'" "C2'"  sing N N 181 
DT  "C3'" "H3'"  sing N N 182 
DT  "O3'" "HO3'" sing N N 183 
DT  "C2'" "C1'"  sing N N 184 
DT  "C2'" "H2'"  sing N N 185 
DT  "C2'" "H2''" sing N N 186 
DT  "C1'" N1     sing N N 187 
DT  "C1'" "H1'"  sing N N 188 
DT  N1    C2     sing N N 189 
DT  N1    C6     sing N N 190 
DT  C2    O2     doub N N 191 
DT  C2    N3     sing N N 192 
DT  N3    C4     sing N N 193 
DT  N3    H3     sing N N 194 
DT  C4    O4     doub N N 195 
DT  C4    C5     sing N N 196 
DT  C5    C7     sing N N 197 
DT  C5    C6     doub N N 198 
DT  C7    H71    sing N N 199 
DT  C7    H72    sing N N 200 
DT  C7    H73    sing N N 201 
DT  C6    H6     sing N N 202 
GLU N     CA     sing N N 203 
GLU N     H      sing N N 204 
GLU N     H2     sing N N 205 
GLU CA    C      sing N N 206 
GLU CA    CB     sing N N 207 
GLU CA    HA     sing N N 208 
GLU C     O      doub N N 209 
GLU C     OXT    sing N N 210 
GLU CB    CG     sing N N 211 
GLU CB    HB2    sing N N 212 
GLU CB    HB3    sing N N 213 
GLU CG    CD     sing N N 214 
GLU CG    HG2    sing N N 215 
GLU CG    HG3    sing N N 216 
GLU CD    OE1    doub N N 217 
GLU CD    OE2    sing N N 218 
GLU OE2   HE2    sing N N 219 
GLU OXT   HXT    sing N N 220 
GLY N     CA     sing N N 221 
GLY N     H      sing N N 222 
GLY N     H2     sing N N 223 
GLY CA    C      sing N N 224 
GLY CA    HA2    sing N N 225 
GLY CA    HA3    sing N N 226 
GLY C     O      doub N N 227 
GLY C     OXT    sing N N 228 
GLY OXT   HXT    sing N N 229 
HIS N     CA     sing N N 230 
HIS N     H      sing N N 231 
HIS N     H2     sing N N 232 
HIS CA    C      sing N N 233 
HIS CA    CB     sing N N 234 
HIS CA    HA     sing N N 235 
HIS C     O      doub N N 236 
HIS C     OXT    sing N N 237 
HIS CB    CG     sing N N 238 
HIS CB    HB2    sing N N 239 
HIS CB    HB3    sing N N 240 
HIS CG    ND1    sing Y N 241 
HIS CG    CD2    doub Y N 242 
HIS ND1   CE1    doub Y N 243 
HIS ND1   HD1    sing N N 244 
HIS CD2   NE2    sing Y N 245 
HIS CD2   HD2    sing N N 246 
HIS CE1   NE2    sing Y N 247 
HIS CE1   HE1    sing N N 248 
HIS NE2   HE2    sing N N 249 
HIS OXT   HXT    sing N N 250 
HOH O     H1     sing N N 251 
HOH O     H2     sing N N 252 
ILE N     CA     sing N N 253 
ILE N     H      sing N N 254 
ILE N     H2     sing N N 255 
ILE CA    C      sing N N 256 
ILE CA    CB     sing N N 257 
ILE CA    HA     sing N N 258 
ILE C     O      doub N N 259 
ILE C     OXT    sing N N 260 
ILE CB    CG1    sing N N 261 
ILE CB    CG2    sing N N 262 
ILE CB    HB     sing N N 263 
ILE CG1   CD1    sing N N 264 
ILE CG1   HG12   sing N N 265 
ILE CG1   HG13   sing N N 266 
ILE CG2   HG21   sing N N 267 
ILE CG2   HG22   sing N N 268 
ILE CG2   HG23   sing N N 269 
ILE CD1   HD11   sing N N 270 
ILE CD1   HD12   sing N N 271 
ILE CD1   HD13   sing N N 272 
ILE OXT   HXT    sing N N 273 
LEU N     CA     sing N N 274 
LEU N     H      sing N N 275 
LEU N     H2     sing N N 276 
LEU CA    C      sing N N 277 
LEU CA    CB     sing N N 278 
LEU CA    HA     sing N N 279 
LEU C     O      doub N N 280 
LEU C     OXT    sing N N 281 
LEU CB    CG     sing N N 282 
LEU CB    HB2    sing N N 283 
LEU CB    HB3    sing N N 284 
LEU CG    CD1    sing N N 285 
LEU CG    CD2    sing N N 286 
LEU CG    HG     sing N N 287 
LEU CD1   HD11   sing N N 288 
LEU CD1   HD12   sing N N 289 
LEU CD1   HD13   sing N N 290 
LEU CD2   HD21   sing N N 291 
LEU CD2   HD22   sing N N 292 
LEU CD2   HD23   sing N N 293 
LEU OXT   HXT    sing N N 294 
LYS N     CA     sing N N 295 
LYS N     H      sing N N 296 
LYS N     H2     sing N N 297 
LYS CA    C      sing N N 298 
LYS CA    CB     sing N N 299 
LYS CA    HA     sing N N 300 
LYS C     O      doub N N 301 
LYS C     OXT    sing N N 302 
LYS CB    CG     sing N N 303 
LYS CB    HB2    sing N N 304 
LYS CB    HB3    sing N N 305 
LYS CG    CD     sing N N 306 
LYS CG    HG2    sing N N 307 
LYS CG    HG3    sing N N 308 
LYS CD    CE     sing N N 309 
LYS CD    HD2    sing N N 310 
LYS CD    HD3    sing N N 311 
LYS CE    NZ     sing N N 312 
LYS CE    HE2    sing N N 313 
LYS CE    HE3    sing N N 314 
LYS NZ    HZ1    sing N N 315 
LYS NZ    HZ2    sing N N 316 
LYS NZ    HZ3    sing N N 317 
LYS OXT   HXT    sing N N 318 
MET N     CA     sing N N 319 
MET N     H      sing N N 320 
MET N     H2     sing N N 321 
MET CA    C      sing N N 322 
MET CA    CB     sing N N 323 
MET CA    HA     sing N N 324 
MET C     O      doub N N 325 
MET C     OXT    sing N N 326 
MET CB    CG     sing N N 327 
MET CB    HB2    sing N N 328 
MET CB    HB3    sing N N 329 
MET CG    SD     sing N N 330 
MET CG    HG2    sing N N 331 
MET CG    HG3    sing N N 332 
MET SD    CE     sing N N 333 
MET CE    HE1    sing N N 334 
MET CE    HE2    sing N N 335 
MET CE    HE3    sing N N 336 
MET OXT   HXT    sing N N 337 
PHE N     CA     sing N N 338 
PHE N     H      sing N N 339 
PHE N     H2     sing N N 340 
PHE CA    C      sing N N 341 
PHE CA    CB     sing N N 342 
PHE CA    HA     sing N N 343 
PHE C     O      doub N N 344 
PHE C     OXT    sing N N 345 
PHE CB    CG     sing N N 346 
PHE CB    HB2    sing N N 347 
PHE CB    HB3    sing N N 348 
PHE CG    CD1    doub Y N 349 
PHE CG    CD2    sing Y N 350 
PHE CD1   CE1    sing Y N 351 
PHE CD1   HD1    sing N N 352 
PHE CD2   CE2    doub Y N 353 
PHE CD2   HD2    sing N N 354 
PHE CE1   CZ     doub Y N 355 
PHE CE1   HE1    sing N N 356 
PHE CE2   CZ     sing Y N 357 
PHE CE2   HE2    sing N N 358 
PHE CZ    HZ     sing N N 359 
PHE OXT   HXT    sing N N 360 
PRO N     CA     sing N N 361 
PRO N     CD     sing N N 362 
PRO N     H      sing N N 363 
PRO CA    C      sing N N 364 
PRO CA    CB     sing N N 365 
PRO CA    HA     sing N N 366 
PRO C     O      doub N N 367 
PRO C     OXT    sing N N 368 
PRO CB    CG     sing N N 369 
PRO CB    HB2    sing N N 370 
PRO CB    HB3    sing N N 371 
PRO CG    CD     sing N N 372 
PRO CG    HG2    sing N N 373 
PRO CG    HG3    sing N N 374 
PRO CD    HD2    sing N N 375 
PRO CD    HD3    sing N N 376 
PRO OXT   HXT    sing N N 377 
SER N     CA     sing N N 378 
SER N     H      sing N N 379 
SER N     H2     sing N N 380 
SER CA    C      sing N N 381 
SER CA    CB     sing N N 382 
SER CA    HA     sing N N 383 
SER C     O      doub N N 384 
SER C     OXT    sing N N 385 
SER CB    OG     sing N N 386 
SER CB    HB2    sing N N 387 
SER CB    HB3    sing N N 388 
SER OG    HG     sing N N 389 
SER OXT   HXT    sing N N 390 
THR N     CA     sing N N 391 
THR N     H      sing N N 392 
THR N     H2     sing N N 393 
THR CA    C      sing N N 394 
THR CA    CB     sing N N 395 
THR CA    HA     sing N N 396 
THR C     O      doub N N 397 
THR C     OXT    sing N N 398 
THR CB    OG1    sing N N 399 
THR CB    CG2    sing N N 400 
THR CB    HB     sing N N 401 
THR OG1   HG1    sing N N 402 
THR CG2   HG21   sing N N 403 
THR CG2   HG22   sing N N 404 
THR CG2   HG23   sing N N 405 
THR OXT   HXT    sing N N 406 
TRP N     CA     sing N N 407 
TRP N     H      sing N N 408 
TRP N     H2     sing N N 409 
TRP CA    C      sing N N 410 
TRP CA    CB     sing N N 411 
TRP CA    HA     sing N N 412 
TRP C     O      doub N N 413 
TRP C     OXT    sing N N 414 
TRP CB    CG     sing N N 415 
TRP CB    HB2    sing N N 416 
TRP CB    HB3    sing N N 417 
TRP CG    CD1    doub Y N 418 
TRP CG    CD2    sing Y N 419 
TRP CD1   NE1    sing Y N 420 
TRP CD1   HD1    sing N N 421 
TRP CD2   CE2    doub Y N 422 
TRP CD2   CE3    sing Y N 423 
TRP NE1   CE2    sing Y N 424 
TRP NE1   HE1    sing N N 425 
TRP CE2   CZ2    sing Y N 426 
TRP CE3   CZ3    doub Y N 427 
TRP CE3   HE3    sing N N 428 
TRP CZ2   CH2    doub Y N 429 
TRP CZ2   HZ2    sing N N 430 
TRP CZ3   CH2    sing Y N 431 
TRP CZ3   HZ3    sing N N 432 
TRP CH2   HH2    sing N N 433 
TRP OXT   HXT    sing N N 434 
TYR N     CA     sing N N 435 
TYR N     H      sing N N 436 
TYR N     H2     sing N N 437 
TYR CA    C      sing N N 438 
TYR CA    CB     sing N N 439 
TYR CA    HA     sing N N 440 
TYR C     O      doub N N 441 
TYR C     OXT    sing N N 442 
TYR CB    CG     sing N N 443 
TYR CB    HB2    sing N N 444 
TYR CB    HB3    sing N N 445 
TYR CG    CD1    doub Y N 446 
TYR CG    CD2    sing Y N 447 
TYR CD1   CE1    sing Y N 448 
TYR CD1   HD1    sing N N 449 
TYR CD2   CE2    doub Y N 450 
TYR CD2   HD2    sing N N 451 
TYR CE1   CZ     doub Y N 452 
TYR CE1   HE1    sing N N 453 
TYR CE2   CZ     sing Y N 454 
TYR CE2   HE2    sing N N 455 
TYR CZ    OH     sing N N 456 
TYR OH    HH     sing N N 457 
TYR OXT   HXT    sing N N 458 
VAL N     CA     sing N N 459 
VAL N     H      sing N N 460 
VAL N     H2     sing N N 461 
VAL CA    C      sing N N 462 
VAL CA    CB     sing N N 463 
VAL CA    HA     sing N N 464 
VAL C     O      doub N N 465 
VAL C     OXT    sing N N 466 
VAL CB    CG1    sing N N 467 
VAL CB    CG2    sing N N 468 
VAL CB    HB     sing N N 469 
VAL CG1   HG11   sing N N 470 
VAL CG1   HG12   sing N N 471 
VAL CG1   HG13   sing N N 472 
VAL CG2   HG21   sing N N 473 
VAL CG2   HG22   sing N N 474 
VAL CG2   HG23   sing N N 475 
VAL OXT   HXT    sing N N 476 
# 
loop_
_ndb_struct_conf_na.entry_id 
_ndb_struct_conf_na.feature 
5K07 'double helix'        
5K07 'b-form double helix' 
# 
loop_
_ndb_struct_na_base_pair.model_number 
_ndb_struct_na_base_pair.i_label_asym_id 
_ndb_struct_na_base_pair.i_label_comp_id 
_ndb_struct_na_base_pair.i_label_seq_id 
_ndb_struct_na_base_pair.i_symmetry 
_ndb_struct_na_base_pair.j_label_asym_id 
_ndb_struct_na_base_pair.j_label_comp_id 
_ndb_struct_na_base_pair.j_label_seq_id 
_ndb_struct_na_base_pair.j_symmetry 
_ndb_struct_na_base_pair.shear 
_ndb_struct_na_base_pair.stretch 
_ndb_struct_na_base_pair.stagger 
_ndb_struct_na_base_pair.buckle 
_ndb_struct_na_base_pair.propeller 
_ndb_struct_na_base_pair.opening 
_ndb_struct_na_base_pair.pair_number 
_ndb_struct_na_base_pair.pair_name 
_ndb_struct_na_base_pair.i_auth_asym_id 
_ndb_struct_na_base_pair.i_auth_seq_id 
_ndb_struct_na_base_pair.i_PDB_ins_code 
_ndb_struct_na_base_pair.j_auth_asym_id 
_ndb_struct_na_base_pair.j_auth_seq_id 
_ndb_struct_na_base_pair.j_PDB_ins_code 
_ndb_struct_na_base_pair.hbond_type_28 
_ndb_struct_na_base_pair.hbond_type_12 
1 B DG 1 1_555 C DC 8 1_555 -0.164 -0.125 -0.060 -3.084  -3.920  1.490  1 B_DG101:DC116_C B 101 ? C 116 ? 19 1 
1 B DT 2 1_555 C DG 7 1_555 2.715  0.987  0.035  13.405  -10.352 44.370 2 B_DT102:DG115_C B 102 ? C 115 ? ?  1 
1 B DA 3 1_555 C DT 6 1_555 0.203  0.117  -0.017 30.251  -13.478 5.416  3 B_DA103:DT114_C B 103 ? C 114 ? 20 1 
1 B DA 4 1_555 C DT 5 1_555 0.106  -0.067 -0.108 -18.376 0.022   1.555  4 B_DA104:DT113_C B 104 ? C 113 ? 20 1 
1 B DT 5 1_555 C DA 4 1_555 -0.143 -0.041 0.137  -8.479  -7.412  2.860  5 B_DT105:DA112_C B 105 ? C 112 ? 20 1 
1 B DT 6 1_555 C DA 3 1_555 -0.067 -0.106 0.127  -0.749  -5.337  1.233  6 B_DT106:DA111_C B 106 ? C 111 ? 20 1 
1 B DG 7 1_555 C DT 2 1_555 -2.413 -0.615 0.103  -4.144  -12.008 -7.012 7 B_DG107:DT110_C B 107 ? C 110 ? 28 1 
1 B DC 8 1_555 C DG 1 1_555 0.185  -0.166 0.098  -1.521  -7.093  1.510  8 B_DC108:DG109_C B 108 ? C 109 ? 19 1 
# 
loop_
_ndb_struct_na_base_pair_step.model_number 
_ndb_struct_na_base_pair_step.i_label_asym_id_1 
_ndb_struct_na_base_pair_step.i_label_comp_id_1 
_ndb_struct_na_base_pair_step.i_label_seq_id_1 
_ndb_struct_na_base_pair_step.i_symmetry_1 
_ndb_struct_na_base_pair_step.j_label_asym_id_1 
_ndb_struct_na_base_pair_step.j_label_comp_id_1 
_ndb_struct_na_base_pair_step.j_label_seq_id_1 
_ndb_struct_na_base_pair_step.j_symmetry_1 
_ndb_struct_na_base_pair_step.i_label_asym_id_2 
_ndb_struct_na_base_pair_step.i_label_comp_id_2 
_ndb_struct_na_base_pair_step.i_label_seq_id_2 
_ndb_struct_na_base_pair_step.i_symmetry_2 
_ndb_struct_na_base_pair_step.j_label_asym_id_2 
_ndb_struct_na_base_pair_step.j_label_comp_id_2 
_ndb_struct_na_base_pair_step.j_label_seq_id_2 
_ndb_struct_na_base_pair_step.j_symmetry_2 
_ndb_struct_na_base_pair_step.shift 
_ndb_struct_na_base_pair_step.slide 
_ndb_struct_na_base_pair_step.rise 
_ndb_struct_na_base_pair_step.tilt 
_ndb_struct_na_base_pair_step.roll 
_ndb_struct_na_base_pair_step.twist 
_ndb_struct_na_base_pair_step.x_displacement 
_ndb_struct_na_base_pair_step.y_displacement 
_ndb_struct_na_base_pair_step.helical_rise 
_ndb_struct_na_base_pair_step.inclination 
_ndb_struct_na_base_pair_step.tip 
_ndb_struct_na_base_pair_step.helical_twist 
_ndb_struct_na_base_pair_step.step_number 
_ndb_struct_na_base_pair_step.step_name 
_ndb_struct_na_base_pair_step.i_auth_asym_id_1 
_ndb_struct_na_base_pair_step.i_auth_seq_id_1 
_ndb_struct_na_base_pair_step.i_PDB_ins_code_1 
_ndb_struct_na_base_pair_step.j_auth_asym_id_1 
_ndb_struct_na_base_pair_step.j_auth_seq_id_1 
_ndb_struct_na_base_pair_step.j_PDB_ins_code_1 
_ndb_struct_na_base_pair_step.i_auth_asym_id_2 
_ndb_struct_na_base_pair_step.i_auth_seq_id_2 
_ndb_struct_na_base_pair_step.i_PDB_ins_code_2 
_ndb_struct_na_base_pair_step.j_auth_asym_id_2 
_ndb_struct_na_base_pair_step.j_auth_seq_id_2 
_ndb_struct_na_base_pair_step.j_PDB_ins_code_2 
1 B DG 1 1_555 C DC 8 1_555 B DT 2 1_555 C DG 7 1_555 1.959  0.696  2.945 2.332  3.719  39.140 0.625  -2.651 3.103 5.530  -3.468 
39.376 1 BB_DG101DT102:DG115DC116_CC B 101 ? C 116 ? B 102 ? C 115 ? 
1 B DT 2 1_555 C DG 7 1_555 B DA 3 1_555 C DT 6 1_555 -1.995 0.823  2.720 2.805  15.245 11.532 -4.461 7.224  1.989 52.683 -9.692 
19.299 2 BB_DT102DA103:DT114DG115_CC B 102 ? C 115 ? B 103 ? C 114 ? 
1 B DA 3 1_555 C DT 6 1_555 B DA 4 1_555 C DT 5 1_555 -0.493 1.295  5.970 -5.079 49.206 18.218 -5.770 -0.189 3.387 70.659 7.294  
52.517 3 BB_DA103DA104:DT113DT114_CC B 103 ? C 114 ? B 104 ? C 113 ? 
1 B DA 4 1_555 C DT 5 1_555 B DT 5 1_555 C DA 4 1_555 -0.147 -0.295 3.128 -2.322 7.554  22.681 -3.016 -0.356 2.881 18.501 5.686  
24.001 4 BB_DA104DT105:DA112DT113_CC B 104 ? C 113 ? B 105 ? C 112 ? 
1 B DT 5 1_555 C DA 4 1_555 B DT 6 1_555 C DA 3 1_555 -0.247 0.531  3.298 2.715  15.176 23.662 -2.657 1.178  3.036 32.910 -5.887 
28.181 5 BB_DT105DT106:DA111DA112_CC B 105 ? C 112 ? B 106 ? C 111 ? 
1 B DT 6 1_555 C DA 3 1_555 B DG 7 1_555 C DT 2 1_555 -0.204 1.689  3.371 -1.651 -5.246 39.583 3.075  0.109  3.136 -7.701 2.424  
39.948 6 BB_DT106DG107:DT110DA111_CC B 106 ? C 111 ? B 107 ? C 110 ? 
1 B DG 7 1_555 C DT 2 1_555 B DC 8 1_555 C DG 1 1_555 0.540  0.155  3.303 -0.992 -0.919 42.616 0.307  -0.843 3.286 -1.264 1.364  
42.636 7 BB_DG107DC108:DG109DT110_CC B 107 ? C 110 ? B 108 ? C 109 ? 
# 
_pdbx_entity_nonpoly.entity_id   3 
_pdbx_entity_nonpoly.name        water 
_pdbx_entity_nonpoly.comp_id     HOH 
# 
_pdbx_initial_refinement_model.id               1 
_pdbx_initial_refinement_model.entity_id_list   ? 
_pdbx_initial_refinement_model.type             'experimental model' 
_pdbx_initial_refinement_model.source_name      PDB 
_pdbx_initial_refinement_model.accession_code   3LWH 
_pdbx_initial_refinement_model.details          ? 
# 
